data_2EXG
#
_entry.id   2EXG
#
_cell.length_a   1.000
_cell.length_b   1.000
_cell.length_c   1.000
_cell.angle_alpha   90.00
_cell.angle_beta   90.00
_cell.angle_gamma   90.00
#
_symmetry.space_group_name_H-M   'P 1'
#
loop_
_entity.id
_entity.type
_entity.pdbx_description
1 polymer Afadin
2 non-polymer (5R)-2-SULFANYL-5-[4-(TRIFLUOROMETHYL)BENZYL]-1,3-THIAZOL-4-ONE
#
_entity_poly.entity_id   1
_entity_poly.type   'polypeptide(L)'
_entity_poly.pdbx_seq_one_letter_code
;GPLGSLRKEPEIITVTLKKQNGMGLSIVAAKGAGQDKLGIYVKSVVKGGAADVDGRLAAGDQLLSVDGRSLVGLSQERAA
ELMTRTSSVVTLEVAKQGAIY
;
_entity_poly.pdbx_strand_id   A
#
# COMPACT_ATOMS: atom_id res chain seq x y z
N GLY A 1 -12.11 14.49 -1.26
CA GLY A 1 -12.66 13.31 -0.59
C GLY A 1 -12.40 13.35 0.90
N PRO A 2 -13.17 12.60 1.72
CA PRO A 2 -12.92 12.46 3.14
C PRO A 2 -11.71 11.55 3.42
N LEU A 3 -11.25 11.52 4.66
CA LEU A 3 -10.28 10.53 5.15
C LEU A 3 -10.54 10.29 6.63
N GLY A 4 -10.35 9.05 7.08
CA GLY A 4 -10.58 8.62 8.46
C GLY A 4 -9.46 9.04 9.40
N SER A 5 -8.88 8.05 10.08
CA SER A 5 -7.73 8.25 10.96
C SER A 5 -6.94 6.95 11.09
N LEU A 6 -7.59 5.91 11.62
CA LEU A 6 -7.08 4.56 11.74
C LEU A 6 -8.25 3.62 12.09
N ARG A 7 -8.42 2.56 11.31
CA ARG A 7 -9.37 1.47 11.56
C ARG A 7 -8.94 0.27 10.73
N LYS A 8 -9.33 -0.93 11.15
CA LYS A 8 -8.99 -2.17 10.42
C LYS A 8 -10.06 -2.48 9.38
N GLU A 9 -10.14 -1.63 8.35
CA GLU A 9 -11.10 -1.78 7.25
C GLU A 9 -10.52 -1.24 5.92
N PRO A 10 -11.13 -1.54 4.75
CA PRO A 10 -10.60 -1.17 3.45
C PRO A 10 -10.85 0.32 3.17
N GLU A 11 -9.79 1.08 2.98
CA GLU A 11 -9.84 2.54 3.02
C GLU A 11 -8.54 3.15 2.44
N ILE A 12 -8.53 4.47 2.32
CA ILE A 12 -7.30 5.27 2.26
C ILE A 12 -6.48 5.04 3.55
N ILE A 13 -5.17 4.85 3.41
CA ILE A 13 -4.22 4.84 4.53
C ILE A 13 -3.04 5.72 4.13
N THR A 14 -2.43 6.42 5.09
CA THR A 14 -1.31 7.32 4.82
C THR A 14 -0.18 7.11 5.83
N VAL A 15 1.05 7.23 5.35
CA VAL A 15 2.24 6.69 6.02
C VAL A 15 3.39 7.70 5.93
N THR A 16 3.52 8.51 6.97
CA THR A 16 4.48 9.62 7.07
C THR A 16 5.91 9.15 7.34
N LEU A 17 6.89 9.95 6.92
CA LEU A 17 8.32 9.70 7.11
C LEU A 17 8.79 10.07 8.54
N LYS A 18 8.08 9.60 9.58
CA LYS A 18 8.29 9.84 11.03
C LYS A 18 9.74 9.93 11.51
N LYS A 19 10.63 9.12 10.93
CA LYS A 19 12.05 8.98 11.29
C LYS A 19 12.98 9.02 10.07
N GLN A 20 12.51 9.65 8.98
CA GLN A 20 13.20 10.00 7.72
C GLN A 20 13.97 8.91 6.94
N ASN A 21 14.24 7.73 7.49
CA ASN A 21 15.05 6.63 6.94
C ASN A 21 14.40 5.88 5.75
N GLY A 22 13.84 6.61 4.77
CA GLY A 22 12.92 6.07 3.78
C GLY A 22 11.64 5.50 4.40
N MET A 23 10.73 4.99 3.57
CA MET A 23 9.52 4.31 4.07
C MET A 23 9.86 2.94 4.67
N GLY A 24 10.63 2.11 3.96
CA GLY A 24 10.95 0.74 4.38
C GLY A 24 9.72 -0.17 4.35
N LEU A 25 9.11 -0.35 3.19
CA LEU A 25 7.90 -1.17 3.01
C LEU A 25 8.10 -2.15 1.84
N SER A 26 7.18 -3.07 1.62
CA SER A 26 7.30 -4.11 0.59
C SER A 26 5.94 -4.33 -0.06
N ILE A 27 5.89 -4.20 -1.39
CA ILE A 27 4.67 -4.37 -2.21
C ILE A 27 4.96 -5.22 -3.43
N VAL A 28 3.91 -5.90 -3.90
CA VAL A 28 3.90 -6.69 -5.12
C VAL A 28 2.60 -6.38 -5.86
N ALA A 29 2.71 -6.02 -7.14
CA ALA A 29 1.57 -6.00 -8.05
C ALA A 29 1.46 -7.31 -8.85
N ALA A 30 0.30 -7.51 -9.44
CA ALA A 30 0.08 -8.48 -10.49
C ALA A 30 -0.43 -7.78 -11.75
N LYS A 31 -0.51 -8.51 -12.86
CA LYS A 31 -1.05 -8.06 -14.14
C LYS A 31 -2.07 -9.07 -14.66
N GLY A 32 -2.79 -8.69 -15.70
CA GLY A 32 -3.70 -9.57 -16.43
C GLY A 32 -2.97 -10.41 -17.49
N ALA A 33 -1.88 -11.07 -17.11
CA ALA A 33 -0.97 -11.75 -18.05
C ALA A 33 -0.33 -12.98 -17.38
N GLY A 34 -0.35 -14.13 -18.08
CA GLY A 34 0.20 -15.41 -17.60
C GLY A 34 -0.64 -16.09 -16.51
N GLN A 35 -1.23 -15.30 -15.61
CA GLN A 35 -2.41 -15.64 -14.82
C GLN A 35 -3.43 -14.49 -14.91
N ASP A 36 -4.70 -14.83 -14.68
CA ASP A 36 -5.92 -14.05 -14.92
C ASP A 36 -6.21 -12.90 -13.92
N LYS A 37 -5.26 -12.55 -13.05
CA LYS A 37 -5.60 -12.14 -11.68
C LYS A 37 -5.62 -10.63 -11.41
N LEU A 38 -4.61 -9.88 -11.88
CA LEU A 38 -4.39 -8.44 -11.56
C LEU A 38 -4.36 -8.14 -10.02
N GLY A 39 -4.07 -6.90 -9.63
CA GLY A 39 -4.13 -6.43 -8.23
C GLY A 39 -2.79 -5.91 -7.68
N ILE A 40 -2.78 -5.51 -6.41
CA ILE A 40 -1.58 -5.07 -5.69
C ILE A 40 -1.72 -5.46 -4.21
N TYR A 41 -0.61 -5.74 -3.52
CA TYR A 41 -0.59 -6.19 -2.12
C TYR A 41 0.64 -5.66 -1.37
N VAL A 42 0.46 -5.19 -0.14
CA VAL A 42 1.54 -4.98 0.84
C VAL A 42 2.05 -6.35 1.28
N LYS A 43 3.17 -6.80 0.71
CA LYS A 43 3.83 -8.05 1.10
C LYS A 43 4.33 -8.00 2.55
N SER A 44 4.86 -6.85 2.99
CA SER A 44 5.29 -6.62 4.38
C SER A 44 5.69 -5.15 4.64
N VAL A 45 5.96 -4.83 5.90
CA VAL A 45 6.95 -3.79 6.28
C VAL A 45 8.39 -4.32 6.08
N VAL A 46 9.43 -3.47 6.10
CA VAL A 46 10.84 -3.91 5.92
C VAL A 46 11.63 -3.90 7.24
N LYS A 47 10.97 -3.77 8.41
CA LYS A 47 11.58 -3.98 9.74
C LYS A 47 12.79 -3.04 9.96
N GLY A 48 12.71 -1.81 9.45
CA GLY A 48 13.82 -0.85 9.44
C GLY A 48 13.58 0.48 8.68
N GLY A 49 12.37 1.05 8.71
CA GLY A 49 12.07 2.30 8.00
C GLY A 49 11.02 3.17 8.69
N ALA A 50 10.86 4.43 8.27
CA ALA A 50 9.99 5.38 8.95
C ALA A 50 8.49 5.03 8.85
N ALA A 51 8.05 4.54 7.68
CA ALA A 51 6.68 4.10 7.45
C ALA A 51 6.43 2.66 7.96
N ASP A 52 7.48 1.83 8.03
CA ASP A 52 7.49 0.59 8.80
C ASP A 52 7.23 0.83 10.30
N VAL A 53 8.10 1.60 10.97
CA VAL A 53 8.09 1.73 12.43
C VAL A 53 6.88 2.45 13.00
N ASP A 54 6.29 3.41 12.25
CA ASP A 54 5.16 4.21 12.72
C ASP A 54 3.88 4.11 11.87
N GLY A 55 3.95 3.53 10.67
CA GLY A 55 2.78 3.11 9.90
C GLY A 55 2.33 1.68 10.21
N ARG A 56 3.27 0.78 10.50
CA ARG A 56 3.03 -0.60 11.00
C ARG A 56 1.95 -1.35 10.18
N LEU A 57 2.02 -1.24 8.86
CA LEU A 57 1.09 -1.88 7.91
C LEU A 57 1.09 -3.41 8.06
N ALA A 58 -0.01 -4.09 7.70
CA ALA A 58 -0.09 -5.54 7.85
C ALA A 58 0.32 -6.26 6.56
N ALA A 59 0.98 -7.42 6.72
CA ALA A 59 1.21 -8.35 5.62
C ALA A 59 -0.14 -8.77 5.01
N GLY A 60 -0.27 -8.59 3.70
CA GLY A 60 -1.43 -9.01 2.90
C GLY A 60 -2.41 -7.90 2.49
N ASP A 61 -2.22 -6.66 2.94
CA ASP A 61 -3.16 -5.55 2.66
C ASP A 61 -3.24 -5.25 1.14
N GLN A 62 -4.39 -5.53 0.53
CA GLN A 62 -4.61 -5.44 -0.93
C GLN A 62 -4.69 -3.98 -1.38
N LEU A 63 -3.56 -3.44 -1.81
CA LEU A 63 -3.38 -2.07 -2.29
C LEU A 63 -4.12 -1.84 -3.63
N LEU A 64 -4.67 -0.64 -3.81
CA LEU A 64 -5.53 -0.25 -4.93
C LEU A 64 -5.14 1.11 -5.55
N SER A 65 -4.73 2.09 -4.74
CA SER A 65 -4.29 3.42 -5.19
C SER A 65 -3.03 3.89 -4.45
N VAL A 66 -2.40 4.95 -4.98
CA VAL A 66 -1.03 5.36 -4.67
C VAL A 66 -0.91 6.88 -4.59
N ASP A 67 0.11 7.38 -3.91
CA ASP A 67 0.34 8.81 -3.75
C ASP A 67 0.34 9.56 -5.09
N GLY A 68 -0.40 10.66 -5.13
CA GLY A 68 -0.66 11.45 -6.34
C GLY A 68 -1.42 10.72 -7.47
N ARG A 69 -1.74 9.43 -7.36
CA ARG A 69 -2.31 8.60 -8.43
C ARG A 69 -3.38 7.62 -7.89
N SER A 70 -4.63 8.03 -7.96
CA SER A 70 -5.85 7.23 -7.73
C SER A 70 -6.06 6.07 -8.72
N LEU A 71 -5.17 5.07 -8.71
CA LEU A 71 -5.19 3.93 -9.66
C LEU A 71 -6.46 3.07 -9.60
N VAL A 72 -7.12 3.00 -8.44
CA VAL A 72 -8.21 2.10 -8.00
C VAL A 72 -8.05 0.59 -8.28
N GLY A 73 -6.98 0.13 -8.94
CA GLY A 73 -6.67 -1.30 -9.13
C GLY A 73 -5.68 -1.63 -10.26
N LEU A 74 -4.62 -0.84 -10.47
CA LEU A 74 -3.70 -0.98 -11.62
C LEU A 74 -2.22 -1.12 -11.20
N SER A 75 -1.44 -1.84 -12.00
CA SER A 75 -0.14 -2.42 -11.62
C SER A 75 0.99 -1.41 -11.32
N GLN A 76 1.98 -1.86 -10.52
CA GLN A 76 3.02 -1.01 -9.92
C GLN A 76 3.89 -0.22 -10.91
N GLU A 77 4.06 -0.69 -12.15
CA GLU A 77 4.88 -0.05 -13.18
C GLU A 77 4.44 1.38 -13.56
N ARG A 78 3.24 1.81 -13.14
CA ARG A 78 2.76 3.19 -13.32
C ARG A 78 2.40 3.86 -11.99
N ALA A 79 2.94 3.34 -10.89
CA ALA A 79 2.61 3.75 -9.52
C ALA A 79 3.78 3.71 -8.52
N ALA A 80 4.52 2.60 -8.41
CA ALA A 80 5.73 2.53 -7.57
C ALA A 80 6.83 3.52 -8.01
N GLU A 81 6.86 3.85 -9.30
CA GLU A 81 7.63 4.94 -9.89
C GLU A 81 7.36 6.32 -9.24
N LEU A 82 6.12 6.58 -8.80
CA LEU A 82 5.76 7.75 -7.99
C LEU A 82 6.11 7.50 -6.52
N MET A 83 5.61 6.40 -5.91
CA MET A 83 5.83 6.09 -4.48
C MET A 83 7.28 6.11 -4.04
N THR A 84 8.21 5.70 -4.90
CA THR A 84 9.65 5.67 -4.58
C THR A 84 10.20 7.08 -4.33
N ARG A 85 9.67 8.12 -5.00
CA ARG A 85 10.16 9.50 -4.85
C ARG A 85 9.58 10.27 -3.65
N THR A 86 8.57 9.71 -2.99
CA THR A 86 7.74 10.28 -1.91
C THR A 86 8.42 11.32 -1.00
N SER A 87 9.58 10.99 -0.43
CA SER A 87 10.39 11.83 0.47
C SER A 87 9.74 12.32 1.78
N SER A 88 8.40 12.31 1.94
CA SER A 88 7.73 12.89 3.12
C SER A 88 6.49 12.12 3.63
N VAL A 89 5.61 11.61 2.77
CA VAL A 89 4.43 10.81 3.15
C VAL A 89 3.86 10.09 1.93
N VAL A 90 3.66 8.77 1.99
CA VAL A 90 2.81 8.07 1.00
C VAL A 90 1.37 8.11 1.47
N THR A 91 0.48 8.74 0.71
CA THR A 91 -0.92 8.29 0.68
C THR A 91 -1.02 7.01 -0.14
N LEU A 92 -1.90 6.11 0.28
CA LEU A 92 -2.17 4.79 -0.29
C LEU A 92 -3.67 4.50 -0.14
N GLU A 93 -4.14 3.45 -0.79
CA GLU A 93 -5.48 2.86 -0.58
C GLU A 93 -5.34 1.34 -0.54
N VAL A 94 -5.89 0.68 0.47
CA VAL A 94 -5.69 -0.75 0.72
C VAL A 94 -6.95 -1.46 1.24
N ALA A 95 -6.96 -2.78 1.21
CA ALA A 95 -8.01 -3.63 1.76
C ALA A 95 -7.45 -4.85 2.51
N LYS A 96 -7.61 -4.89 3.84
CA LYS A 96 -7.06 -5.94 4.72
C LYS A 96 -7.51 -7.35 4.30
N GLN A 97 -6.57 -8.13 3.77
CA GLN A 97 -6.69 -9.58 3.57
C GLN A 97 -5.43 -10.28 4.11
N GLY A 98 -5.50 -11.59 4.34
CA GLY A 98 -4.39 -12.34 4.96
C GLY A 98 -3.94 -11.83 6.33
N ALA A 99 -2.81 -12.36 6.80
CA ALA A 99 -2.16 -11.99 8.05
C ALA A 99 -0.64 -12.22 7.95
N ILE A 100 0.10 -11.97 9.04
CA ILE A 100 1.49 -12.46 9.18
C ILE A 100 1.47 -14.00 9.13
N TYR A 101 0.66 -14.61 10.00
CA TYR A 101 0.20 -16.00 10.01
C TYR A 101 -1.19 -16.05 10.67
N GLY A 1 -12.02 14.44 -1.15
CA GLY A 1 -12.60 13.28 -0.47
C GLY A 1 -12.24 13.28 1.01
N PRO A 2 -13.01 12.47 1.78
CA PRO A 2 -12.78 12.36 3.21
C PRO A 2 -11.53 11.54 3.52
N LEU A 3 -11.27 11.37 4.81
CA LEU A 3 -10.12 10.62 5.24
C LEU A 3 -10.23 10.32 6.74
N GLY A 4 -10.30 9.05 7.07
CA GLY A 4 -10.41 8.62 8.45
C GLY A 4 -9.13 8.93 9.22
N SER A 5 -8.78 8.02 10.11
CA SER A 5 -7.58 8.18 10.92
C SER A 5 -6.83 6.84 11.00
N LEU A 6 -7.53 5.83 11.50
CA LEU A 6 -6.95 4.51 11.63
C LEU A 6 -8.02 3.52 12.06
N ARG A 7 -8.18 2.48 11.26
CA ARG A 7 -9.17 1.45 11.55
C ARG A 7 -8.95 0.24 10.64
N LYS A 8 -9.18 -0.94 11.21
CA LYS A 8 -9.01 -2.17 10.47
C LYS A 8 -10.11 -2.29 9.41
N GLU A 9 -9.89 -1.63 8.29
CA GLU A 9 -10.85 -1.65 7.20
C GLU A 9 -10.18 -1.16 5.90
N PRO A 10 -10.81 -1.55 4.76
CA PRO A 10 -10.31 -1.17 3.46
C PRO A 10 -10.60 0.30 3.16
N GLU A 11 -9.55 1.02 2.78
CA GLU A 11 -9.69 2.43 2.47
C GLU A 11 -8.32 3.04 2.16
N ILE A 12 -8.32 4.35 1.97
CA ILE A 12 -7.08 5.06 1.67
C ILE A 12 -6.29 5.27 2.96
N ILE A 13 -5.05 4.84 2.92
CA ILE A 13 -4.17 4.97 4.07
C ILE A 13 -3.03 5.93 3.74
N THR A 14 -2.56 6.63 4.77
CA THR A 14 -1.48 7.58 4.59
C THR A 14 -0.37 7.31 5.61
N VAL A 15 0.84 7.15 5.10
CA VAL A 15 1.98 6.89 5.95
C VAL A 15 2.93 8.10 5.91
N THR A 16 3.38 8.49 7.09
CA THR A 16 4.27 9.63 7.21
C THR A 16 5.69 9.15 7.56
N LEU A 17 6.66 9.97 7.20
CA LEU A 17 8.05 9.66 7.47
C LEU A 17 8.48 10.32 8.77
N LYS A 18 8.63 9.50 9.80
CA LYS A 18 9.03 9.99 11.11
C LYS A 18 10.56 9.98 11.20
N LYS A 19 11.13 8.80 11.00
CA LYS A 19 12.58 8.65 11.06
C LYS A 19 13.19 9.22 9.79
N GLN A 20 12.34 9.71 8.91
CA GLN A 20 12.78 10.28 7.66
C GLN A 20 13.66 9.29 6.89
N ASN A 21 13.32 8.02 7.05
CA ASN A 21 14.06 6.96 6.38
C ASN A 21 13.36 6.60 5.06
N GLY A 22 14.13 6.01 4.16
CA GLY A 22 13.60 5.62 2.87
C GLY A 22 12.11 5.28 2.96
N MET A 23 11.81 4.28 3.76
CA MET A 23 10.43 3.85 3.95
C MET A 23 10.37 2.45 4.55
N GLY A 24 11.02 1.52 3.88
CA GLY A 24 11.06 0.14 4.34
C GLY A 24 9.70 -0.53 4.12
N LEU A 25 9.19 -0.39 2.90
CA LEU A 25 7.91 -0.98 2.56
C LEU A 25 8.12 -2.08 1.52
N SER A 26 7.14 -2.97 1.44
CA SER A 26 7.21 -4.07 0.49
C SER A 26 5.81 -4.39 -0.04
N ILE A 27 5.60 -4.05 -1.31
CA ILE A 27 4.32 -4.30 -1.94
C ILE A 27 4.55 -4.97 -3.30
N VAL A 28 3.44 -5.34 -3.93
CA VAL A 28 3.51 -5.98 -5.23
C VAL A 28 2.26 -5.62 -6.04
N ALA A 29 2.32 -5.95 -7.32
CA ALA A 29 1.20 -5.68 -8.21
C ALA A 29 1.18 -6.71 -9.34
N ALA A 30 0.10 -7.48 -9.36
CA ALA A 30 -0.05 -8.51 -10.38
C ALA A 30 -1.51 -8.96 -10.43
N LYS A 31 -1.89 -9.55 -11.55
CA LYS A 31 -3.25 -10.03 -11.74
C LYS A 31 -3.40 -11.39 -11.08
N GLY A 32 -4.50 -11.55 -10.36
CA GLY A 32 -4.78 -12.80 -9.68
C GLY A 32 -4.98 -12.56 -8.18
N ALA A 33 -4.10 -11.76 -7.61
CA ALA A 33 -4.17 -11.45 -6.20
C ALA A 33 -5.22 -10.36 -5.96
N GLY A 34 -6.32 -10.76 -5.34
CA GLY A 34 -7.40 -9.84 -5.05
C GLY A 34 -8.12 -9.43 -6.34
N GLN A 35 -7.49 -8.50 -7.06
CA GLN A 35 -8.05 -8.02 -8.30
C GLN A 35 -7.60 -8.89 -9.48
N ASP A 36 -8.41 -9.91 -9.75
CA ASP A 36 -8.12 -10.83 -10.84
C ASP A 36 -7.58 -10.04 -12.03
N LYS A 37 -8.04 -8.80 -12.15
CA LYS A 37 -7.61 -7.93 -13.24
C LYS A 37 -6.54 -6.98 -12.72
N LEU A 38 -5.40 -7.55 -12.36
CA LEU A 38 -4.30 -6.76 -11.85
C LEU A 38 -4.66 -6.19 -10.49
N GLY A 39 -4.08 -6.77 -9.45
CA GLY A 39 -4.34 -6.33 -8.10
C GLY A 39 -3.03 -6.08 -7.34
N ILE A 40 -3.03 -5.02 -6.55
CA ILE A 40 -1.86 -4.67 -5.77
C ILE A 40 -1.98 -5.26 -4.36
N TYR A 41 -0.83 -5.56 -3.78
CA TYR A 41 -0.79 -6.13 -2.44
C TYR A 41 0.42 -5.62 -1.66
N VAL A 42 0.38 -5.84 -0.36
CA VAL A 42 1.46 -5.41 0.51
C VAL A 42 2.14 -6.64 1.11
N LYS A 43 3.42 -6.78 0.80
CA LYS A 43 4.20 -7.91 1.30
C LYS A 43 4.50 -7.69 2.79
N SER A 44 4.97 -6.49 3.10
CA SER A 44 5.31 -6.15 4.47
C SER A 44 6.32 -5.01 4.49
N VAL A 45 6.59 -4.53 5.69
CA VAL A 45 7.55 -3.45 5.86
C VAL A 45 8.95 -4.03 6.06
N VAL A 46 9.89 -3.53 5.27
CA VAL A 46 11.26 -4.00 5.34
C VAL A 46 11.64 -4.21 6.81
N LYS A 47 11.03 -3.40 7.68
CA LYS A 47 11.29 -3.49 9.10
C LYS A 47 12.51 -2.64 9.45
N GLY A 48 12.72 -1.60 8.64
CA GLY A 48 13.84 -0.71 8.85
C GLY A 48 13.64 0.61 8.10
N GLY A 49 12.43 1.15 8.22
CA GLY A 49 12.09 2.40 7.57
C GLY A 49 11.18 3.25 8.45
N ALA A 50 11.09 4.52 8.09
CA ALA A 50 10.27 5.45 8.84
C ALA A 50 8.80 5.01 8.75
N ALA A 51 8.31 4.93 7.52
CA ALA A 51 6.94 4.53 7.29
C ALA A 51 6.78 3.05 7.64
N ASP A 52 7.92 2.38 7.77
CA ASP A 52 7.91 0.96 8.10
C ASP A 52 7.50 0.79 9.57
N VAL A 53 8.17 1.53 10.43
CA VAL A 53 7.87 1.47 11.85
C VAL A 53 6.65 2.32 12.16
N ASP A 54 6.69 3.55 11.65
CA ASP A 54 5.59 4.48 11.86
C ASP A 54 4.32 3.90 11.25
N GLY A 55 4.44 3.48 9.99
CA GLY A 55 3.31 2.91 9.28
C GLY A 55 2.84 1.62 9.94
N ARG A 56 3.78 0.69 10.10
CA ARG A 56 3.49 -0.59 10.72
C ARG A 56 2.34 -1.28 9.97
N LEU A 57 2.45 -1.26 8.64
CA LEU A 57 1.43 -1.87 7.80
C LEU A 57 1.51 -3.39 7.96
N ALA A 58 0.35 -4.03 7.83
CA ALA A 58 0.29 -5.48 7.95
C ALA A 58 0.68 -6.12 6.62
N ALA A 59 1.02 -7.39 6.69
CA ALA A 59 1.43 -8.13 5.50
C ALA A 59 0.19 -8.79 4.89
N GLY A 60 -0.09 -8.42 3.66
CA GLY A 60 -1.24 -8.97 2.94
C GLY A 60 -2.35 -7.93 2.79
N ASP A 61 -1.94 -6.72 2.44
CA ASP A 61 -2.88 -5.63 2.26
C ASP A 61 -3.09 -5.39 0.77
N GLN A 62 -4.35 -5.51 0.34
CA GLN A 62 -4.70 -5.32 -1.05
C GLN A 62 -4.67 -3.83 -1.39
N LEU A 63 -3.67 -3.45 -2.18
CA LEU A 63 -3.53 -2.07 -2.59
C LEU A 63 -4.20 -1.87 -3.95
N LEU A 64 -4.58 -0.62 -4.21
CA LEU A 64 -5.23 -0.28 -5.46
C LEU A 64 -4.85 1.14 -5.86
N SER A 65 -4.74 2.00 -4.85
CA SER A 65 -4.38 3.39 -5.08
C SER A 65 -2.93 3.63 -4.66
N VAL A 66 -2.30 4.58 -5.34
CA VAL A 66 -0.92 4.92 -5.05
C VAL A 66 -0.82 6.40 -4.71
N ASP A 67 0.20 6.75 -3.93
CA ASP A 67 0.40 8.13 -3.54
C ASP A 67 0.85 8.94 -4.76
N GLY A 68 -0.05 9.80 -5.22
CA GLY A 68 0.23 10.64 -6.36
C GLY A 68 -0.78 10.39 -7.49
N ARG A 69 -1.37 9.20 -7.45
CA ARG A 69 -2.35 8.82 -8.46
C ARG A 69 -3.35 7.83 -7.87
N SER A 70 -4.63 8.19 -7.98
CA SER A 70 -5.69 7.34 -7.48
C SER A 70 -5.90 6.14 -8.40
N LEU A 71 -4.99 5.19 -8.29
CA LEU A 71 -5.06 3.99 -9.13
C LEU A 71 -6.42 3.33 -8.94
N VAL A 72 -6.74 3.03 -7.68
CA VAL A 72 -8.01 2.41 -7.35
C VAL A 72 -7.94 0.92 -7.71
N GLY A 73 -6.84 0.54 -8.34
CA GLY A 73 -6.64 -0.83 -8.74
C GLY A 73 -5.82 -0.93 -10.03
N LEU A 74 -4.64 -0.32 -9.99
CA LEU A 74 -3.76 -0.33 -11.14
C LEU A 74 -2.45 -1.02 -10.76
N SER A 75 -1.60 -1.19 -11.76
CA SER A 75 -0.31 -1.84 -11.56
C SER A 75 0.63 -0.91 -10.79
N GLN A 76 1.64 -1.52 -10.19
CA GLN A 76 2.61 -0.76 -9.41
C GLN A 76 3.70 -0.19 -10.33
N GLU A 77 3.76 -0.75 -11.53
CA GLU A 77 4.74 -0.31 -12.51
C GLU A 77 4.90 1.21 -12.45
N ARG A 78 3.82 1.90 -12.78
CA ARG A 78 3.83 3.36 -12.76
C ARG A 78 3.70 3.88 -11.34
N ALA A 79 2.71 3.34 -10.64
CA ALA A 79 2.47 3.75 -9.26
C ALA A 79 3.79 3.70 -8.48
N ALA A 80 4.23 2.49 -8.18
CA ALA A 80 5.46 2.30 -7.45
C ALA A 80 6.34 3.53 -7.61
N GLU A 81 6.82 3.73 -8.84
CA GLU A 81 7.67 4.86 -9.15
C GLU A 81 7.15 6.12 -8.45
N LEU A 82 6.02 6.60 -8.94
CA LEU A 82 5.41 7.79 -8.38
C LEU A 82 5.17 7.58 -6.88
N MET A 83 5.21 6.32 -6.48
CA MET A 83 5.00 5.97 -5.09
C MET A 83 6.33 5.75 -4.36
N THR A 84 7.40 5.84 -5.14
CA THR A 84 8.74 5.66 -4.59
C THR A 84 9.28 6.98 -4.04
N ARG A 85 9.34 7.96 -4.92
CA ARG A 85 9.83 9.28 -4.54
C ARG A 85 8.87 9.94 -3.56
N THR A 86 8.66 9.28 -2.44
CA THR A 86 7.77 9.79 -1.41
C THR A 86 8.53 10.71 -0.46
N SER A 87 9.58 10.17 0.13
CA SER A 87 10.39 10.94 1.06
C SER A 87 9.55 12.05 1.70
N SER A 88 8.69 11.64 2.62
CA SER A 88 7.83 12.58 3.31
C SER A 88 6.56 11.87 3.79
N VAL A 89 5.77 11.43 2.81
CA VAL A 89 4.52 10.74 3.12
C VAL A 89 4.12 9.88 1.91
N VAL A 90 3.69 8.67 2.23
CA VAL A 90 3.26 7.74 1.18
C VAL A 90 1.78 7.41 1.37
N THR A 91 0.95 8.08 0.59
CA THR A 91 -0.48 7.87 0.66
C THR A 91 -0.92 6.82 -0.37
N LEU A 92 -1.27 5.65 0.15
CA LEU A 92 -1.70 4.55 -0.70
C LEU A 92 -2.97 3.94 -0.13
N GLU A 93 -3.77 3.36 -1.02
CA GLU A 93 -5.01 2.73 -0.60
C GLU A 93 -4.83 1.22 -0.51
N VAL A 94 -5.21 0.69 0.65
CA VAL A 94 -5.09 -0.75 0.88
C VAL A 94 -6.44 -1.30 1.32
N ALA A 95 -6.54 -2.61 1.33
CA ALA A 95 -7.77 -3.28 1.74
C ALA A 95 -7.44 -4.49 2.60
N LYS A 96 -8.05 -4.54 3.77
CA LYS A 96 -7.82 -5.63 4.69
C LYS A 96 -7.92 -6.96 3.93
N GLN A 97 -7.19 -7.94 4.42
CA GLN A 97 -7.19 -9.26 3.81
C GLN A 97 -6.04 -10.10 4.34
N GLY A 98 -6.24 -11.41 4.32
CA GLY A 98 -5.23 -12.34 4.80
C GLY A 98 -4.73 -11.93 6.19
N ALA A 99 -3.44 -12.11 6.40
CA ALA A 99 -2.82 -11.77 7.68
C ALA A 99 -1.30 -11.90 7.56
N ILE A 100 -0.63 -11.69 8.68
CA ILE A 100 0.81 -11.77 8.72
C ILE A 100 1.26 -13.08 8.04
N TYR A 101 1.05 -14.17 8.76
CA TYR A 101 1.42 -15.48 8.25
C TYR A 101 0.76 -16.60 9.05
N GLY A 1 -6.13 15.23 2.83
CA GLY A 1 -5.48 15.10 4.12
C GLY A 1 -6.37 14.37 5.12
N PRO A 2 -6.40 13.02 4.98
CA PRO A 2 -7.20 12.19 5.86
C PRO A 2 -6.56 12.07 7.25
N LEU A 3 -7.31 11.50 8.17
CA LEU A 3 -6.82 11.32 9.53
C LEU A 3 -7.53 10.11 10.15
N GLY A 4 -7.18 9.86 11.41
CA GLY A 4 -7.77 8.74 12.14
C GLY A 4 -9.28 8.65 11.87
N SER A 5 -9.68 7.52 11.32
CA SER A 5 -11.07 7.29 11.01
C SER A 5 -11.68 6.31 12.03
N LEU A 6 -11.41 5.04 11.82
CA LEU A 6 -11.91 4.01 12.71
C LEU A 6 -10.85 2.92 12.89
N ARG A 7 -11.29 1.79 13.40
CA ARG A 7 -10.40 0.66 13.63
C ARG A 7 -9.95 0.06 12.29
N LYS A 8 -9.09 -0.94 12.39
CA LYS A 8 -8.58 -1.60 11.20
C LYS A 8 -9.72 -1.79 10.20
N GLU A 9 -9.43 -1.43 8.95
CA GLU A 9 -10.41 -1.56 7.89
C GLU A 9 -9.80 -1.16 6.55
N PRO A 10 -10.42 -1.67 5.45
CA PRO A 10 -9.96 -1.37 4.11
C PRO A 10 -10.33 0.06 3.70
N GLU A 11 -9.32 0.81 3.27
CA GLU A 11 -9.54 2.17 2.84
C GLU A 11 -8.23 2.79 2.36
N ILE A 12 -8.12 4.10 2.55
CA ILE A 12 -6.93 4.82 2.14
C ILE A 12 -6.01 5.01 3.35
N ILE A 13 -4.81 4.45 3.24
CA ILE A 13 -3.83 4.55 4.31
C ILE A 13 -2.71 5.49 3.89
N THR A 14 -2.03 6.04 4.88
CA THR A 14 -0.93 6.96 4.62
C THR A 14 0.25 6.64 5.55
N VAL A 15 1.43 6.72 4.98
CA VAL A 15 2.65 6.45 5.74
C VAL A 15 3.61 7.61 5.57
N THR A 16 3.77 8.38 6.63
CA THR A 16 4.66 9.52 6.61
C THR A 16 6.08 9.10 7.01
N LEU A 17 7.05 9.87 6.52
CA LEU A 17 8.44 9.58 6.82
C LEU A 17 8.84 10.29 8.12
N LYS A 18 8.69 9.56 9.22
CA LYS A 18 9.03 10.10 10.52
C LYS A 18 10.55 10.11 10.70
N LYS A 19 11.12 8.92 10.67
CA LYS A 19 12.56 8.76 10.81
C LYS A 19 13.24 9.01 9.47
N GLN A 20 12.40 9.22 8.45
CA GLN A 20 12.91 9.47 7.11
C GLN A 20 13.89 8.37 6.70
N ASN A 21 13.54 7.14 7.04
CA ASN A 21 14.37 6.00 6.72
C ASN A 21 13.95 5.44 5.36
N GLY A 22 13.57 6.34 4.47
CA GLY A 22 13.14 5.94 3.14
C GLY A 22 11.69 5.46 3.15
N MET A 23 11.45 4.44 3.96
CA MET A 23 10.10 3.88 4.07
C MET A 23 10.14 2.53 4.77
N GLY A 24 10.56 1.52 4.02
CA GLY A 24 10.65 0.17 4.56
C GLY A 24 9.44 -0.67 4.13
N LEU A 25 8.48 0.02 3.51
CA LEU A 25 7.27 -0.66 3.05
C LEU A 25 7.64 -1.67 1.97
N SER A 26 6.79 -2.67 1.84
CA SER A 26 7.01 -3.71 0.85
C SER A 26 5.67 -4.15 0.24
N ILE A 27 5.44 -3.74 -0.99
CA ILE A 27 4.22 -4.09 -1.70
C ILE A 27 4.57 -4.73 -3.03
N VAL A 28 3.55 -5.33 -3.65
CA VAL A 28 3.74 -5.98 -4.93
C VAL A 28 2.43 -5.92 -5.72
N ALA A 29 2.54 -6.13 -7.02
CA ALA A 29 1.39 -6.10 -7.89
C ALA A 29 1.41 -7.32 -8.82
N ALA A 30 0.23 -7.81 -9.14
CA ALA A 30 0.10 -8.97 -10.01
C ALA A 30 -0.56 -8.55 -11.33
N LYS A 31 -0.10 -9.17 -12.41
CA LYS A 31 -0.64 -8.87 -13.73
C LYS A 31 -0.54 -10.11 -14.60
N GLY A 32 -1.70 -10.68 -14.89
CA GLY A 32 -1.77 -11.88 -15.72
C GLY A 32 -1.17 -13.08 -14.99
N ALA A 33 0.09 -12.95 -14.62
CA ALA A 33 0.79 -14.02 -13.91
C ALA A 33 0.29 -14.07 -12.47
N GLY A 34 0.10 -15.29 -11.99
CA GLY A 34 -0.37 -15.50 -10.62
C GLY A 34 -1.86 -15.16 -10.50
N GLN A 35 -2.17 -13.89 -10.71
CA GLN A 35 -3.55 -13.44 -10.62
C GLN A 35 -3.99 -12.81 -11.94
N ASP A 36 -4.54 -13.65 -12.81
CA ASP A 36 -5.00 -13.19 -14.11
C ASP A 36 -5.62 -11.80 -13.96
N LYS A 37 -6.21 -11.57 -12.80
CA LYS A 37 -6.85 -10.29 -12.52
C LYS A 37 -5.87 -9.40 -11.76
N LEU A 38 -5.32 -8.44 -12.48
CA LEU A 38 -4.36 -7.51 -11.89
C LEU A 38 -4.83 -7.14 -10.47
N GLY A 39 -3.86 -7.00 -9.58
CA GLY A 39 -4.16 -6.65 -8.21
C GLY A 39 -2.88 -6.36 -7.42
N ILE A 40 -2.93 -5.31 -6.62
CA ILE A 40 -1.79 -4.92 -5.81
C ILE A 40 -2.02 -5.36 -4.37
N TYR A 41 -0.92 -5.70 -3.71
CA TYR A 41 -0.97 -6.14 -2.32
C TYR A 41 0.29 -5.73 -1.55
N VAL A 42 0.14 -5.67 -0.24
CA VAL A 42 1.26 -5.29 0.61
C VAL A 42 1.93 -6.55 1.15
N LYS A 43 3.22 -6.66 0.90
CA LYS A 43 3.99 -7.80 1.35
C LYS A 43 4.21 -7.70 2.85
N SER A 44 4.94 -6.66 3.24
CA SER A 44 5.24 -6.43 4.65
C SER A 44 6.14 -5.21 4.80
N VAL A 45 6.40 -4.86 6.06
CA VAL A 45 7.24 -3.71 6.35
C VAL A 45 8.65 -4.20 6.72
N VAL A 46 9.64 -3.64 6.04
CA VAL A 46 11.02 -4.01 6.29
C VAL A 46 11.24 -4.16 7.80
N LYS A 47 10.45 -3.41 8.56
CA LYS A 47 10.55 -3.46 10.00
C LYS A 47 11.80 -2.69 10.44
N GLY A 48 12.15 -1.68 9.67
CA GLY A 48 13.32 -0.87 9.96
C GLY A 48 13.30 0.43 9.17
N GLY A 49 12.10 0.89 8.86
CA GLY A 49 11.93 2.12 8.10
C GLY A 49 11.12 3.14 8.90
N ALA A 50 10.95 4.31 8.30
CA ALA A 50 10.20 5.39 8.94
C ALA A 50 8.73 5.00 9.01
N ALA A 51 8.12 4.91 7.83
CA ALA A 51 6.71 4.55 7.73
C ALA A 51 6.55 3.07 8.08
N ASP A 52 7.67 2.41 8.28
CA ASP A 52 7.67 1.00 8.60
C ASP A 52 7.34 0.82 10.09
N VAL A 53 8.09 1.54 10.92
CA VAL A 53 7.89 1.48 12.35
C VAL A 53 6.71 2.36 12.75
N ASP A 54 6.55 3.44 11.99
CA ASP A 54 5.47 4.38 12.24
C ASP A 54 4.17 3.82 11.65
N GLY A 55 4.22 3.55 10.35
CA GLY A 55 3.07 3.01 9.66
C GLY A 55 2.53 1.77 10.36
N ARG A 56 3.40 0.79 10.51
CA ARG A 56 3.03 -0.45 11.16
C ARG A 56 1.81 -1.07 10.47
N LEU A 57 1.83 -1.04 9.15
CA LEU A 57 0.74 -1.58 8.36
C LEU A 57 0.75 -3.11 8.47
N ALA A 58 -0.31 -3.71 7.96
CA ALA A 58 -0.43 -5.17 7.99
C ALA A 58 0.21 -5.75 6.73
N ALA A 59 0.74 -6.95 6.87
CA ALA A 59 1.38 -7.63 5.76
C ALA A 59 0.36 -8.53 5.06
N GLY A 60 0.08 -8.20 3.81
CA GLY A 60 -0.87 -8.95 3.02
C GLY A 60 -2.09 -8.10 2.66
N ASP A 61 -1.88 -6.79 2.68
CA ASP A 61 -2.94 -5.86 2.36
C ASP A 61 -3.17 -5.87 0.84
N GLN A 62 -4.24 -5.19 0.43
CA GLN A 62 -4.58 -5.10 -0.98
C GLN A 62 -4.61 -3.65 -1.43
N LEU A 63 -3.61 -3.28 -2.22
CA LEU A 63 -3.52 -1.92 -2.72
C LEU A 63 -4.36 -1.79 -3.99
N LEU A 64 -4.77 -0.56 -4.27
CA LEU A 64 -5.59 -0.30 -5.45
C LEU A 64 -5.14 1.02 -6.07
N SER A 65 -4.91 2.01 -5.22
CA SER A 65 -4.49 3.32 -5.68
C SER A 65 -3.15 3.68 -5.03
N VAL A 66 -2.54 4.74 -5.56
CA VAL A 66 -1.26 5.19 -5.06
C VAL A 66 -1.35 6.68 -4.72
N ASP A 67 -0.33 7.16 -4.02
CA ASP A 67 -0.29 8.55 -3.61
C ASP A 67 -0.05 9.42 -4.84
N GLY A 68 -0.88 10.45 -4.97
CA GLY A 68 -0.77 11.37 -6.09
C GLY A 68 -1.48 10.80 -7.33
N ARG A 69 -1.82 9.52 -7.25
CA ARG A 69 -2.49 8.86 -8.33
C ARG A 69 -3.40 7.74 -7.80
N SER A 70 -4.70 7.96 -7.93
CA SER A 70 -5.67 6.99 -7.46
C SER A 70 -5.84 5.89 -8.51
N LEU A 71 -4.97 4.89 -8.43
CA LEU A 71 -5.01 3.77 -9.35
C LEU A 71 -6.39 3.11 -9.28
N VAL A 72 -6.78 2.76 -8.06
CA VAL A 72 -8.07 2.12 -7.85
C VAL A 72 -7.96 0.64 -8.21
N GLY A 73 -6.81 0.27 -8.74
CA GLY A 73 -6.56 -1.11 -9.14
C GLY A 73 -5.69 -1.18 -10.39
N LEU A 74 -4.61 -0.40 -10.36
CA LEU A 74 -3.70 -0.37 -11.49
C LEU A 74 -2.39 -1.07 -11.10
N SER A 75 -1.53 -1.22 -12.09
CA SER A 75 -0.25 -1.88 -11.87
C SER A 75 0.68 -0.96 -11.07
N GLN A 76 1.55 -1.57 -10.29
CA GLN A 76 2.49 -0.82 -9.47
C GLN A 76 3.48 -0.07 -10.36
N GLU A 77 3.47 -0.42 -11.64
CA GLU A 77 4.35 0.23 -12.60
C GLU A 77 4.38 1.73 -12.36
N ARG A 78 3.34 2.41 -12.85
CA ARG A 78 3.25 3.85 -12.69
C ARG A 78 3.57 4.25 -11.25
N ALA A 79 2.70 3.83 -10.35
CA ALA A 79 2.87 4.13 -8.94
C ALA A 79 4.33 3.89 -8.54
N ALA A 80 4.61 2.64 -8.18
CA ALA A 80 5.96 2.27 -7.78
C ALA A 80 6.87 3.50 -7.83
N GLU A 81 7.38 3.78 -9.01
CA GLU A 81 8.26 4.92 -9.20
C GLU A 81 7.67 6.16 -8.52
N LEU A 82 6.54 6.61 -9.04
CA LEU A 82 5.87 7.77 -8.50
C LEU A 82 5.26 7.42 -7.14
N MET A 83 5.66 6.26 -6.64
CA MET A 83 5.16 5.79 -5.35
C MET A 83 6.30 5.64 -4.35
N THR A 84 7.52 5.57 -4.88
CA THR A 84 8.69 5.42 -4.05
C THR A 84 9.22 6.78 -3.62
N ARG A 85 9.44 7.64 -4.62
CA ARG A 85 9.95 8.97 -4.37
C ARG A 85 8.90 9.80 -3.60
N THR A 86 8.56 9.30 -2.42
CA THR A 86 7.58 9.97 -1.60
C THR A 86 8.25 11.05 -0.75
N SER A 87 9.24 10.63 0.03
CA SER A 87 9.97 11.54 0.89
C SER A 87 9.05 12.08 1.98
N SER A 88 7.98 12.73 1.54
CA SER A 88 7.02 13.31 2.47
C SER A 88 6.19 12.19 3.10
N VAL A 89 5.18 11.74 2.36
CA VAL A 89 4.31 10.69 2.85
C VAL A 89 3.88 9.82 1.67
N VAL A 90 3.54 8.57 2.00
CA VAL A 90 3.12 7.62 0.98
C VAL A 90 1.66 7.25 1.21
N THR A 91 0.78 7.99 0.55
CA THR A 91 -0.66 7.75 0.69
C THR A 91 -1.15 6.83 -0.44
N LEU A 92 -1.48 5.61 -0.06
CA LEU A 92 -1.95 4.62 -1.01
C LEU A 92 -3.25 4.00 -0.50
N GLU A 93 -4.03 3.48 -1.43
CA GLU A 93 -5.29 2.86 -1.08
C GLU A 93 -5.11 1.35 -0.90
N VAL A 94 -5.23 0.92 0.35
CA VAL A 94 -5.07 -0.49 0.68
C VAL A 94 -6.39 -1.02 1.25
N ALA A 95 -6.50 -2.34 1.27
CA ALA A 95 -7.69 -2.98 1.79
C ALA A 95 -7.29 -4.23 2.59
N LYS A 96 -7.79 -4.29 3.81
CA LYS A 96 -7.49 -5.41 4.68
C LYS A 96 -8.10 -6.68 4.10
N GLN A 97 -7.29 -7.38 3.30
CA GLN A 97 -7.73 -8.61 2.68
C GLN A 97 -6.61 -9.20 1.82
N GLY A 98 -6.12 -10.35 2.25
CA GLY A 98 -5.05 -11.03 1.55
C GLY A 98 -4.01 -11.60 2.52
N ALA A 99 -3.11 -12.38 1.97
CA ALA A 99 -2.06 -13.00 2.78
C ALA A 99 -1.09 -13.74 1.85
N ILE A 100 0.19 -13.68 2.23
CA ILE A 100 1.22 -14.34 1.45
C ILE A 100 2.06 -15.22 2.38
N TYR A 101 2.98 -15.96 1.77
CA TYR A 101 3.85 -16.84 2.52
C TYR A 101 4.58 -16.08 3.63
N GLY A 1 -36.94 4.33 3.74
CA GLY A 1 -35.70 4.63 4.43
C GLY A 1 -34.83 3.38 4.58
N PRO A 2 -33.92 3.18 3.60
CA PRO A 2 -33.03 2.03 3.61
C PRO A 2 -31.93 2.20 4.65
N LEU A 3 -31.12 1.16 4.78
CA LEU A 3 -30.02 1.17 5.74
C LEU A 3 -28.93 0.22 5.26
N GLY A 4 -27.72 0.47 5.76
CA GLY A 4 -26.59 -0.36 5.39
C GLY A 4 -26.28 -0.26 3.90
N SER A 5 -26.71 -1.28 3.16
CA SER A 5 -26.49 -1.31 1.73
C SER A 5 -25.03 -1.66 1.43
N LEU A 6 -24.78 -2.96 1.31
CA LEU A 6 -23.44 -3.44 1.03
C LEU A 6 -22.46 -2.86 2.05
N ARG A 7 -21.20 -3.20 1.87
CA ARG A 7 -20.16 -2.72 2.77
C ARG A 7 -19.01 -2.10 1.97
N LYS A 8 -18.06 -1.55 2.70
CA LYS A 8 -16.90 -0.92 2.06
C LYS A 8 -15.89 -2.01 1.69
N GLU A 9 -14.64 -1.58 1.57
CA GLU A 9 -13.57 -2.50 1.22
C GLU A 9 -12.25 -1.74 1.06
N PRO A 10 -12.27 -0.73 0.14
CA PRO A 10 -11.09 0.07 -0.12
C PRO A 10 -10.85 1.06 1.02
N GLU A 11 -9.63 1.05 1.53
CA GLU A 11 -9.25 1.94 2.61
C GLU A 11 -8.01 2.75 2.22
N ILE A 12 -8.17 4.07 2.26
CA ILE A 12 -7.07 4.97 1.91
C ILE A 12 -6.26 5.27 3.18
N ILE A 13 -5.03 4.81 3.17
CA ILE A 13 -4.15 5.03 4.31
C ILE A 13 -3.01 5.95 3.88
N THR A 14 -2.53 6.73 4.85
CA THR A 14 -1.44 7.67 4.60
C THR A 14 -0.27 7.39 5.54
N VAL A 15 0.81 6.90 4.96
CA VAL A 15 2.01 6.59 5.73
C VAL A 15 2.98 7.77 5.64
N THR A 16 3.20 8.40 6.80
CA THR A 16 4.10 9.53 6.86
C THR A 16 5.51 9.07 7.24
N LEU A 17 6.47 9.94 6.97
CA LEU A 17 7.86 9.64 7.28
C LEU A 17 8.24 10.28 8.61
N LYS A 18 8.34 9.43 9.63
CA LYS A 18 8.69 9.90 10.96
C LYS A 18 10.21 9.91 11.11
N LYS A 19 10.81 8.76 10.88
CA LYS A 19 12.25 8.61 10.98
C LYS A 19 12.91 9.24 9.75
N GLN A 20 12.07 9.73 8.86
CA GLN A 20 12.56 10.36 7.64
C GLN A 20 13.48 9.40 6.88
N ASN A 21 13.15 8.13 6.96
CA ASN A 21 13.94 7.10 6.29
C ASN A 21 13.26 6.73 4.97
N GLY A 22 14.06 6.17 4.07
CA GLY A 22 13.56 5.77 2.78
C GLY A 22 12.07 5.42 2.85
N MET A 23 11.76 4.41 3.64
CA MET A 23 10.39 3.98 3.80
C MET A 23 10.32 2.58 4.42
N GLY A 24 10.98 1.64 3.76
CA GLY A 24 11.00 0.27 4.23
C GLY A 24 9.64 -0.39 4.08
N LEU A 25 9.16 -0.40 2.84
CA LEU A 25 7.86 -0.99 2.53
C LEU A 25 8.05 -2.10 1.50
N SER A 26 7.04 -2.95 1.41
CA SER A 26 7.08 -4.06 0.48
C SER A 26 5.67 -4.34 -0.05
N ILE A 27 5.51 -4.14 -1.36
CA ILE A 27 4.23 -4.37 -1.99
C ILE A 27 4.44 -5.17 -3.28
N VAL A 28 3.33 -5.61 -3.85
CA VAL A 28 3.38 -6.39 -5.08
C VAL A 28 2.07 -6.18 -5.87
N ALA A 29 2.20 -6.29 -7.18
CA ALA A 29 1.05 -6.12 -8.05
C ALA A 29 0.89 -7.36 -8.94
N ALA A 30 -0.35 -7.69 -9.22
CA ALA A 30 -0.65 -8.84 -10.06
C ALA A 30 -1.38 -8.37 -11.32
N LYS A 31 -1.10 -9.07 -12.41
CA LYS A 31 -1.72 -8.74 -13.69
C LYS A 31 -1.92 -10.03 -14.50
N GLY A 32 -3.04 -10.06 -15.21
CA GLY A 32 -3.36 -11.22 -16.02
C GLY A 32 -4.52 -10.91 -16.98
N ALA A 33 -5.13 -11.98 -17.49
CA ALA A 33 -6.24 -11.84 -18.40
C ALA A 33 -7.23 -13.00 -18.19
N GLY A 34 -8.38 -12.87 -18.80
CA GLY A 34 -9.41 -13.90 -18.69
C GLY A 34 -10.12 -13.81 -17.34
N GLN A 35 -9.37 -14.14 -16.30
CA GLN A 35 -9.91 -14.11 -14.95
C GLN A 35 -8.94 -13.41 -14.00
N ASP A 36 -8.68 -12.14 -14.29
CA ASP A 36 -7.78 -11.35 -13.48
C ASP A 36 -7.41 -10.07 -14.23
N LYS A 37 -7.38 -8.98 -13.49
CA LYS A 37 -7.05 -7.68 -14.06
C LYS A 37 -5.79 -7.14 -13.39
N LEU A 38 -6.01 -6.43 -12.29
CA LEU A 38 -4.91 -5.86 -11.54
C LEU A 38 -5.19 -5.97 -10.05
N GLY A 39 -4.27 -6.61 -9.34
CA GLY A 39 -4.41 -6.78 -7.90
C GLY A 39 -3.11 -6.45 -7.17
N ILE A 40 -3.16 -5.38 -6.39
CA ILE A 40 -1.99 -4.95 -5.64
C ILE A 40 -2.14 -5.40 -4.18
N TYR A 41 -1.00 -5.68 -3.56
CA TYR A 41 -0.99 -6.12 -2.19
C TYR A 41 0.31 -5.68 -1.49
N VAL A 42 0.29 -5.77 -0.16
CA VAL A 42 1.45 -5.39 0.63
C VAL A 42 2.15 -6.66 1.12
N LYS A 43 3.42 -6.77 0.75
CA LYS A 43 4.22 -7.91 1.14
C LYS A 43 4.58 -7.80 2.62
N SER A 44 5.00 -6.60 3.00
CA SER A 44 5.37 -6.34 4.39
C SER A 44 6.31 -5.15 4.46
N VAL A 45 6.63 -4.75 5.69
CA VAL A 45 7.52 -3.62 5.91
C VAL A 45 8.95 -4.12 6.04
N VAL A 46 9.84 -3.54 5.24
CA VAL A 46 11.23 -3.92 5.27
C VAL A 46 11.68 -4.12 6.72
N LYS A 47 11.08 -3.33 7.61
CA LYS A 47 11.40 -3.42 9.02
C LYS A 47 12.61 -2.52 9.31
N GLY A 48 12.81 -1.54 8.44
CA GLY A 48 13.91 -0.61 8.59
C GLY A 48 13.65 0.69 7.84
N GLY A 49 12.45 1.23 8.07
CA GLY A 49 12.06 2.48 7.42
C GLY A 49 11.17 3.31 8.33
N ALA A 50 11.00 4.57 7.95
CA ALA A 50 10.17 5.48 8.72
C ALA A 50 8.73 4.98 8.74
N ALA A 51 8.19 4.80 7.55
CA ALA A 51 6.82 4.32 7.42
C ALA A 51 6.75 2.86 7.88
N ASP A 52 7.89 2.19 7.83
CA ASP A 52 7.97 0.81 8.24
C ASP A 52 7.60 0.70 9.73
N VAL A 53 8.29 1.50 10.53
CA VAL A 53 8.05 1.51 11.96
C VAL A 53 6.82 2.37 12.26
N ASP A 54 6.88 3.62 11.81
CA ASP A 54 5.79 4.54 12.04
C ASP A 54 4.50 3.96 11.45
N GLY A 55 4.52 3.76 10.14
CA GLY A 55 3.37 3.21 9.45
C GLY A 55 2.88 1.92 10.14
N ARG A 56 3.80 0.97 10.24
CA ARG A 56 3.47 -0.30 10.87
C ARG A 56 2.26 -0.94 10.19
N LEU A 57 2.28 -0.92 8.86
CA LEU A 57 1.21 -1.48 8.08
C LEU A 57 1.24 -3.01 8.21
N ALA A 58 0.09 -3.61 7.92
CA ALA A 58 -0.03 -5.06 8.01
C ALA A 58 0.51 -5.69 6.72
N ALA A 59 1.10 -6.86 6.88
CA ALA A 59 1.66 -7.58 5.74
C ALA A 59 0.59 -8.49 5.13
N GLY A 60 0.21 -8.17 3.91
CA GLY A 60 -0.80 -8.95 3.21
C GLY A 60 -2.00 -8.08 2.85
N ASP A 61 -1.77 -6.78 2.86
CA ASP A 61 -2.82 -5.82 2.53
C ASP A 61 -3.07 -5.85 1.02
N GLN A 62 -4.14 -5.17 0.62
CA GLN A 62 -4.49 -5.10 -0.79
C GLN A 62 -4.49 -3.64 -1.27
N LEU A 63 -3.48 -3.32 -2.06
CA LEU A 63 -3.36 -1.96 -2.59
C LEU A 63 -4.16 -1.85 -3.89
N LEU A 64 -4.58 -0.64 -4.20
CA LEU A 64 -5.35 -0.39 -5.39
C LEU A 64 -4.97 0.97 -5.97
N SER A 65 -4.82 1.95 -5.08
CA SER A 65 -4.45 3.28 -5.49
C SER A 65 -3.09 3.66 -4.90
N VAL A 66 -2.53 4.75 -5.41
CA VAL A 66 -1.24 5.21 -4.94
C VAL A 66 -1.33 6.70 -4.60
N ASP A 67 -0.32 7.17 -3.89
CA ASP A 67 -0.28 8.57 -3.48
C ASP A 67 -0.02 9.44 -4.71
N GLY A 68 -0.88 10.43 -4.89
CA GLY A 68 -0.76 11.35 -6.01
C GLY A 68 -1.51 10.81 -7.23
N ARG A 69 -1.82 9.53 -7.18
CA ARG A 69 -2.54 8.89 -8.27
C ARG A 69 -3.49 7.82 -7.72
N SER A 70 -4.77 8.05 -7.96
CA SER A 70 -5.79 7.11 -7.51
C SER A 70 -5.96 5.99 -8.53
N LEU A 71 -5.08 5.00 -8.43
CA LEU A 71 -5.12 3.87 -9.33
C LEU A 71 -6.49 3.18 -9.22
N VAL A 72 -6.83 2.83 -7.99
CA VAL A 72 -8.10 2.17 -7.73
C VAL A 72 -7.96 0.68 -8.03
N GLY A 73 -6.81 0.32 -8.57
CA GLY A 73 -6.53 -1.07 -8.90
C GLY A 73 -5.69 -1.17 -10.18
N LEU A 74 -4.55 -0.50 -10.15
CA LEU A 74 -3.65 -0.51 -11.29
C LEU A 74 -2.33 -1.17 -10.90
N SER A 75 -1.47 -1.35 -11.88
CA SER A 75 -0.17 -1.96 -11.65
C SER A 75 0.73 -0.99 -10.90
N GLN A 76 1.59 -1.57 -10.07
CA GLN A 76 2.52 -0.77 -9.28
C GLN A 76 3.52 -0.06 -10.19
N GLU A 77 3.50 -0.47 -11.45
CA GLU A 77 4.41 0.13 -12.43
C GLU A 77 4.48 1.64 -12.26
N ARG A 78 3.43 2.30 -12.72
CA ARG A 78 3.35 3.75 -12.62
C ARG A 78 3.65 4.20 -11.19
N ALA A 79 2.76 3.82 -10.29
CA ALA A 79 2.90 4.16 -8.89
C ALA A 79 4.36 3.92 -8.46
N ALA A 80 4.61 2.69 -8.04
CA ALA A 80 5.94 2.31 -7.60
C ALA A 80 6.88 3.51 -7.72
N GLU A 81 7.43 3.68 -8.91
CA GLU A 81 8.33 4.78 -9.17
C GLU A 81 7.80 6.08 -8.55
N LEU A 82 6.68 6.54 -9.09
CA LEU A 82 6.05 7.75 -8.60
C LEU A 82 5.44 7.48 -7.22
N MET A 83 5.79 6.33 -6.66
CA MET A 83 5.29 5.94 -5.37
C MET A 83 6.43 5.73 -4.37
N THR A 84 7.63 5.64 -4.90
CA THR A 84 8.81 5.44 -4.08
C THR A 84 9.42 6.79 -3.68
N ARG A 85 9.66 7.62 -4.69
CA ARG A 85 10.23 8.92 -4.47
C ARG A 85 9.24 9.82 -3.71
N THR A 86 8.76 9.30 -2.60
CA THR A 86 7.81 10.04 -1.78
C THR A 86 8.55 10.91 -0.76
N SER A 87 9.38 10.25 0.04
CA SER A 87 10.15 10.94 1.05
C SER A 87 9.36 12.13 1.59
N SER A 88 8.45 11.84 2.50
CA SER A 88 7.61 12.87 3.09
C SER A 88 6.29 12.28 3.56
N VAL A 89 5.64 11.57 2.64
CA VAL A 89 4.36 10.94 2.94
C VAL A 89 3.88 10.15 1.72
N VAL A 90 3.66 8.86 1.95
CA VAL A 90 3.21 7.99 0.88
C VAL A 90 1.79 7.51 1.19
N THR A 91 0.83 8.13 0.52
CA THR A 91 -0.57 7.78 0.72
C THR A 91 -1.02 6.79 -0.35
N LEU A 92 -1.31 5.57 0.09
CA LEU A 92 -1.75 4.53 -0.83
C LEU A 92 -3.07 3.95 -0.32
N GLU A 93 -3.85 3.42 -1.26
CA GLU A 93 -5.13 2.82 -0.92
C GLU A 93 -4.99 1.32 -0.76
N VAL A 94 -5.07 0.87 0.49
CA VAL A 94 -4.96 -0.54 0.79
C VAL A 94 -6.30 -1.05 1.32
N ALA A 95 -6.44 -2.37 1.32
CA ALA A 95 -7.65 -3.00 1.79
C ALA A 95 -7.30 -4.24 2.62
N LYS A 96 -7.93 -4.35 3.77
CA LYS A 96 -7.69 -5.47 4.66
C LYS A 96 -8.31 -6.74 4.06
N GLN A 97 -7.55 -7.82 4.13
CA GLN A 97 -8.02 -9.09 3.59
C GLN A 97 -7.24 -10.25 4.22
N GLY A 98 -5.96 -10.30 3.90
CA GLY A 98 -5.09 -11.34 4.42
C GLY A 98 -4.62 -12.28 3.31
N ALA A 99 -3.31 -12.25 3.07
CA ALA A 99 -2.72 -13.09 2.03
C ALA A 99 -1.20 -13.03 2.15
N ILE A 100 -0.54 -13.92 1.42
CA ILE A 100 0.91 -13.98 1.42
C ILE A 100 1.38 -14.93 0.33
N TYR A 101 2.63 -14.76 -0.06
CA TYR A 101 3.22 -15.59 -1.10
C TYR A 101 4.69 -15.27 -1.30
N GLY A 1 -28.81 -5.55 24.47
CA GLY A 1 -29.39 -5.08 23.24
C GLY A 1 -28.47 -5.38 22.04
N PRO A 2 -28.29 -4.34 21.19
CA PRO A 2 -27.44 -4.47 20.02
C PRO A 2 -25.96 -4.48 20.40
N LEU A 3 -25.14 -4.98 19.49
CA LEU A 3 -23.71 -5.05 19.72
C LEU A 3 -22.97 -4.92 18.38
N GLY A 4 -22.04 -3.98 18.36
CA GLY A 4 -21.26 -3.74 17.16
C GLY A 4 -19.76 -3.76 17.46
N SER A 5 -19.00 -4.24 16.50
CA SER A 5 -17.55 -4.33 16.65
C SER A 5 -16.92 -4.95 15.41
N LEU A 6 -15.62 -4.74 15.27
CA LEU A 6 -14.89 -5.27 14.12
C LEU A 6 -15.28 -4.49 12.87
N ARG A 7 -14.35 -4.43 11.94
CA ARG A 7 -14.58 -3.71 10.69
C ARG A 7 -13.29 -3.63 9.87
N LYS A 8 -13.38 -4.08 8.62
CA LYS A 8 -12.24 -4.07 7.73
C LYS A 8 -12.70 -3.80 6.31
N GLU A 9 -11.78 -3.28 5.51
CA GLU A 9 -12.09 -2.98 4.12
C GLU A 9 -10.98 -2.11 3.51
N PRO A 10 -11.11 -1.86 2.18
CA PRO A 10 -10.14 -1.05 1.47
C PRO A 10 -10.32 0.43 1.79
N GLU A 11 -9.21 1.08 2.14
CA GLU A 11 -9.23 2.48 2.47
C GLU A 11 -7.92 3.15 2.04
N ILE A 12 -7.93 4.48 2.08
CA ILE A 12 -6.75 5.24 1.70
C ILE A 12 -5.89 5.49 2.93
N ILE A 13 -4.75 4.81 2.96
CA ILE A 13 -3.83 4.95 4.07
C ILE A 13 -2.78 6.01 3.74
N THR A 14 -2.28 6.65 4.78
CA THR A 14 -1.27 7.68 4.61
C THR A 14 -0.18 7.56 5.69
N VAL A 15 1.03 7.30 5.22
CA VAL A 15 2.15 7.15 6.13
C VAL A 15 3.12 8.32 5.93
N THR A 16 3.78 8.69 7.02
CA THR A 16 4.74 9.79 6.97
C THR A 16 6.10 9.34 7.50
N LEU A 17 7.14 9.93 6.95
CA LEU A 17 8.50 9.60 7.35
C LEU A 17 8.80 10.27 8.69
N LYS A 18 8.74 9.47 9.74
CA LYS A 18 9.01 9.96 11.08
C LYS A 18 10.51 9.86 11.37
N LYS A 19 11.03 8.66 11.14
CA LYS A 19 12.44 8.40 11.38
C LYS A 19 13.24 8.75 10.11
N GLN A 20 12.50 9.10 9.07
CA GLN A 20 13.12 9.45 7.80
C GLN A 20 14.06 8.33 7.34
N ASN A 21 13.61 7.10 7.54
CA ASN A 21 14.41 5.95 7.16
C ASN A 21 14.03 5.53 5.74
N GLY A 22 13.75 6.52 4.91
CA GLY A 22 13.38 6.28 3.53
C GLY A 22 11.93 5.80 3.43
N MET A 23 11.63 4.76 4.20
CA MET A 23 10.29 4.20 4.20
C MET A 23 10.27 2.82 4.87
N GLY A 24 10.69 1.83 4.10
CA GLY A 24 10.73 0.46 4.60
C GLY A 24 9.37 -0.24 4.42
N LEU A 25 8.94 -0.28 3.17
CA LEU A 25 7.66 -0.90 2.85
C LEU A 25 7.89 -1.98 1.78
N SER A 26 6.87 -2.82 1.61
CA SER A 26 6.94 -3.89 0.63
C SER A 26 5.55 -4.16 0.05
N ILE A 27 5.46 -4.02 -1.27
CA ILE A 27 4.21 -4.25 -1.96
C ILE A 27 4.46 -5.01 -3.25
N VAL A 28 3.38 -5.38 -3.92
CA VAL A 28 3.48 -6.10 -5.17
C VAL A 28 2.26 -5.80 -6.04
N ALA A 29 2.33 -6.24 -7.29
CA ALA A 29 1.24 -6.02 -8.22
C ALA A 29 1.08 -7.25 -9.11
N ALA A 30 -0.16 -7.53 -9.48
CA ALA A 30 -0.46 -8.67 -10.33
C ALA A 30 -1.18 -8.18 -11.59
N LYS A 31 -0.98 -8.93 -12.67
CA LYS A 31 -1.60 -8.59 -13.94
C LYS A 31 -1.96 -9.87 -14.69
N GLY A 32 -3.24 -10.02 -14.97
CA GLY A 32 -3.73 -11.19 -15.68
C GLY A 32 -3.92 -12.36 -14.72
N ALA A 33 -5.16 -12.51 -14.24
CA ALA A 33 -5.49 -13.58 -13.32
C ALA A 33 -6.91 -14.06 -13.61
N GLY A 34 -7.22 -15.24 -13.09
CA GLY A 34 -8.54 -15.83 -13.28
C GLY A 34 -9.54 -15.25 -12.28
N GLN A 35 -9.57 -13.93 -12.23
CA GLN A 35 -10.48 -13.23 -11.32
C GLN A 35 -10.38 -11.72 -11.53
N ASP A 36 -9.16 -11.28 -11.79
CA ASP A 36 -8.91 -9.86 -12.00
C ASP A 36 -7.62 -9.69 -12.81
N LYS A 37 -7.68 -8.77 -13.77
CA LYS A 37 -6.53 -8.50 -14.61
C LYS A 37 -5.70 -7.38 -13.99
N LEU A 38 -5.63 -7.40 -12.67
CA LEU A 38 -4.88 -6.39 -11.94
C LEU A 38 -5.20 -6.50 -10.45
N GLY A 39 -4.16 -6.74 -9.66
CA GLY A 39 -4.33 -6.86 -8.23
C GLY A 39 -3.03 -6.48 -7.49
N ILE A 40 -3.15 -5.48 -6.64
CA ILE A 40 -2.00 -5.01 -5.87
C ILE A 40 -2.16 -5.45 -4.42
N TYR A 41 -1.02 -5.72 -3.79
CA TYR A 41 -1.02 -6.15 -2.40
C TYR A 41 0.27 -5.69 -1.69
N VAL A 42 0.22 -5.77 -0.37
CA VAL A 42 1.36 -5.37 0.44
C VAL A 42 2.08 -6.63 0.96
N LYS A 43 3.36 -6.70 0.66
CA LYS A 43 4.17 -7.84 1.09
C LYS A 43 4.43 -7.72 2.59
N SER A 44 4.76 -6.51 3.01
CA SER A 44 5.05 -6.25 4.42
C SER A 44 6.01 -5.08 4.55
N VAL A 45 6.28 -4.71 5.79
CA VAL A 45 7.17 -3.60 6.07
C VAL A 45 8.61 -4.12 6.15
N VAL A 46 9.50 -3.44 5.45
CA VAL A 46 10.89 -3.82 5.42
C VAL A 46 11.36 -4.11 6.84
N LYS A 47 10.67 -3.50 7.80
CA LYS A 47 11.00 -3.69 9.20
C LYS A 47 12.25 -2.85 9.55
N GLY A 48 11.99 -1.71 10.18
CA GLY A 48 13.08 -0.83 10.57
C GLY A 48 13.01 0.49 9.79
N GLY A 49 11.88 0.70 9.13
CA GLY A 49 11.67 1.90 8.35
C GLY A 49 10.93 2.96 9.16
N ALA A 50 10.80 4.13 8.56
CA ALA A 50 10.12 5.24 9.23
C ALA A 50 8.60 4.97 9.22
N ALA A 51 8.08 4.82 8.01
CA ALA A 51 6.65 4.56 7.85
C ALA A 51 6.37 3.10 8.21
N ASP A 52 7.43 2.34 8.39
CA ASP A 52 7.31 0.93 8.74
C ASP A 52 7.01 0.81 10.23
N VAL A 53 7.86 1.42 11.03
CA VAL A 53 7.71 1.39 12.48
C VAL A 53 6.58 2.34 12.89
N ASP A 54 6.47 3.42 12.13
CA ASP A 54 5.43 4.40 12.41
C ASP A 54 4.09 3.91 11.86
N GLY A 55 4.13 3.47 10.61
CA GLY A 55 2.94 2.96 9.96
C GLY A 55 2.49 1.64 10.58
N ARG A 56 3.45 0.73 10.69
CA ARG A 56 3.19 -0.59 11.26
C ARG A 56 2.04 -1.27 10.50
N LEU A 57 2.12 -1.19 9.18
CA LEU A 57 1.11 -1.80 8.33
C LEU A 57 1.19 -3.32 8.43
N ALA A 58 0.13 -3.97 7.98
CA ALA A 58 0.08 -5.42 8.02
C ALA A 58 0.46 -5.98 6.65
N ALA A 59 0.78 -7.26 6.64
CA ALA A 59 1.16 -7.92 5.40
C ALA A 59 -0.07 -8.57 4.77
N GLY A 60 -0.36 -8.16 3.54
CA GLY A 60 -1.50 -8.69 2.82
C GLY A 60 -2.50 -7.57 2.47
N ASP A 61 -2.01 -6.35 2.60
CA ASP A 61 -2.84 -5.19 2.31
C ASP A 61 -3.02 -5.06 0.79
N GLN A 62 -4.24 -5.23 0.34
CA GLN A 62 -4.55 -5.13 -1.07
C GLN A 62 -4.52 -3.67 -1.53
N LEU A 63 -3.51 -3.36 -2.32
CA LEU A 63 -3.35 -2.00 -2.83
C LEU A 63 -4.12 -1.87 -4.15
N LEU A 64 -4.52 -0.64 -4.43
CA LEU A 64 -5.27 -0.36 -5.65
C LEU A 64 -4.84 1.01 -6.20
N SER A 65 -4.68 1.95 -5.28
CA SER A 65 -4.28 3.29 -5.66
C SER A 65 -2.95 3.64 -4.99
N VAL A 66 -2.38 4.76 -5.44
CA VAL A 66 -1.11 5.22 -4.90
C VAL A 66 -1.28 6.62 -4.32
N ASP A 67 -0.17 7.19 -3.89
CA ASP A 67 -0.19 8.53 -3.31
C ASP A 67 -0.59 9.53 -4.39
N GLY A 68 -1.76 10.14 -4.20
CA GLY A 68 -2.26 11.12 -5.13
C GLY A 68 -2.37 10.53 -6.54
N ARG A 69 -2.26 9.21 -6.61
CA ARG A 69 -2.34 8.51 -7.88
C ARG A 69 -3.35 7.36 -7.79
N SER A 70 -4.62 7.73 -7.76
CA SER A 70 -5.68 6.75 -7.67
C SER A 70 -5.67 5.87 -8.92
N LEU A 71 -5.40 4.58 -8.69
CA LEU A 71 -5.35 3.63 -9.79
C LEU A 71 -6.63 2.77 -9.76
N VAL A 72 -7.11 2.53 -8.55
CA VAL A 72 -8.31 1.73 -8.37
C VAL A 72 -7.95 0.25 -8.50
N GLY A 73 -6.71 0.00 -8.87
CA GLY A 73 -6.23 -1.36 -9.03
C GLY A 73 -5.33 -1.49 -10.26
N LEU A 74 -4.24 -0.73 -10.23
CA LEU A 74 -3.29 -0.75 -11.33
C LEU A 74 -2.01 -1.45 -10.87
N SER A 75 -1.11 -1.66 -11.83
CA SER A 75 0.15 -2.33 -11.55
C SER A 75 1.08 -1.37 -10.80
N GLN A 76 2.11 -1.95 -10.20
CA GLN A 76 3.07 -1.16 -9.46
C GLN A 76 3.91 -0.31 -10.41
N GLU A 77 3.78 -0.61 -11.69
CA GLU A 77 4.51 0.12 -12.71
C GLU A 77 4.45 1.63 -12.43
N ARG A 78 3.29 2.20 -12.72
CA ARG A 78 3.09 3.62 -12.51
C ARG A 78 3.25 3.97 -11.03
N ALA A 79 2.54 3.22 -10.20
CA ALA A 79 2.60 3.42 -8.76
C ALA A 79 4.06 3.46 -8.31
N ALA A 80 4.59 2.27 -8.04
CA ALA A 80 5.97 2.14 -7.61
C ALA A 80 6.67 3.51 -7.74
N GLU A 81 7.03 3.84 -8.97
CA GLU A 81 7.70 5.10 -9.24
C GLU A 81 7.07 6.22 -8.39
N LEU A 82 5.86 6.59 -8.77
CA LEU A 82 5.15 7.65 -8.06
C LEU A 82 4.71 7.12 -6.69
N MET A 83 5.26 5.98 -6.33
CA MET A 83 4.93 5.37 -5.04
C MET A 83 6.18 5.22 -4.18
N THR A 84 7.32 5.54 -4.76
CA THR A 84 8.58 5.46 -4.06
C THR A 84 9.09 6.86 -3.70
N ARG A 85 9.10 7.72 -4.71
CA ARG A 85 9.56 9.10 -4.52
C ARG A 85 8.64 9.83 -3.54
N THR A 86 8.57 9.30 -2.33
CA THR A 86 7.73 9.90 -1.30
C THR A 86 8.48 11.05 -0.60
N SER A 87 9.68 10.72 -0.13
CA SER A 87 10.49 11.71 0.56
C SER A 87 9.61 12.66 1.36
N SER A 88 8.83 12.08 2.26
CA SER A 88 7.94 12.87 3.09
C SER A 88 6.82 11.98 3.64
N VAL A 89 5.96 11.54 2.74
CA VAL A 89 4.85 10.68 3.12
C VAL A 89 4.51 9.74 1.96
N VAL A 90 4.03 8.55 2.33
CA VAL A 90 3.67 7.55 1.33
C VAL A 90 2.18 7.23 1.46
N THR A 91 1.39 7.80 0.56
CA THR A 91 -0.04 7.57 0.57
C THR A 91 -0.42 6.56 -0.52
N LEU A 92 -1.29 5.64 -0.14
CA LEU A 92 -1.75 4.61 -1.05
C LEU A 92 -3.03 3.98 -0.51
N GLU A 93 -3.82 3.45 -1.43
CA GLU A 93 -5.08 2.81 -1.06
C GLU A 93 -4.89 1.30 -0.91
N VAL A 94 -4.95 0.85 0.34
CA VAL A 94 -4.79 -0.56 0.63
C VAL A 94 -6.04 -1.09 1.33
N ALA A 95 -6.10 -2.40 1.46
CA ALA A 95 -7.24 -3.04 2.11
C ALA A 95 -6.74 -4.15 3.03
N LYS A 96 -6.97 -3.95 4.32
CA LYS A 96 -6.55 -4.93 5.31
C LYS A 96 -7.43 -6.17 5.19
N GLN A 97 -6.83 -7.24 4.69
CA GLN A 97 -7.55 -8.50 4.52
C GLN A 97 -6.63 -9.56 3.92
N GLY A 98 -5.89 -10.22 4.80
CA GLY A 98 -4.97 -11.26 4.38
C GLY A 98 -3.93 -11.55 5.46
N ALA A 99 -2.87 -12.24 5.04
CA ALA A 99 -1.80 -12.58 5.96
C ALA A 99 -0.47 -12.63 5.20
N ILE A 100 -0.47 -13.38 4.11
CA ILE A 100 0.71 -13.51 3.29
C ILE A 100 0.35 -14.24 2.00
N TYR A 101 0.54 -13.54 0.88
CA TYR A 101 0.25 -14.10 -0.42
C TYR A 101 1.25 -13.62 -1.47
N GLY A 1 -30.93 5.41 6.91
CA GLY A 1 -31.91 4.47 7.45
C GLY A 1 -31.20 3.32 8.18
N PRO A 2 -31.99 2.25 8.45
CA PRO A 2 -31.46 1.08 9.14
C PRO A 2 -30.59 0.24 8.20
N LEU A 3 -31.02 0.16 6.95
CA LEU A 3 -30.29 -0.60 5.96
C LEU A 3 -29.28 0.31 5.26
N GLY A 4 -28.03 -0.11 5.29
CA GLY A 4 -26.97 0.66 4.66
C GLY A 4 -26.06 -0.24 3.82
N SER A 5 -26.20 -0.10 2.51
CA SER A 5 -25.40 -0.89 1.59
C SER A 5 -24.18 -0.09 1.12
N LEU A 6 -23.02 -0.59 1.46
CA LEU A 6 -21.78 0.07 1.08
C LEU A 6 -20.59 -0.82 1.46
N ARG A 7 -20.33 -0.87 2.76
CA ARG A 7 -19.23 -1.67 3.28
C ARG A 7 -17.97 -1.45 2.45
N LYS A 8 -17.14 -0.54 2.93
CA LYS A 8 -15.90 -0.21 2.25
C LYS A 8 -14.76 -1.05 2.82
N GLU A 9 -14.62 -2.25 2.28
CA GLU A 9 -13.59 -3.17 2.73
C GLU A 9 -12.22 -2.48 2.70
N PRO A 10 -11.91 -1.87 1.52
CA PRO A 10 -10.65 -1.18 1.35
C PRO A 10 -10.65 0.17 2.06
N GLU A 11 -9.49 0.79 2.10
CA GLU A 11 -9.34 2.08 2.76
C GLU A 11 -8.03 2.76 2.34
N ILE A 12 -8.01 4.06 2.48
CA ILE A 12 -6.82 4.83 2.12
C ILE A 12 -5.99 5.08 3.38
N ILE A 13 -4.70 4.77 3.27
CA ILE A 13 -3.79 4.95 4.38
C ILE A 13 -2.68 5.93 3.98
N THR A 14 -2.18 6.65 4.97
CA THR A 14 -1.13 7.61 4.72
C THR A 14 0.05 7.37 5.67
N VAL A 15 1.18 7.03 5.08
CA VAL A 15 2.38 6.76 5.86
C VAL A 15 3.39 7.88 5.61
N THR A 16 3.55 8.74 6.62
CA THR A 16 4.48 9.84 6.52
C THR A 16 5.88 9.40 6.96
N LEU A 17 6.87 10.17 6.53
CA LEU A 17 8.25 9.88 6.87
C LEU A 17 8.63 10.63 8.15
N LYS A 18 8.71 9.88 9.23
CA LYS A 18 9.06 10.46 10.52
C LYS A 18 10.59 10.48 10.66
N LYS A 19 11.19 9.32 10.46
CA LYS A 19 12.62 9.19 10.57
C LYS A 19 13.25 9.32 9.17
N GLN A 20 12.38 9.45 8.18
CA GLN A 20 12.82 9.59 6.80
C GLN A 20 13.79 8.46 6.45
N ASN A 21 13.46 7.27 6.91
CA ASN A 21 14.30 6.10 6.66
C ASN A 21 13.73 5.34 5.45
N GLY A 22 13.61 6.06 4.35
CA GLY A 22 13.08 5.47 3.13
C GLY A 22 11.60 5.10 3.28
N MET A 23 11.36 4.06 4.05
CA MET A 23 10.00 3.61 4.29
C MET A 23 9.98 2.21 4.90
N GLY A 24 10.49 1.25 4.13
CA GLY A 24 10.54 -0.13 4.58
C GLY A 24 9.34 -0.92 4.05
N LEU A 25 8.35 -0.18 3.56
CA LEU A 25 7.15 -0.80 3.03
C LEU A 25 7.53 -1.76 1.90
N SER A 26 6.69 -2.77 1.72
CA SER A 26 6.92 -3.76 0.69
C SER A 26 5.60 -4.23 0.10
N ILE A 27 5.36 -3.81 -1.14
CA ILE A 27 4.12 -4.18 -1.82
C ILE A 27 4.47 -4.80 -3.18
N VAL A 28 3.45 -5.36 -3.82
CA VAL A 28 3.63 -5.99 -5.11
C VAL A 28 2.32 -5.91 -5.91
N ALA A 29 2.46 -5.99 -7.22
CA ALA A 29 1.30 -5.92 -8.09
C ALA A 29 1.29 -7.14 -9.01
N ALA A 30 0.10 -7.71 -9.17
CA ALA A 30 -0.06 -8.89 -10.02
C ALA A 30 -0.89 -8.52 -11.25
N LYS A 31 -0.21 -8.03 -12.26
CA LYS A 31 -0.87 -7.64 -13.50
C LYS A 31 -0.61 -8.69 -14.57
N GLY A 32 -1.65 -8.97 -15.35
CA GLY A 32 -1.55 -9.96 -16.41
C GLY A 32 -1.26 -11.35 -15.84
N ALA A 33 -2.32 -12.10 -15.63
CA ALA A 33 -2.19 -13.44 -15.09
C ALA A 33 -3.35 -14.30 -15.62
N GLY A 34 -2.98 -15.35 -16.36
CA GLY A 34 -3.97 -16.25 -16.92
C GLY A 34 -4.77 -15.57 -18.02
N GLN A 35 -5.75 -14.78 -17.59
CA GLN A 35 -6.60 -14.07 -18.53
C GLN A 35 -6.66 -12.58 -18.17
N ASP A 36 -5.48 -11.97 -18.11
CA ASP A 36 -5.39 -10.56 -17.78
C ASP A 36 -5.87 -10.35 -16.33
N LYS A 37 -4.93 -9.94 -15.50
CA LYS A 37 -5.25 -9.70 -14.09
C LYS A 37 -4.61 -8.38 -13.66
N LEU A 38 -4.81 -8.05 -12.38
CA LEU A 38 -4.26 -6.83 -11.84
C LEU A 38 -4.69 -6.70 -10.37
N GLY A 39 -3.81 -7.16 -9.48
CA GLY A 39 -4.10 -7.09 -8.06
C GLY A 39 -2.85 -6.67 -7.28
N ILE A 40 -3.00 -5.58 -6.53
CA ILE A 40 -1.90 -5.07 -5.72
C ILE A 40 -2.08 -5.52 -4.27
N TYR A 41 -0.96 -5.84 -3.65
CA TYR A 41 -0.98 -6.28 -2.27
C TYR A 41 0.30 -5.85 -1.54
N VAL A 42 0.23 -5.89 -0.21
CA VAL A 42 1.37 -5.51 0.61
C VAL A 42 2.09 -6.78 1.09
N LYS A 43 3.37 -6.84 0.76
CA LYS A 43 4.18 -7.99 1.16
C LYS A 43 4.49 -7.89 2.66
N SER A 44 4.95 -6.71 3.05
CA SER A 44 5.29 -6.48 4.45
C SER A 44 6.26 -5.29 4.55
N VAL A 45 6.62 -4.97 5.79
CA VAL A 45 7.53 -3.87 6.05
C VAL A 45 8.94 -4.43 6.30
N VAL A 46 9.92 -3.68 5.82
CA VAL A 46 11.31 -4.08 5.98
C VAL A 46 11.63 -4.22 7.48
N LYS A 47 11.16 -3.25 8.24
CA LYS A 47 11.38 -3.25 9.68
C LYS A 47 12.54 -2.31 10.01
N GLY A 48 12.81 -1.41 9.08
CA GLY A 48 13.89 -0.45 9.26
C GLY A 48 13.66 0.81 8.43
N GLY A 49 12.42 1.27 8.44
CA GLY A 49 12.05 2.45 7.68
C GLY A 49 11.22 3.41 8.53
N ALA A 50 11.03 4.61 8.02
CA ALA A 50 10.25 5.62 8.72
C ALA A 50 8.79 5.16 8.80
N ALA A 51 8.18 5.04 7.63
CA ALA A 51 6.79 4.62 7.56
C ALA A 51 6.69 3.14 7.95
N ASP A 52 7.85 2.53 8.18
CA ASP A 52 7.91 1.14 8.57
C ASP A 52 7.56 1.00 10.04
N VAL A 53 8.29 1.75 10.86
CA VAL A 53 8.07 1.74 12.30
C VAL A 53 6.86 2.60 12.63
N ASP A 54 6.66 3.64 11.82
CA ASP A 54 5.55 4.55 12.03
C ASP A 54 4.28 3.94 11.45
N GLY A 55 4.34 3.61 10.17
CA GLY A 55 3.21 3.02 9.49
C GLY A 55 2.71 1.79 10.23
N ARG A 56 3.60 0.82 10.36
CA ARG A 56 3.26 -0.43 11.05
C ARG A 56 2.03 -1.07 10.40
N LEU A 57 2.03 -1.07 9.08
CA LEU A 57 0.92 -1.65 8.34
C LEU A 57 0.95 -3.18 8.49
N ALA A 58 -0.11 -3.81 8.00
CA ALA A 58 -0.21 -5.26 8.08
C ALA A 58 0.31 -5.86 6.77
N ALA A 59 0.87 -7.06 6.89
CA ALA A 59 1.41 -7.75 5.73
C ALA A 59 0.33 -8.63 5.12
N GLY A 60 0.00 -8.33 3.87
CA GLY A 60 -1.02 -9.08 3.17
C GLY A 60 -2.20 -8.19 2.77
N ASP A 61 -1.93 -6.89 2.78
CA ASP A 61 -2.96 -5.92 2.42
C ASP A 61 -3.16 -5.93 0.91
N GLN A 62 -4.21 -5.23 0.48
CA GLN A 62 -4.53 -5.16 -0.93
C GLN A 62 -4.54 -3.70 -1.40
N LEU A 63 -3.52 -3.36 -2.18
CA LEU A 63 -3.40 -2.00 -2.70
C LEU A 63 -4.20 -1.89 -3.99
N LEU A 64 -4.62 -0.67 -4.28
CA LEU A 64 -5.39 -0.41 -5.49
C LEU A 64 -5.02 0.97 -6.05
N SER A 65 -4.85 1.91 -5.12
CA SER A 65 -4.49 3.27 -5.51
C SER A 65 -3.13 3.63 -4.92
N VAL A 66 -2.56 4.72 -5.44
CA VAL A 66 -1.26 5.18 -4.98
C VAL A 66 -1.35 6.67 -4.64
N ASP A 67 -0.32 7.15 -3.95
CA ASP A 67 -0.28 8.54 -3.56
C ASP A 67 -0.03 9.41 -4.80
N GLY A 68 -0.87 10.42 -4.95
CA GLY A 68 -0.76 11.33 -6.08
C GLY A 68 -1.49 10.77 -7.31
N ARG A 69 -1.87 9.50 -7.21
CA ARG A 69 -2.57 8.85 -8.29
C ARG A 69 -3.51 7.78 -7.74
N SER A 70 -4.80 8.03 -7.91
CA SER A 70 -5.81 7.10 -7.44
C SER A 70 -6.00 5.97 -8.45
N LEU A 71 -5.07 5.03 -8.42
CA LEU A 71 -5.11 3.89 -9.33
C LEU A 71 -6.49 3.23 -9.23
N VAL A 72 -6.82 2.81 -8.01
CA VAL A 72 -8.10 2.15 -7.78
C VAL A 72 -7.98 0.67 -8.11
N GLY A 73 -6.86 0.32 -8.73
CA GLY A 73 -6.62 -1.06 -9.09
C GLY A 73 -5.72 -1.14 -10.33
N LEU A 74 -4.65 -0.35 -10.31
CA LEU A 74 -3.72 -0.33 -11.43
C LEU A 74 -2.43 -1.02 -11.02
N SER A 75 -1.55 -1.21 -12.00
CA SER A 75 -0.28 -1.86 -11.76
C SER A 75 0.66 -0.92 -10.99
N GLN A 76 1.49 -1.52 -10.15
CA GLN A 76 2.43 -0.75 -9.36
C GLN A 76 3.43 -0.04 -10.27
N GLU A 77 3.41 -0.43 -11.55
CA GLU A 77 4.31 0.16 -12.52
C GLU A 77 4.40 1.67 -12.32
N ARG A 78 3.39 2.36 -12.80
CA ARG A 78 3.34 3.81 -12.67
C ARG A 78 3.64 4.23 -11.23
N ALA A 79 2.75 3.82 -10.34
CA ALA A 79 2.90 4.15 -8.92
C ALA A 79 4.34 3.89 -8.50
N ALA A 80 4.60 2.65 -8.15
CA ALA A 80 5.94 2.25 -7.71
C ALA A 80 6.86 3.46 -7.75
N GLU A 81 7.43 3.70 -8.94
CA GLU A 81 8.33 4.83 -9.11
C GLU A 81 7.76 6.09 -8.44
N LEU A 82 6.64 6.54 -8.98
CA LEU A 82 5.99 7.73 -8.44
C LEU A 82 5.34 7.38 -7.10
N MET A 83 5.71 6.23 -6.58
CA MET A 83 5.17 5.77 -5.31
C MET A 83 6.28 5.57 -4.29
N THR A 84 7.50 5.48 -4.80
CA THR A 84 8.66 5.27 -3.94
C THR A 84 9.23 6.63 -3.50
N ARG A 85 9.54 7.45 -4.49
CA ARG A 85 10.10 8.76 -4.23
C ARG A 85 9.06 9.64 -3.52
N THR A 86 8.63 9.19 -2.35
CA THR A 86 7.65 9.92 -1.58
C THR A 86 8.33 10.99 -0.72
N SER A 87 9.26 10.53 0.11
CA SER A 87 9.98 11.43 0.98
C SER A 87 9.03 12.06 2.00
N SER A 88 8.02 12.74 1.48
CA SER A 88 7.04 13.39 2.34
C SER A 88 6.15 12.33 3.01
N VAL A 89 5.18 11.86 2.25
CA VAL A 89 4.26 10.85 2.75
C VAL A 89 3.85 9.93 1.61
N VAL A 90 3.50 8.70 1.97
CA VAL A 90 3.09 7.71 1.00
C VAL A 90 1.62 7.33 1.24
N THR A 91 0.74 8.02 0.53
CA THR A 91 -0.69 7.77 0.66
C THR A 91 -1.17 6.83 -0.45
N LEU A 92 -1.50 5.61 -0.05
CA LEU A 92 -1.97 4.62 -0.99
C LEU A 92 -3.26 3.98 -0.46
N GLU A 93 -4.02 3.40 -1.38
CA GLU A 93 -5.27 2.76 -1.02
C GLU A 93 -5.07 1.25 -0.85
N VAL A 94 -5.13 0.81 0.40
CA VAL A 94 -4.95 -0.59 0.70
C VAL A 94 -6.24 -1.14 1.33
N ALA A 95 -6.38 -2.45 1.26
CA ALA A 95 -7.55 -3.10 1.82
C ALA A 95 -7.10 -4.23 2.75
N LYS A 96 -7.56 -4.14 3.99
CA LYS A 96 -7.21 -5.14 4.99
C LYS A 96 -7.68 -6.52 4.51
N GLN A 97 -6.92 -7.53 4.89
CA GLN A 97 -7.24 -8.90 4.50
C GLN A 97 -6.43 -9.89 5.34
N GLY A 98 -5.13 -9.87 5.11
CA GLY A 98 -4.23 -10.75 5.83
C GLY A 98 -3.79 -11.93 4.95
N ALA A 99 -2.48 -12.00 4.74
CA ALA A 99 -1.91 -13.05 3.92
C ALA A 99 -0.39 -13.00 4.01
N ILE A 100 0.25 -13.89 3.26
CA ILE A 100 1.70 -13.96 3.25
C ILE A 100 2.19 -14.23 1.82
N TYR A 101 3.50 -14.30 1.69
CA TYR A 101 4.11 -14.54 0.39
C TYR A 101 5.20 -15.62 0.48
N GLY A 1 -23.22 0.51 3.97
CA GLY A 1 -23.83 1.35 4.98
C GLY A 1 -22.81 2.33 5.57
N PRO A 2 -23.34 3.43 6.16
CA PRO A 2 -22.49 4.44 6.76
C PRO A 2 -21.93 3.96 8.10
N LEU A 3 -20.95 3.07 8.01
CA LEU A 3 -20.32 2.52 9.20
C LEU A 3 -19.08 3.35 9.55
N GLY A 4 -18.78 3.38 10.84
CA GLY A 4 -17.63 4.13 11.32
C GLY A 4 -16.98 3.43 12.52
N SER A 5 -15.95 2.64 12.23
CA SER A 5 -15.25 1.93 13.26
C SER A 5 -13.75 2.24 13.20
N LEU A 6 -13.03 1.79 14.22
CA LEU A 6 -11.60 2.02 14.29
C LEU A 6 -10.88 0.67 14.40
N ARG A 7 -10.35 0.22 13.27
CA ARG A 7 -9.64 -1.04 13.23
C ARG A 7 -9.29 -1.40 11.78
N LYS A 8 -8.41 -2.40 11.65
CA LYS A 8 -8.00 -2.84 10.33
C LYS A 8 -9.23 -2.99 9.43
N GLU A 9 -9.14 -2.35 8.27
CA GLU A 9 -10.22 -2.41 7.32
C GLU A 9 -9.79 -1.77 5.98
N PRO A 10 -10.68 -1.92 4.97
CA PRO A 10 -10.40 -1.37 3.64
C PRO A 10 -10.59 0.15 3.64
N GLU A 11 -9.58 0.83 3.11
CA GLU A 11 -9.63 2.28 3.03
C GLU A 11 -8.29 2.83 2.54
N ILE A 12 -8.19 4.15 2.52
CA ILE A 12 -6.97 4.81 2.08
C ILE A 12 -6.15 5.23 3.30
N ILE A 13 -4.94 4.71 3.37
CA ILE A 13 -4.05 5.02 4.48
C ILE A 13 -2.93 5.95 3.99
N THR A 14 -2.47 6.80 4.90
CA THR A 14 -1.42 7.74 4.56
C THR A 14 -0.34 7.72 5.65
N VAL A 15 0.85 7.27 5.26
CA VAL A 15 1.97 7.20 6.18
C VAL A 15 3.04 8.20 5.76
N THR A 16 3.41 9.06 6.70
CA THR A 16 4.42 10.07 6.42
C THR A 16 5.76 9.66 7.04
N LEU A 17 6.82 9.89 6.27
CA LEU A 17 8.15 9.55 6.73
C LEU A 17 8.49 10.37 7.97
N LYS A 18 8.49 9.69 9.11
CA LYS A 18 8.79 10.33 10.37
C LYS A 18 10.29 10.22 10.65
N LYS A 19 10.79 9.00 10.54
CA LYS A 19 12.20 8.75 10.78
C LYS A 19 12.98 8.98 9.48
N GLN A 20 12.24 9.21 8.42
CA GLN A 20 12.84 9.46 7.12
C GLN A 20 13.84 8.34 6.78
N ASN A 21 13.44 7.12 7.11
CA ASN A 21 14.28 5.96 6.85
C ASN A 21 13.91 5.36 5.49
N GLY A 22 13.92 6.22 4.48
CA GLY A 22 13.58 5.79 3.13
C GLY A 22 12.11 5.39 3.03
N MET A 23 11.74 4.41 3.85
CA MET A 23 10.36 3.93 3.86
C MET A 23 10.25 2.64 4.67
N GLY A 24 10.68 1.55 4.05
CA GLY A 24 10.63 0.24 4.69
C GLY A 24 9.30 -0.46 4.41
N LEU A 25 8.77 -0.19 3.23
CA LEU A 25 7.51 -0.79 2.82
C LEU A 25 7.76 -1.83 1.73
N SER A 26 6.88 -2.81 1.68
CA SER A 26 7.00 -3.88 0.70
C SER A 26 5.62 -4.21 0.11
N ILE A 27 5.44 -3.81 -1.14
CA ILE A 27 4.19 -4.06 -1.83
C ILE A 27 4.47 -4.73 -3.17
N VAL A 28 3.40 -5.18 -3.81
CA VAL A 28 3.52 -5.85 -5.09
C VAL A 28 2.23 -5.62 -5.90
N ALA A 29 2.36 -5.76 -7.21
CA ALA A 29 1.22 -5.57 -8.09
C ALA A 29 1.26 -6.64 -9.19
N ALA A 30 0.11 -7.24 -9.43
CA ALA A 30 0.00 -8.28 -10.44
C ALA A 30 -0.80 -7.74 -11.63
N LYS A 31 -0.56 -8.34 -12.79
CA LYS A 31 -1.24 -7.93 -14.00
C LYS A 31 -1.88 -9.15 -14.66
N GLY A 32 -2.78 -8.88 -15.60
CA GLY A 32 -3.46 -9.94 -16.32
C GLY A 32 -4.17 -9.40 -17.56
N ALA A 33 -5.23 -10.11 -17.95
CA ALA A 33 -6.00 -9.70 -19.11
C ALA A 33 -7.49 -9.88 -18.81
N GLY A 34 -8.22 -8.77 -18.88
CA GLY A 34 -9.64 -8.79 -18.63
C GLY A 34 -9.93 -8.99 -17.13
N GLN A 35 -9.78 -10.23 -16.69
CA GLN A 35 -10.02 -10.57 -15.30
C GLN A 35 -9.39 -11.92 -14.96
N ASP A 36 -8.14 -11.86 -14.54
CA ASP A 36 -7.41 -13.07 -14.19
C ASP A 36 -6.61 -12.82 -12.91
N LYS A 37 -5.77 -11.81 -12.96
CA LYS A 37 -4.95 -11.46 -11.81
C LYS A 37 -4.35 -10.06 -12.02
N LEU A 38 -5.07 -9.07 -11.50
CA LEU A 38 -4.63 -7.69 -11.62
C LEU A 38 -5.00 -6.92 -10.35
N GLY A 39 -3.98 -6.36 -9.71
CA GLY A 39 -4.19 -5.61 -8.49
C GLY A 39 -2.88 -5.46 -7.71
N ILE A 40 -2.95 -4.66 -6.66
CA ILE A 40 -1.78 -4.43 -5.82
C ILE A 40 -1.97 -5.11 -4.47
N TYR A 41 -0.87 -5.21 -3.74
CA TYR A 41 -0.92 -5.85 -2.42
C TYR A 41 0.31 -5.44 -1.59
N VAL A 42 0.19 -5.66 -0.28
CA VAL A 42 1.26 -5.32 0.64
C VAL A 42 1.95 -6.61 1.10
N LYS A 43 3.22 -6.70 0.77
CA LYS A 43 4.01 -7.87 1.15
C LYS A 43 4.31 -7.81 2.64
N SER A 44 4.87 -6.68 3.06
CA SER A 44 5.21 -6.49 4.46
C SER A 44 6.08 -5.24 4.61
N VAL A 45 6.34 -4.89 5.87
CA VAL A 45 7.15 -3.72 6.16
C VAL A 45 8.57 -4.17 6.53
N VAL A 46 9.54 -3.46 5.97
CA VAL A 46 10.94 -3.78 6.23
C VAL A 46 11.11 -4.11 7.71
N LYS A 47 10.30 -3.47 8.53
CA LYS A 47 10.35 -3.68 9.96
C LYS A 47 11.40 -2.75 10.58
N GLY A 48 11.91 -1.86 9.75
CA GLY A 48 12.92 -0.92 10.20
C GLY A 48 12.89 0.36 9.36
N GLY A 49 11.67 0.76 8.99
CA GLY A 49 11.49 1.96 8.19
C GLY A 49 10.63 2.98 8.92
N ALA A 50 10.48 4.14 8.30
CA ALA A 50 9.67 5.21 8.88
C ALA A 50 8.20 4.83 8.81
N ALA A 51 7.71 4.70 7.59
CA ALA A 51 6.32 4.35 7.37
C ALA A 51 6.09 2.90 7.84
N ASP A 52 7.18 2.16 7.92
CA ASP A 52 7.12 0.78 8.34
C ASP A 52 6.69 0.71 9.82
N VAL A 53 7.42 1.46 10.64
CA VAL A 53 7.13 1.51 12.06
C VAL A 53 5.94 2.42 12.31
N ASP A 54 6.10 3.67 11.88
CA ASP A 54 5.04 4.66 12.05
C ASP A 54 3.73 4.11 11.47
N GLY A 55 3.83 3.66 10.22
CA GLY A 55 2.66 3.11 9.54
C GLY A 55 2.21 1.81 10.20
N ARG A 56 3.16 0.89 10.33
CA ARG A 56 2.87 -0.40 10.93
C ARG A 56 1.71 -1.08 10.22
N LEU A 57 1.76 -1.04 8.89
CA LEU A 57 0.73 -1.64 8.08
C LEU A 57 0.82 -3.17 8.18
N ALA A 58 -0.30 -3.82 7.91
CA ALA A 58 -0.35 -5.27 7.98
C ALA A 58 0.26 -5.85 6.70
N ALA A 59 0.81 -7.05 6.84
CA ALA A 59 1.43 -7.73 5.71
C ALA A 59 0.42 -8.69 5.08
N GLY A 60 0.05 -8.38 3.85
CA GLY A 60 -0.91 -9.21 3.13
C GLY A 60 -2.17 -8.42 2.80
N ASP A 61 -2.01 -7.11 2.67
CA ASP A 61 -3.12 -6.24 2.36
C ASP A 61 -3.22 -6.06 0.83
N GLN A 62 -4.42 -5.71 0.39
CA GLN A 62 -4.66 -5.51 -1.03
C GLN A 62 -4.68 -4.01 -1.35
N LEU A 63 -3.73 -3.60 -2.17
CA LEU A 63 -3.62 -2.20 -2.57
C LEU A 63 -4.19 -2.04 -3.98
N LEU A 64 -4.58 -0.81 -4.28
CA LEU A 64 -5.15 -0.50 -5.58
C LEU A 64 -4.77 0.93 -5.98
N SER A 65 -4.66 1.78 -4.96
CA SER A 65 -4.30 3.17 -5.19
C SER A 65 -2.90 3.45 -4.63
N VAL A 66 -2.24 4.43 -5.23
CA VAL A 66 -0.91 4.79 -4.80
C VAL A 66 -0.88 6.30 -4.51
N ASP A 67 0.17 6.71 -3.80
CA ASP A 67 0.33 8.11 -3.44
C ASP A 67 0.64 8.92 -4.72
N GLY A 68 -0.17 9.93 -4.94
CA GLY A 68 0.00 10.78 -6.11
C GLY A 68 -0.82 10.27 -7.29
N ARG A 69 -1.28 9.03 -7.16
CA ARG A 69 -2.08 8.41 -8.21
C ARG A 69 -3.10 7.46 -7.60
N SER A 70 -4.35 7.90 -7.58
CA SER A 70 -5.42 7.10 -7.03
C SER A 70 -5.76 5.95 -7.99
N LEU A 71 -4.76 5.11 -8.22
CA LEU A 71 -4.95 3.97 -9.11
C LEU A 71 -6.34 3.39 -8.92
N VAL A 72 -6.58 2.86 -7.73
CA VAL A 72 -7.87 2.27 -7.41
C VAL A 72 -7.87 0.81 -7.83
N GLY A 73 -6.84 0.43 -8.57
CA GLY A 73 -6.72 -0.94 -9.03
C GLY A 73 -5.83 -1.01 -10.28
N LEU A 74 -4.65 -0.41 -10.17
CA LEU A 74 -3.70 -0.41 -11.27
C LEU A 74 -2.40 -1.07 -10.83
N SER A 75 -1.51 -1.25 -11.78
CA SER A 75 -0.23 -1.87 -11.50
C SER A 75 0.67 -0.89 -10.75
N GLN A 76 1.65 -1.45 -10.05
CA GLN A 76 2.58 -0.64 -9.29
C GLN A 76 3.70 -0.10 -10.20
N GLU A 77 3.78 -0.70 -11.37
CA GLU A 77 4.79 -0.29 -12.34
C GLU A 77 4.93 1.22 -12.36
N ARG A 78 3.81 1.89 -12.59
CA ARG A 78 3.79 3.34 -12.63
C ARG A 78 3.65 3.91 -11.21
N ALA A 79 2.59 3.49 -10.54
CA ALA A 79 2.33 3.95 -9.19
C ALA A 79 3.62 3.88 -8.38
N ALA A 80 4.10 2.66 -8.18
CA ALA A 80 5.32 2.44 -7.42
C ALA A 80 6.26 3.64 -7.64
N GLU A 81 6.87 3.66 -8.81
CA GLU A 81 7.79 4.73 -9.16
C GLU A 81 7.31 6.06 -8.57
N LEU A 82 6.25 6.58 -9.17
CA LEU A 82 5.68 7.84 -8.72
C LEU A 82 5.59 7.83 -7.19
N MET A 83 5.46 6.64 -6.64
CA MET A 83 5.37 6.48 -5.19
C MET A 83 6.75 6.38 -4.56
N THR A 84 7.67 5.82 -5.33
CA THR A 84 9.04 5.66 -4.87
C THR A 84 9.59 6.99 -4.34
N ARG A 85 9.48 8.01 -5.18
CA ARG A 85 9.96 9.33 -4.82
C ARG A 85 9.05 9.94 -3.75
N THR A 86 8.94 9.23 -2.63
CA THR A 86 8.12 9.69 -1.53
C THR A 86 8.90 10.70 -0.68
N SER A 87 10.09 10.29 -0.26
CA SER A 87 10.93 11.14 0.55
C SER A 87 10.17 12.42 0.93
N SER A 88 9.23 12.27 1.85
CA SER A 88 8.43 13.40 2.30
C SER A 88 7.10 12.91 2.86
N VAL A 89 6.47 12.03 2.11
CA VAL A 89 5.18 11.48 2.52
C VAL A 89 4.73 10.44 1.50
N VAL A 90 4.18 9.35 2.02
CA VAL A 90 3.69 8.27 1.16
C VAL A 90 2.29 7.88 1.59
N THR A 91 1.49 7.49 0.61
CA THR A 91 0.11 7.09 0.87
C THR A 91 -0.36 6.10 -0.19
N LEU A 92 -1.20 5.17 0.25
CA LEU A 92 -1.73 4.15 -0.66
C LEU A 92 -3.10 3.71 -0.14
N GLU A 93 -3.83 3.03 -1.03
CA GLU A 93 -5.16 2.54 -0.69
C GLU A 93 -5.15 1.02 -0.57
N VAL A 94 -5.37 0.55 0.65
CA VAL A 94 -5.38 -0.88 0.91
C VAL A 94 -6.83 -1.35 1.09
N ALA A 95 -7.02 -2.65 0.98
CA ALA A 95 -8.34 -3.23 1.12
C ALA A 95 -8.21 -4.66 1.66
N LYS A 96 -9.17 -5.04 2.49
CA LYS A 96 -9.17 -6.36 3.08
C LYS A 96 -10.21 -7.23 2.35
N GLN A 97 -9.83 -8.48 2.12
CA GLN A 97 -10.71 -9.43 1.45
C GLN A 97 -9.98 -10.74 1.20
N GLY A 98 -10.30 -11.72 2.04
CA GLY A 98 -9.68 -13.04 1.92
C GLY A 98 -8.21 -12.99 2.32
N ALA A 99 -7.35 -12.86 1.31
CA ALA A 99 -5.92 -12.80 1.56
C ALA A 99 -5.45 -14.14 2.13
N ILE A 100 -4.74 -14.87 1.28
CA ILE A 100 -4.22 -16.18 1.67
C ILE A 100 -3.28 -16.71 0.59
N TYR A 101 -2.52 -17.73 0.96
CA TYR A 101 -1.58 -18.32 0.03
C TYR A 101 -1.10 -19.69 0.54
N GLY A 1 -23.58 9.32 -10.31
CA GLY A 1 -23.89 9.74 -8.95
C GLY A 1 -22.93 9.10 -7.95
N PRO A 2 -21.79 9.81 -7.71
CA PRO A 2 -20.78 9.32 -6.77
C PRO A 2 -21.25 9.51 -5.33
N LEU A 3 -20.72 8.65 -4.46
CA LEU A 3 -21.07 8.70 -3.06
C LEU A 3 -20.02 7.95 -2.24
N GLY A 4 -19.92 8.32 -0.97
CA GLY A 4 -18.96 7.69 -0.09
C GLY A 4 -19.02 8.31 1.31
N SER A 5 -18.59 7.53 2.29
CA SER A 5 -18.58 7.99 3.67
C SER A 5 -17.98 6.91 4.58
N LEU A 6 -17.99 7.20 5.87
CA LEU A 6 -17.45 6.28 6.85
C LEU A 6 -15.99 5.98 6.51
N ARG A 7 -15.33 5.30 7.45
CA ARG A 7 -13.93 4.96 7.26
C ARG A 7 -13.61 3.64 8.00
N LYS A 8 -13.17 2.67 7.21
CA LYS A 8 -12.84 1.37 7.77
C LYS A 8 -11.41 1.01 7.38
N GLU A 9 -10.96 -0.15 7.86
CA GLU A 9 -9.61 -0.62 7.58
C GLU A 9 -9.28 -0.39 6.10
N PRO A 10 -10.16 -0.93 5.22
CA PRO A 10 -9.97 -0.80 3.78
C PRO A 10 -10.31 0.62 3.31
N GLU A 11 -9.30 1.29 2.79
CA GLU A 11 -9.48 2.65 2.30
C GLU A 11 -8.13 3.28 1.95
N ILE A 12 -8.13 4.59 1.84
CA ILE A 12 -6.92 5.32 1.51
C ILE A 12 -6.14 5.60 2.80
N ILE A 13 -4.99 4.93 2.91
CA ILE A 13 -4.14 5.09 4.08
C ILE A 13 -3.00 6.06 3.74
N THR A 14 -2.66 6.88 4.72
CA THR A 14 -1.59 7.85 4.54
C THR A 14 -0.46 7.59 5.55
N VAL A 15 0.67 7.15 5.03
CA VAL A 15 1.82 6.86 5.86
C VAL A 15 2.87 7.95 5.65
N THR A 16 3.14 8.69 6.73
CA THR A 16 4.11 9.76 6.68
C THR A 16 5.43 9.30 7.30
N LEU A 17 6.51 9.89 6.82
CA LEU A 17 7.84 9.56 7.32
C LEU A 17 8.06 10.24 8.66
N LYS A 18 8.29 9.42 9.68
CA LYS A 18 8.52 9.94 11.02
C LYS A 18 10.02 9.96 11.30
N LYS A 19 10.66 8.83 11.03
CA LYS A 19 12.09 8.70 11.25
C LYS A 19 12.83 9.04 9.95
N GLN A 20 12.05 9.28 8.90
CA GLN A 20 12.61 9.60 7.61
C GLN A 20 13.60 8.51 7.17
N ASN A 21 13.22 7.27 7.44
CA ASN A 21 14.06 6.15 7.08
C ASN A 21 13.70 5.67 5.66
N GLY A 22 13.52 6.65 4.78
CA GLY A 22 13.18 6.34 3.40
C GLY A 22 11.73 5.84 3.30
N MET A 23 11.45 4.79 4.04
CA MET A 23 10.12 4.21 4.03
C MET A 23 10.13 2.81 4.66
N GLY A 24 10.68 1.86 3.91
CA GLY A 24 10.75 0.49 4.37
C GLY A 24 9.42 -0.23 4.19
N LEU A 25 8.97 -0.28 2.94
CA LEU A 25 7.72 -0.93 2.62
C LEU A 25 7.97 -2.00 1.55
N SER A 26 7.03 -2.93 1.47
CA SER A 26 7.13 -4.02 0.50
C SER A 26 5.74 -4.37 -0.02
N ILE A 27 5.51 -4.03 -1.29
CA ILE A 27 4.24 -4.31 -1.91
C ILE A 27 4.48 -4.97 -3.28
N VAL A 28 3.39 -5.43 -3.88
CA VAL A 28 3.48 -6.08 -5.18
C VAL A 28 2.16 -5.87 -5.93
N ALA A 29 2.23 -6.02 -7.24
CA ALA A 29 1.06 -5.87 -8.09
C ALA A 29 1.06 -6.95 -9.16
N ALA A 30 -0.08 -7.64 -9.25
CA ALA A 30 -0.22 -8.71 -10.23
C ALA A 30 -1.06 -8.20 -11.41
N LYS A 31 -0.84 -8.82 -12.56
CA LYS A 31 -1.55 -8.43 -13.76
C LYS A 31 -2.08 -9.70 -14.45
N GLY A 32 -2.94 -9.47 -15.43
CA GLY A 32 -3.52 -10.58 -16.19
C GLY A 32 -2.48 -11.68 -16.43
N ALA A 33 -2.78 -12.85 -15.88
CA ALA A 33 -1.88 -13.99 -16.03
C ALA A 33 -2.71 -15.25 -16.26
N GLY A 34 -2.46 -15.90 -17.38
CA GLY A 34 -3.17 -17.11 -17.73
C GLY A 34 -4.62 -16.82 -18.08
N GLN A 35 -5.43 -16.65 -17.04
CA GLN A 35 -6.84 -16.37 -17.21
C GLN A 35 -7.17 -14.96 -16.70
N ASP A 36 -6.48 -14.58 -15.63
CA ASP A 36 -6.69 -13.28 -15.04
C ASP A 36 -6.28 -13.32 -13.56
N LYS A 37 -5.45 -12.36 -13.17
CA LYS A 37 -4.99 -12.28 -11.81
C LYS A 37 -4.32 -10.91 -11.58
N LEU A 38 -5.15 -9.89 -11.55
CA LEU A 38 -4.66 -8.54 -11.33
C LEU A 38 -5.08 -8.05 -9.95
N GLY A 39 -4.12 -7.45 -9.26
CA GLY A 39 -4.37 -6.94 -7.92
C GLY A 39 -3.06 -6.59 -7.21
N ILE A 40 -3.15 -5.59 -6.35
CA ILE A 40 -1.99 -5.14 -5.60
C ILE A 40 -2.12 -5.59 -4.15
N TYR A 41 -0.98 -5.92 -3.55
CA TYR A 41 -0.95 -6.36 -2.17
C TYR A 41 0.35 -5.93 -1.49
N VAL A 42 0.32 -5.94 -0.16
CA VAL A 42 1.48 -5.56 0.62
C VAL A 42 2.20 -6.82 1.10
N LYS A 43 3.48 -6.90 0.74
CA LYS A 43 4.28 -8.05 1.12
C LYS A 43 4.63 -7.95 2.61
N SER A 44 5.15 -6.79 2.99
CA SER A 44 5.52 -6.55 4.37
C SER A 44 6.36 -5.27 4.48
N VAL A 45 6.64 -4.90 5.72
CA VAL A 45 7.42 -3.70 5.97
C VAL A 45 8.89 -4.09 6.19
N VAL A 46 9.77 -3.33 5.57
CA VAL A 46 11.20 -3.59 5.70
C VAL A 46 11.52 -3.97 7.15
N LYS A 47 10.76 -3.39 8.07
CA LYS A 47 10.95 -3.66 9.48
C LYS A 47 12.02 -2.73 10.04
N GLY A 48 12.45 -1.81 9.20
CA GLY A 48 13.46 -0.84 9.59
C GLY A 48 13.29 0.48 8.84
N GLY A 49 12.04 0.84 8.62
CA GLY A 49 11.72 2.07 7.92
C GLY A 49 10.89 3.01 8.81
N ALA A 50 10.65 4.20 8.28
CA ALA A 50 9.89 5.20 9.01
C ALA A 50 8.40 4.80 9.00
N ALA A 51 7.89 4.60 7.78
CA ALA A 51 6.50 4.23 7.62
C ALA A 51 6.32 2.76 8.01
N ASP A 52 7.46 2.09 8.19
CA ASP A 52 7.43 0.69 8.58
C ASP A 52 7.16 0.57 10.07
N VAL A 53 7.95 1.30 10.85
CA VAL A 53 7.81 1.29 12.29
C VAL A 53 6.67 2.22 12.70
N ASP A 54 6.52 3.29 11.91
CA ASP A 54 5.47 4.26 12.17
C ASP A 54 4.14 3.74 11.62
N GLY A 55 4.15 3.41 10.35
CA GLY A 55 2.96 2.89 9.69
C GLY A 55 2.51 1.58 10.33
N ARG A 56 3.47 0.66 10.44
CA ARG A 56 3.19 -0.65 11.02
C ARG A 56 2.04 -1.32 10.28
N LEU A 57 2.12 -1.27 8.96
CA LEU A 57 1.10 -1.88 8.12
C LEU A 57 1.16 -3.39 8.25
N ALA A 58 0.04 -4.03 7.98
CA ALA A 58 -0.04 -5.48 8.07
C ALA A 58 0.42 -6.09 6.74
N ALA A 59 1.10 -7.23 6.86
CA ALA A 59 1.60 -7.92 5.68
C ALA A 59 0.49 -8.79 5.10
N GLY A 60 0.13 -8.48 3.86
CA GLY A 60 -0.92 -9.23 3.18
C GLY A 60 -2.09 -8.32 2.81
N ASP A 61 -1.82 -7.02 2.85
CA ASP A 61 -2.84 -6.05 2.52
C ASP A 61 -3.09 -6.05 1.01
N GLN A 62 -4.13 -5.33 0.60
CA GLN A 62 -4.48 -5.25 -0.80
C GLN A 62 -4.51 -3.78 -1.25
N LEU A 63 -3.52 -3.42 -2.05
CA LEU A 63 -3.42 -2.06 -2.56
C LEU A 63 -4.24 -1.94 -3.84
N LEU A 64 -4.64 -0.71 -4.14
CA LEU A 64 -5.42 -0.45 -5.34
C LEU A 64 -5.01 0.91 -5.91
N SER A 65 -4.79 1.86 -5.02
CA SER A 65 -4.39 3.20 -5.43
C SER A 65 -3.03 3.55 -4.83
N VAL A 66 -2.45 4.62 -5.36
CA VAL A 66 -1.15 5.06 -4.89
C VAL A 66 -1.23 6.55 -4.54
N ASP A 67 -0.17 7.04 -3.90
CA ASP A 67 -0.11 8.43 -3.51
C ASP A 67 0.06 9.30 -4.77
N GLY A 68 -0.72 10.37 -4.82
CA GLY A 68 -0.66 11.28 -5.94
C GLY A 68 -1.06 10.57 -7.24
N ARG A 69 -1.52 9.34 -7.08
CA ARG A 69 -1.93 8.54 -8.23
C ARG A 69 -2.99 7.52 -7.81
N SER A 70 -4.23 7.96 -7.82
CA SER A 70 -5.34 7.10 -7.44
C SER A 70 -5.55 6.03 -8.51
N LEU A 71 -4.88 4.90 -8.31
CA LEU A 71 -4.98 3.79 -9.25
C LEU A 71 -6.37 3.16 -9.13
N VAL A 72 -6.73 2.82 -7.90
CA VAL A 72 -8.02 2.21 -7.63
C VAL A 72 -7.95 0.72 -7.94
N GLY A 73 -6.81 0.32 -8.50
CA GLY A 73 -6.60 -1.08 -8.84
C GLY A 73 -5.76 -1.21 -10.12
N LEU A 74 -4.59 -0.58 -10.09
CA LEU A 74 -3.69 -0.61 -11.22
C LEU A 74 -2.36 -1.24 -10.80
N SER A 75 -1.50 -1.46 -11.79
CA SER A 75 -0.20 -2.06 -11.53
C SER A 75 0.71 -1.04 -10.84
N GLN A 76 1.65 -1.56 -10.08
CA GLN A 76 2.59 -0.72 -9.36
C GLN A 76 3.51 0.00 -10.35
N GLU A 77 3.41 -0.39 -11.60
CA GLU A 77 4.22 0.21 -12.65
C GLU A 77 4.31 1.72 -12.44
N ARG A 78 3.21 2.40 -12.77
CA ARG A 78 3.15 3.84 -12.62
C ARG A 78 3.47 4.25 -11.19
N ALA A 79 2.66 3.74 -10.27
CA ALA A 79 2.85 4.05 -8.85
C ALA A 79 4.32 3.87 -8.49
N ALA A 80 4.67 2.63 -8.17
CA ALA A 80 6.03 2.30 -7.80
C ALA A 80 6.90 3.56 -7.89
N GLU A 81 7.32 3.86 -9.11
CA GLU A 81 8.15 5.03 -9.35
C GLU A 81 7.61 6.23 -8.56
N LEU A 82 6.44 6.69 -8.98
CA LEU A 82 5.81 7.83 -8.32
C LEU A 82 5.25 7.38 -6.97
N MET A 83 5.68 6.20 -6.54
CA MET A 83 5.22 5.66 -5.27
C MET A 83 6.40 5.45 -4.32
N THR A 84 7.60 5.53 -4.87
CA THR A 84 8.81 5.36 -4.08
C THR A 84 9.38 6.72 -3.69
N ARG A 85 9.66 7.52 -4.71
CA ARG A 85 10.21 8.85 -4.47
C ARG A 85 9.18 9.75 -3.79
N THR A 86 8.71 9.28 -2.64
CA THR A 86 7.73 10.03 -1.87
C THR A 86 8.42 11.02 -0.95
N SER A 87 9.32 10.50 -0.14
CA SER A 87 10.06 11.32 0.80
C SER A 87 9.18 12.49 1.28
N SER A 88 8.35 12.19 2.27
CA SER A 88 7.46 13.19 2.82
C SER A 88 6.20 12.53 3.37
N VAL A 89 5.53 11.77 2.51
CA VAL A 89 4.32 11.08 2.89
C VAL A 89 3.86 10.19 1.73
N VAL A 90 3.78 8.90 2.02
CA VAL A 90 3.36 7.94 1.02
C VAL A 90 1.91 7.51 1.30
N THR A 91 0.99 8.13 0.59
CA THR A 91 -0.42 7.83 0.75
C THR A 91 -0.87 6.80 -0.29
N LEU A 92 -1.15 5.60 0.21
CA LEU A 92 -1.59 4.52 -0.66
C LEU A 92 -2.93 3.98 -0.16
N GLU A 93 -3.66 3.36 -1.07
CA GLU A 93 -4.96 2.79 -0.74
C GLU A 93 -4.86 1.28 -0.62
N VAL A 94 -5.10 0.80 0.59
CA VAL A 94 -5.04 -0.63 0.86
C VAL A 94 -6.43 -1.12 1.26
N ALA A 95 -6.56 -2.44 1.33
CA ALA A 95 -7.81 -3.06 1.70
C ALA A 95 -7.56 -4.39 2.40
N LYS A 96 -8.44 -4.72 3.34
CA LYS A 96 -8.31 -5.96 4.08
C LYS A 96 -8.04 -7.11 3.11
N GLN A 97 -7.11 -7.97 3.50
CA GLN A 97 -6.77 -9.11 2.67
C GLN A 97 -5.69 -9.96 3.36
N GLY A 98 -5.74 -11.25 3.09
CA GLY A 98 -4.78 -12.18 3.68
C GLY A 98 -4.20 -13.12 2.62
N ALA A 99 -2.91 -13.01 2.42
CA ALA A 99 -2.22 -13.83 1.44
C ALA A 99 -0.75 -13.43 1.37
N ILE A 100 -0.01 -14.13 0.53
CA ILE A 100 1.41 -13.86 0.36
C ILE A 100 2.03 -13.58 1.72
N TYR A 101 2.43 -14.66 2.38
CA TYR A 101 3.04 -14.55 3.70
C TYR A 101 4.01 -13.37 3.76
N GLY A 1 -21.60 1.29 7.73
CA GLY A 1 -20.64 1.54 6.66
C GLY A 1 -19.23 1.73 7.22
N PRO A 2 -18.26 1.88 6.29
CA PRO A 2 -16.86 2.07 6.67
C PRO A 2 -16.63 3.48 7.19
N LEU A 3 -15.39 3.73 7.60
CA LEU A 3 -15.02 5.04 8.11
C LEU A 3 -13.67 5.45 7.53
N GLY A 4 -12.65 4.71 7.94
CA GLY A 4 -11.30 4.97 7.46
C GLY A 4 -10.59 5.99 8.37
N SER A 5 -9.68 5.47 9.18
CA SER A 5 -8.93 6.31 10.10
C SER A 5 -8.11 5.44 11.06
N LEU A 6 -7.31 6.11 11.88
CA LEU A 6 -6.47 5.41 12.84
C LEU A 6 -5.50 4.50 12.10
N ARG A 7 -4.74 3.75 12.87
CA ARG A 7 -3.76 2.84 12.30
C ARG A 7 -4.38 1.46 12.07
N LYS A 8 -3.62 0.60 11.41
CA LYS A 8 -4.08 -0.74 11.12
C LYS A 8 -5.54 -0.69 10.69
N GLU A 9 -5.75 -0.33 9.44
CA GLU A 9 -7.10 -0.23 8.89
C GLU A 9 -7.05 -0.20 7.37
N PRO A 10 -8.10 -0.80 6.74
CA PRO A 10 -8.19 -0.84 5.29
C PRO A 10 -8.59 0.52 4.73
N GLU A 11 -8.90 0.53 3.44
CA GLU A 11 -9.29 1.76 2.78
C GLU A 11 -8.07 2.58 2.37
N ILE A 12 -8.27 3.87 2.23
CA ILE A 12 -7.20 4.77 1.85
C ILE A 12 -6.45 5.21 3.11
N ILE A 13 -5.17 4.85 3.16
CA ILE A 13 -4.35 5.20 4.30
C ILE A 13 -3.19 6.09 3.82
N THR A 14 -2.73 6.95 4.73
CA THR A 14 -1.65 7.86 4.42
C THR A 14 -0.54 7.74 5.47
N VAL A 15 0.69 7.68 4.99
CA VAL A 15 1.83 7.58 5.88
C VAL A 15 2.80 8.73 5.60
N THR A 16 3.59 9.05 6.61
CA THR A 16 4.56 10.13 6.50
C THR A 16 5.90 9.70 7.09
N LEU A 17 6.97 10.12 6.41
CA LEU A 17 8.31 9.79 6.87
C LEU A 17 8.51 10.33 8.28
N LYS A 18 8.13 9.52 9.25
CA LYS A 18 8.27 9.90 10.64
C LYS A 18 9.74 9.82 11.05
N LYS A 19 10.27 8.61 10.95
CA LYS A 19 11.66 8.37 11.31
C LYS A 19 12.56 8.81 10.15
N GLN A 20 11.92 9.19 9.06
CA GLN A 20 12.65 9.64 7.87
C GLN A 20 13.71 8.61 7.48
N ASN A 21 13.31 7.35 7.56
CA ASN A 21 14.22 6.26 7.21
C ASN A 21 13.87 5.76 5.80
N GLY A 22 13.88 6.70 4.86
CA GLY A 22 13.57 6.36 3.48
C GLY A 22 12.11 5.96 3.32
N MET A 23 11.75 4.90 4.03
CA MET A 23 10.38 4.40 3.98
C MET A 23 10.28 3.01 4.62
N GLY A 24 10.85 2.03 3.93
CA GLY A 24 10.83 0.66 4.43
C GLY A 24 9.44 0.04 4.25
N LEU A 25 9.13 -0.30 3.01
CA LEU A 25 7.85 -0.89 2.69
C LEU A 25 8.05 -1.99 1.64
N SER A 26 7.07 -2.87 1.56
CA SER A 26 7.12 -3.97 0.60
C SER A 26 5.72 -4.25 0.06
N ILE A 27 5.54 -3.93 -1.22
CA ILE A 27 4.26 -4.14 -1.88
C ILE A 27 4.48 -4.87 -3.20
N VAL A 28 3.39 -5.34 -3.77
CA VAL A 28 3.46 -6.05 -5.04
C VAL A 28 2.14 -5.85 -5.80
N ALA A 29 2.27 -5.73 -7.11
CA ALA A 29 1.11 -5.53 -7.96
C ALA A 29 1.18 -6.50 -9.15
N ALA A 30 0.08 -7.21 -9.35
CA ALA A 30 0.00 -8.17 -10.44
C ALA A 30 -0.97 -7.65 -11.50
N LYS A 31 -0.76 -8.11 -12.72
CA LYS A 31 -1.61 -7.71 -13.83
C LYS A 31 -2.19 -8.96 -14.51
N GLY A 32 -3.16 -8.73 -15.37
CA GLY A 32 -3.81 -9.81 -16.10
C GLY A 32 -5.24 -9.45 -16.46
N ALA A 33 -5.63 -9.87 -17.66
CA ALA A 33 -6.98 -9.59 -18.14
C ALA A 33 -7.82 -10.88 -18.02
N GLY A 34 -9.05 -10.69 -17.60
CA GLY A 34 -9.96 -11.81 -17.44
C GLY A 34 -9.62 -12.62 -16.19
N GLN A 35 -8.53 -13.37 -16.29
CA GLN A 35 -8.08 -14.19 -15.18
C GLN A 35 -7.91 -13.35 -13.92
N ASP A 36 -9.00 -13.25 -13.16
CA ASP A 36 -8.99 -12.47 -11.94
C ASP A 36 -7.66 -12.71 -11.20
N LYS A 37 -6.88 -11.65 -11.09
CA LYS A 37 -5.60 -11.73 -10.41
C LYS A 37 -5.05 -10.31 -10.21
N LEU A 38 -5.18 -9.51 -11.25
CA LEU A 38 -4.70 -8.13 -11.19
C LEU A 38 -5.05 -7.53 -9.83
N GLY A 39 -4.19 -6.62 -9.39
CA GLY A 39 -4.40 -5.97 -8.11
C GLY A 39 -3.07 -5.81 -7.36
N ILE A 40 -3.06 -4.86 -6.44
CA ILE A 40 -1.87 -4.59 -5.64
C ILE A 40 -2.03 -5.22 -4.26
N TYR A 41 -0.91 -5.32 -3.55
CA TYR A 41 -0.93 -5.90 -2.22
C TYR A 41 0.30 -5.44 -1.42
N VAL A 42 0.29 -5.80 -0.15
CA VAL A 42 1.39 -5.43 0.73
C VAL A 42 2.15 -6.70 1.15
N LYS A 43 3.42 -6.73 0.76
CA LYS A 43 4.26 -7.87 1.08
C LYS A 43 4.65 -7.82 2.56
N SER A 44 5.04 -6.63 3.00
CA SER A 44 5.43 -6.43 4.39
C SER A 44 6.28 -5.17 4.51
N VAL A 45 6.57 -4.81 5.75
CA VAL A 45 7.37 -3.63 6.02
C VAL A 45 8.83 -4.04 6.22
N VAL A 46 9.73 -3.18 5.76
CA VAL A 46 11.15 -3.44 5.87
C VAL A 46 11.48 -3.82 7.32
N LYS A 47 10.70 -3.26 8.24
CA LYS A 47 10.90 -3.53 9.65
C LYS A 47 11.92 -2.54 10.21
N GLY A 48 12.28 -1.57 9.38
CA GLY A 48 13.25 -0.56 9.79
C GLY A 48 13.08 0.71 8.97
N GLY A 49 11.83 1.05 8.69
CA GLY A 49 11.52 2.24 7.92
C GLY A 49 10.52 3.14 8.66
N ALA A 50 10.25 4.29 8.06
CA ALA A 50 9.32 5.23 8.64
C ALA A 50 7.91 4.61 8.67
N ALA A 51 7.33 4.51 7.49
CA ALA A 51 6.00 3.94 7.36
C ALA A 51 5.99 2.54 7.97
N ASP A 52 7.11 1.85 7.81
CA ASP A 52 7.25 0.50 8.35
C ASP A 52 6.85 0.49 9.82
N VAL A 53 7.50 1.37 10.58
CA VAL A 53 7.23 1.47 12.01
C VAL A 53 5.98 2.31 12.21
N ASP A 54 6.13 3.61 11.96
CA ASP A 54 5.02 4.54 12.12
C ASP A 54 3.76 3.94 11.48
N GLY A 55 3.85 3.69 10.19
CA GLY A 55 2.73 3.12 9.45
C GLY A 55 2.27 1.80 10.09
N ARG A 56 3.21 0.88 10.20
CA ARG A 56 2.93 -0.41 10.78
C ARG A 56 1.76 -1.09 10.04
N LEU A 57 1.82 -1.01 8.72
CA LEU A 57 0.78 -1.59 7.89
C LEU A 57 0.89 -3.12 7.96
N ALA A 58 -0.24 -3.77 7.72
CA ALA A 58 -0.30 -5.22 7.75
C ALA A 58 0.30 -5.78 6.45
N ALA A 59 0.86 -6.97 6.56
CA ALA A 59 1.46 -7.62 5.41
C ALA A 59 0.48 -8.64 4.83
N GLY A 60 0.04 -8.36 3.62
CA GLY A 60 -0.90 -9.24 2.94
C GLY A 60 -2.15 -8.48 2.52
N ASP A 61 -2.09 -7.16 2.68
CA ASP A 61 -3.22 -6.31 2.34
C ASP A 61 -3.32 -6.19 0.82
N GLN A 62 -4.44 -5.64 0.36
CA GLN A 62 -4.66 -5.47 -1.07
C GLN A 62 -4.71 -3.98 -1.41
N LEU A 63 -3.68 -3.54 -2.13
CA LEU A 63 -3.59 -2.15 -2.53
C LEU A 63 -4.24 -1.98 -3.91
N LEU A 64 -4.62 -0.75 -4.20
CA LEU A 64 -5.25 -0.44 -5.48
C LEU A 64 -4.89 0.98 -5.88
N SER A 65 -4.70 1.83 -4.88
CA SER A 65 -4.36 3.21 -5.12
C SER A 65 -2.94 3.51 -4.60
N VAL A 66 -2.25 4.39 -5.30
CA VAL A 66 -0.90 4.75 -4.92
C VAL A 66 -0.85 6.26 -4.65
N ASP A 67 0.17 6.66 -3.90
CA ASP A 67 0.34 8.06 -3.56
C ASP A 67 0.78 8.82 -4.80
N GLY A 68 -0.10 9.71 -5.25
CA GLY A 68 0.18 10.51 -6.42
C GLY A 68 -0.72 10.11 -7.59
N ARG A 69 -1.33 8.94 -7.46
CA ARG A 69 -2.22 8.43 -8.49
C ARG A 69 -3.29 7.53 -7.87
N SER A 70 -4.53 8.02 -7.93
CA SER A 70 -5.64 7.27 -7.37
C SER A 70 -5.95 6.05 -8.25
N LEU A 71 -4.94 5.20 -8.38
CA LEU A 71 -5.08 4.00 -9.18
C LEU A 71 -6.49 3.42 -9.00
N VAL A 72 -6.76 2.99 -7.78
CA VAL A 72 -8.06 2.42 -7.45
C VAL A 72 -8.18 1.05 -8.11
N GLY A 73 -7.21 0.73 -8.94
CA GLY A 73 -7.19 -0.55 -9.63
C GLY A 73 -6.15 -0.55 -10.76
N LEU A 74 -4.94 -0.17 -10.39
CA LEU A 74 -3.85 -0.13 -11.36
C LEU A 74 -2.63 -0.85 -10.77
N SER A 75 -1.64 -1.06 -11.63
CA SER A 75 -0.43 -1.75 -11.22
C SER A 75 0.52 -0.76 -10.52
N GLN A 76 1.47 -1.31 -9.80
CA GLN A 76 2.44 -0.49 -9.08
C GLN A 76 3.57 -0.07 -10.02
N GLU A 77 3.58 -0.69 -11.20
CA GLU A 77 4.60 -0.38 -12.18
C GLU A 77 4.88 1.13 -12.22
N ARG A 78 3.84 1.88 -12.55
CA ARG A 78 3.95 3.33 -12.63
C ARG A 78 3.80 3.94 -11.24
N ALA A 79 2.76 3.50 -10.55
CA ALA A 79 2.48 4.00 -9.20
C ALA A 79 3.75 3.89 -8.36
N ALA A 80 4.09 2.65 -8.01
CA ALA A 80 5.27 2.41 -7.21
C ALA A 80 6.29 3.52 -7.43
N GLU A 81 6.75 3.61 -8.68
CA GLU A 81 7.73 4.62 -9.04
C GLU A 81 7.35 5.97 -8.41
N LEU A 82 6.27 6.54 -8.93
CA LEU A 82 5.79 7.82 -8.43
C LEU A 82 5.48 7.69 -6.94
N MET A 83 5.45 6.46 -6.47
CA MET A 83 5.18 6.20 -5.07
C MET A 83 6.46 5.97 -4.28
N THR A 84 7.55 5.82 -5.03
CA THR A 84 8.85 5.60 -4.42
C THR A 84 9.47 6.93 -3.99
N ARG A 85 9.60 7.82 -4.97
CA ARG A 85 10.18 9.13 -4.72
C ARG A 85 9.26 9.96 -3.83
N THR A 86 9.00 9.42 -2.64
CA THR A 86 8.14 10.09 -1.68
C THR A 86 8.95 11.06 -0.83
N SER A 87 9.97 10.52 -0.18
CA SER A 87 10.83 11.33 0.67
C SER A 87 10.05 12.54 1.21
N SER A 88 9.13 12.25 2.11
CA SER A 88 8.32 13.29 2.71
C SER A 88 7.02 12.70 3.25
N VAL A 89 6.20 12.23 2.33
CA VAL A 89 4.92 11.63 2.70
C VAL A 89 4.49 10.65 1.62
N VAL A 90 3.98 9.51 2.07
CA VAL A 90 3.53 8.48 1.15
C VAL A 90 2.04 8.21 1.40
N THR A 91 1.43 7.56 0.41
CA THR A 91 0.02 7.23 0.51
C THR A 91 -0.29 5.96 -0.30
N LEU A 92 -1.09 5.10 0.31
CA LEU A 92 -1.47 3.85 -0.33
C LEU A 92 -2.85 3.42 0.17
N GLU A 93 -3.68 3.00 -0.77
CA GLU A 93 -5.03 2.56 -0.45
C GLU A 93 -5.11 1.04 -0.46
N VAL A 94 -5.23 0.48 0.73
CA VAL A 94 -5.32 -0.97 0.87
C VAL A 94 -6.78 -1.37 1.07
N ALA A 95 -7.03 -2.66 0.93
CA ALA A 95 -8.38 -3.18 1.08
C ALA A 95 -8.30 -4.63 1.57
N LYS A 96 -9.41 -5.10 2.13
CA LYS A 96 -9.48 -6.45 2.64
C LYS A 96 -9.80 -7.41 1.48
N GLN A 97 -8.95 -8.42 1.33
CA GLN A 97 -9.12 -9.39 0.28
C GLN A 97 -8.07 -10.49 0.39
N GLY A 98 -6.82 -10.06 0.44
CA GLY A 98 -5.72 -11.01 0.55
C GLY A 98 -4.68 -10.76 -0.55
N ALA A 99 -3.79 -11.73 -0.71
CA ALA A 99 -2.75 -11.64 -1.72
C ALA A 99 -2.12 -13.01 -1.93
N ILE A 100 -2.26 -13.51 -3.15
CA ILE A 100 -1.71 -14.81 -3.49
C ILE A 100 -2.13 -15.83 -2.43
N TYR A 101 -1.47 -16.98 -2.46
CA TYR A 101 -1.77 -18.04 -1.52
C TYR A 101 -0.58 -18.29 -0.58
N GLY A 1 -28.51 3.71 -2.08
CA GLY A 1 -27.36 4.01 -1.25
C GLY A 1 -27.46 3.30 0.10
N PRO A 2 -26.87 2.07 0.14
CA PRO A 2 -26.88 1.28 1.37
C PRO A 2 -25.90 1.84 2.41
N LEU A 3 -26.33 1.80 3.65
CA LEU A 3 -25.50 2.31 4.74
C LEU A 3 -25.22 1.18 5.72
N GLY A 4 -23.96 0.77 5.77
CA GLY A 4 -23.55 -0.31 6.66
C GLY A 4 -22.45 0.16 7.62
N SER A 5 -21.54 -0.75 7.92
CA SER A 5 -20.44 -0.45 8.82
C SER A 5 -19.11 -0.80 8.15
N LEU A 6 -18.20 0.17 8.16
CA LEU A 6 -16.89 -0.03 7.56
C LEU A 6 -16.32 -1.37 8.01
N ARG A 7 -15.83 -2.13 7.05
CA ARG A 7 -15.26 -3.43 7.33
C ARG A 7 -14.88 -4.14 6.03
N LYS A 8 -15.90 -4.40 5.22
CA LYS A 8 -15.69 -5.07 3.95
C LYS A 8 -15.62 -4.03 2.84
N GLU A 9 -14.40 -3.60 2.55
CA GLU A 9 -14.19 -2.61 1.51
C GLU A 9 -12.75 -2.07 1.58
N PRO A 10 -12.40 -1.23 0.57
CA PRO A 10 -11.07 -0.65 0.51
C PRO A 10 -10.92 0.47 1.55
N GLU A 11 -9.66 0.81 1.83
CA GLU A 11 -9.37 1.85 2.79
C GLU A 11 -8.12 2.62 2.36
N ILE A 12 -8.22 3.94 2.46
CA ILE A 12 -7.10 4.80 2.10
C ILE A 12 -6.22 5.04 3.33
N ILE A 13 -5.01 4.52 3.25
CA ILE A 13 -4.06 4.68 4.35
C ILE A 13 -2.93 5.61 3.91
N THR A 14 -2.36 6.30 4.89
CA THR A 14 -1.28 7.23 4.63
C THR A 14 -0.16 7.04 5.65
N VAL A 15 1.06 6.94 5.14
CA VAL A 15 2.22 6.77 5.99
C VAL A 15 3.20 7.92 5.78
N THR A 16 3.27 8.79 6.77
CA THR A 16 4.16 9.93 6.70
C THR A 16 5.52 9.60 7.31
N LEU A 17 6.55 10.20 6.74
CA LEU A 17 7.90 9.98 7.23
C LEU A 17 8.11 10.73 8.54
N LYS A 18 8.11 9.96 9.62
CA LYS A 18 8.29 10.53 10.95
C LYS A 18 9.79 10.67 11.24
N LYS A 19 10.49 9.55 11.06
CA LYS A 19 11.92 9.53 11.31
C LYS A 19 12.66 9.70 9.98
N GLN A 20 11.89 9.74 8.90
CA GLN A 20 12.45 9.91 7.58
C GLN A 20 13.53 8.86 7.34
N ASN A 21 13.25 7.64 7.77
CA ASN A 21 14.19 6.54 7.61
C ASN A 21 13.92 5.83 6.28
N GLY A 22 13.59 6.64 5.27
CA GLY A 22 13.31 6.10 3.96
C GLY A 22 11.83 5.73 3.82
N MET A 23 11.45 4.65 4.49
CA MET A 23 10.08 4.18 4.46
C MET A 23 9.96 2.80 5.11
N GLY A 24 10.45 1.79 4.41
CA GLY A 24 10.39 0.44 4.91
C GLY A 24 9.05 -0.22 4.60
N LEU A 25 8.74 -0.28 3.31
CA LEU A 25 7.50 -0.87 2.87
C LEU A 25 7.78 -1.87 1.75
N SER A 26 6.88 -2.83 1.62
CA SER A 26 7.02 -3.86 0.59
C SER A 26 5.64 -4.24 0.04
N ILE A 27 5.46 -3.97 -1.25
CA ILE A 27 4.20 -4.28 -1.90
C ILE A 27 4.49 -4.84 -3.29
N VAL A 28 3.43 -5.31 -3.94
CA VAL A 28 3.55 -5.87 -5.27
C VAL A 28 2.23 -5.68 -6.02
N ALA A 29 2.29 -5.90 -7.32
CA ALA A 29 1.11 -5.77 -8.16
C ALA A 29 1.08 -6.90 -9.18
N ALA A 30 -0.08 -7.54 -9.28
CA ALA A 30 -0.25 -8.64 -10.21
C ALA A 30 -1.73 -8.78 -10.57
N LYS A 31 -2.37 -9.74 -9.91
CA LYS A 31 -3.78 -9.98 -10.14
C LYS A 31 -4.44 -10.41 -8.83
N GLY A 32 -5.77 -10.39 -8.84
CA GLY A 32 -6.53 -10.77 -7.66
C GLY A 32 -7.30 -9.57 -7.09
N ALA A 33 -7.68 -8.68 -8.00
CA ALA A 33 -8.42 -7.49 -7.59
C ALA A 33 -9.33 -7.06 -8.74
N GLY A 34 -10.26 -6.18 -8.42
CA GLY A 34 -11.19 -5.66 -9.41
C GLY A 34 -12.13 -6.77 -9.90
N GLN A 35 -11.65 -7.53 -10.86
CA GLN A 35 -12.43 -8.62 -11.43
C GLN A 35 -11.70 -9.96 -11.23
N ASP A 36 -10.39 -9.90 -11.33
CA ASP A 36 -9.57 -11.08 -11.17
C ASP A 36 -8.13 -10.76 -11.57
N LYS A 37 -8.00 -9.88 -12.55
CA LYS A 37 -6.68 -9.48 -13.03
C LYS A 37 -6.38 -8.06 -12.53
N LEU A 38 -5.11 -7.84 -12.24
CA LEU A 38 -4.67 -6.54 -11.76
C LEU A 38 -5.04 -6.40 -10.28
N GLY A 39 -4.11 -6.79 -9.42
CA GLY A 39 -4.32 -6.71 -8.00
C GLY A 39 -3.02 -6.40 -7.26
N ILE A 40 -3.07 -5.36 -6.43
CA ILE A 40 -1.90 -4.96 -5.67
C ILE A 40 -2.04 -5.44 -4.23
N TYR A 41 -0.89 -5.71 -3.62
CA TYR A 41 -0.88 -6.18 -2.24
C TYR A 41 0.40 -5.74 -1.53
N VAL A 42 0.35 -5.78 -0.20
CA VAL A 42 1.48 -5.40 0.61
C VAL A 42 2.19 -6.65 1.13
N LYS A 43 3.48 -6.75 0.80
CA LYS A 43 4.27 -7.89 1.24
C LYS A 43 4.58 -7.75 2.73
N SER A 44 5.10 -6.60 3.10
CA SER A 44 5.44 -6.33 4.48
C SER A 44 6.43 -5.17 4.56
N VAL A 45 6.76 -4.80 5.79
CA VAL A 45 7.69 -3.70 6.02
C VAL A 45 9.11 -4.26 6.10
N VAL A 46 10.06 -3.42 5.71
CA VAL A 46 11.46 -3.80 5.73
C VAL A 46 11.91 -3.99 7.18
N LYS A 47 11.39 -3.13 8.04
CA LYS A 47 11.74 -3.19 9.46
C LYS A 47 12.90 -2.23 9.74
N GLY A 48 12.94 -1.15 8.96
CA GLY A 48 13.99 -0.16 9.12
C GLY A 48 13.65 1.11 8.35
N GLY A 49 12.43 1.58 8.54
CA GLY A 49 11.98 2.79 7.86
C GLY A 49 11.09 3.63 8.79
N ALA A 50 10.83 4.85 8.36
CA ALA A 50 10.00 5.76 9.12
C ALA A 50 8.58 5.21 9.18
N ALA A 51 7.98 5.07 8.01
CA ALA A 51 6.62 4.56 7.91
C ALA A 51 6.62 3.06 8.24
N ASP A 52 7.82 2.53 8.42
CA ASP A 52 7.96 1.11 8.74
C ASP A 52 7.62 0.89 10.21
N VAL A 53 8.29 1.65 11.06
CA VAL A 53 8.07 1.54 12.50
C VAL A 53 6.82 2.35 12.87
N ASP A 54 6.60 3.43 12.14
CA ASP A 54 5.47 4.29 12.39
C ASP A 54 4.22 3.68 11.74
N GLY A 55 4.30 3.52 10.43
CA GLY A 55 3.19 2.95 9.68
C GLY A 55 2.70 1.65 10.32
N ARG A 56 3.63 0.71 10.46
CA ARG A 56 3.32 -0.58 11.04
C ARG A 56 2.15 -1.23 10.30
N LEU A 57 2.22 -1.17 8.98
CA LEU A 57 1.19 -1.75 8.15
C LEU A 57 1.26 -3.29 8.25
N ALA A 58 0.14 -3.91 7.94
CA ALA A 58 0.06 -5.36 7.99
C ALA A 58 0.55 -5.94 6.66
N ALA A 59 0.77 -7.25 6.67
CA ALA A 59 1.24 -7.93 5.47
C ALA A 59 0.05 -8.61 4.78
N GLY A 60 -0.21 -8.18 3.55
CA GLY A 60 -1.31 -8.73 2.78
C GLY A 60 -2.36 -7.66 2.47
N ASP A 61 -1.95 -6.41 2.63
CA ASP A 61 -2.85 -5.30 2.38
C ASP A 61 -2.99 -5.12 0.86
N GLN A 62 -4.23 -5.30 0.40
CA GLN A 62 -4.51 -5.16 -1.02
C GLN A 62 -4.50 -3.68 -1.42
N LEU A 63 -3.51 -3.33 -2.22
CA LEU A 63 -3.37 -1.96 -2.69
C LEU A 63 -4.10 -1.80 -4.02
N LEU A 64 -4.49 -0.57 -4.30
CA LEU A 64 -5.20 -0.27 -5.54
C LEU A 64 -4.85 1.15 -5.99
N SER A 65 -4.72 2.03 -5.01
CA SER A 65 -4.38 3.42 -5.30
C SER A 65 -2.97 3.73 -4.79
N VAL A 66 -2.37 4.73 -5.41
CA VAL A 66 -1.03 5.13 -5.03
C VAL A 66 -1.02 6.63 -4.71
N ASP A 67 0.02 7.06 -4.00
CA ASP A 67 0.15 8.45 -3.62
C ASP A 67 0.46 9.28 -4.86
N GLY A 68 -0.38 10.28 -5.08
CA GLY A 68 -0.21 11.16 -6.23
C GLY A 68 -0.99 10.64 -7.44
N ARG A 69 -1.47 9.42 -7.31
CA ARG A 69 -2.24 8.80 -8.38
C ARG A 69 -3.25 7.81 -7.81
N SER A 70 -4.52 8.09 -8.06
CA SER A 70 -5.59 7.24 -7.58
C SER A 70 -5.77 6.05 -8.52
N LEU A 71 -4.87 5.09 -8.40
CA LEU A 71 -4.93 3.90 -9.23
C LEU A 71 -6.29 3.23 -9.08
N VAL A 72 -6.67 3.02 -7.82
CA VAL A 72 -7.95 2.39 -7.53
C VAL A 72 -7.86 0.89 -7.82
N GLY A 73 -6.74 0.49 -8.39
CA GLY A 73 -6.51 -0.90 -8.73
C GLY A 73 -5.70 -1.03 -10.02
N LEU A 74 -4.54 -0.40 -10.01
CA LEU A 74 -3.67 -0.44 -11.18
C LEU A 74 -2.35 -1.13 -10.80
N SER A 75 -1.53 -1.34 -11.81
CA SER A 75 -0.25 -1.99 -11.61
C SER A 75 0.72 -1.04 -10.89
N GLN A 76 1.69 -1.63 -10.21
CA GLN A 76 2.68 -0.84 -9.50
C GLN A 76 3.65 -0.17 -10.47
N GLU A 77 3.49 -0.53 -11.74
CA GLU A 77 4.34 0.03 -12.78
C GLU A 77 4.50 1.53 -12.59
N ARG A 78 3.42 2.26 -12.87
CA ARG A 78 3.43 3.70 -12.73
C ARG A 78 3.56 4.09 -11.26
N ALA A 79 2.71 3.50 -10.44
CA ALA A 79 2.71 3.78 -9.02
C ALA A 79 4.14 3.65 -8.49
N ALA A 80 4.56 2.41 -8.25
CA ALA A 80 5.89 2.15 -7.75
C ALA A 80 6.73 3.42 -7.83
N GLU A 81 7.14 3.75 -9.04
CA GLU A 81 7.94 4.94 -9.26
C GLU A 81 7.38 6.12 -8.46
N LEU A 82 6.20 6.56 -8.87
CA LEU A 82 5.55 7.67 -8.20
C LEU A 82 5.04 7.21 -6.83
N MET A 83 5.49 6.04 -6.44
CA MET A 83 5.10 5.47 -5.16
C MET A 83 6.31 5.27 -4.25
N THR A 84 7.48 5.43 -4.83
CA THR A 84 8.72 5.26 -4.09
C THR A 84 9.29 6.63 -3.69
N ARG A 85 9.32 7.52 -4.66
CA ARG A 85 9.83 8.87 -4.44
C ARG A 85 8.91 9.63 -3.47
N THR A 86 8.76 9.07 -2.28
CA THR A 86 7.92 9.68 -1.26
C THR A 86 8.71 10.72 -0.48
N SER A 87 9.84 10.29 0.05
CA SER A 87 10.70 11.17 0.83
C SER A 87 9.84 12.23 1.54
N SER A 88 8.79 11.75 2.18
CA SER A 88 7.89 12.64 2.91
C SER A 88 6.70 11.84 3.46
N VAL A 89 5.88 11.36 2.54
CA VAL A 89 4.71 10.58 2.91
C VAL A 89 4.34 9.63 1.78
N VAL A 90 3.67 8.55 2.14
CA VAL A 90 3.26 7.56 1.16
C VAL A 90 1.78 7.26 1.35
N THR A 91 0.96 7.99 0.60
CA THR A 91 -0.48 7.82 0.66
C THR A 91 -0.95 6.84 -0.42
N LEU A 92 -1.38 5.68 0.02
CA LEU A 92 -1.85 4.65 -0.90
C LEU A 92 -3.16 4.05 -0.35
N GLU A 93 -3.92 3.45 -1.27
CA GLU A 93 -5.17 2.83 -0.89
C GLU A 93 -4.99 1.31 -0.75
N VAL A 94 -5.10 0.85 0.49
CA VAL A 94 -4.96 -0.57 0.76
C VAL A 94 -6.31 -1.13 1.24
N ALA A 95 -6.36 -2.45 1.31
CA ALA A 95 -7.58 -3.12 1.74
C ALA A 95 -7.22 -4.28 2.67
N LYS A 96 -7.72 -4.21 3.88
CA LYS A 96 -7.47 -5.24 4.87
C LYS A 96 -8.01 -6.58 4.36
N GLN A 97 -7.70 -7.63 5.11
CA GLN A 97 -8.16 -8.96 4.75
C GLN A 97 -7.29 -9.54 3.63
N GLY A 98 -6.86 -10.77 3.84
CA GLY A 98 -6.03 -11.44 2.86
C GLY A 98 -5.12 -12.48 3.53
N ALA A 99 -4.19 -11.98 4.32
CA ALA A 99 -3.26 -12.84 5.03
C ALA A 99 -2.46 -13.66 4.01
N ILE A 100 -1.18 -13.33 3.92
CA ILE A 100 -0.30 -14.02 2.99
C ILE A 100 1.16 -13.67 3.32
N TYR A 101 1.98 -14.70 3.39
CA TYR A 101 3.39 -14.52 3.70
C TYR A 101 4.26 -14.85 2.49
N GLY A 1 -24.09 10.65 13.63
CA GLY A 1 -23.17 10.36 12.55
C GLY A 1 -22.23 9.22 12.91
N PRO A 2 -21.15 9.08 12.10
CA PRO A 2 -20.17 8.03 12.33
C PRO A 2 -19.28 8.36 13.52
N LEU A 3 -18.34 7.47 13.79
CA LEU A 3 -17.42 7.64 14.90
C LEU A 3 -16.00 7.29 14.44
N GLY A 4 -15.83 6.03 14.07
CA GLY A 4 -14.54 5.55 13.62
C GLY A 4 -13.45 5.82 14.66
N SER A 5 -12.24 5.41 14.33
CA SER A 5 -11.11 5.60 15.23
C SER A 5 -9.88 6.00 14.43
N LEU A 6 -8.83 6.38 15.16
CA LEU A 6 -7.59 6.80 14.54
C LEU A 6 -6.51 5.76 14.84
N ARG A 7 -6.31 4.86 13.89
CA ARG A 7 -5.31 3.81 14.05
C ARG A 7 -5.20 2.99 12.75
N LYS A 8 -4.39 1.94 12.82
CA LYS A 8 -4.19 1.07 11.68
C LYS A 8 -5.54 0.56 11.20
N GLU A 9 -5.66 0.47 9.88
CA GLU A 9 -6.90 0.00 9.27
C GLU A 9 -6.77 -0.02 7.75
N PRO A 10 -7.69 -0.81 7.11
CA PRO A 10 -7.68 -0.93 5.66
C PRO A 10 -8.24 0.34 5.01
N GLU A 11 -8.46 0.25 3.70
CA GLU A 11 -9.00 1.36 2.95
C GLU A 11 -7.88 2.33 2.57
N ILE A 12 -8.26 3.58 2.31
CA ILE A 12 -7.30 4.60 1.94
C ILE A 12 -6.53 5.04 3.18
N ILE A 13 -5.23 4.78 3.16
CA ILE A 13 -4.38 5.15 4.27
C ILE A 13 -3.23 6.02 3.75
N THR A 14 -2.77 6.92 4.61
CA THR A 14 -1.68 7.81 4.26
C THR A 14 -0.51 7.62 5.23
N VAL A 15 0.64 7.31 4.65
CA VAL A 15 1.85 7.11 5.45
C VAL A 15 2.82 8.25 5.20
N THR A 16 3.30 8.84 6.29
CA THR A 16 4.24 9.94 6.19
C THR A 16 5.54 9.59 6.91
N LEU A 17 6.65 9.82 6.22
CA LEU A 17 7.96 9.54 6.78
C LEU A 17 8.08 10.23 8.14
N LYS A 18 8.15 9.41 9.18
CA LYS A 18 8.28 9.93 10.54
C LYS A 18 9.74 9.91 10.95
N LYS A 19 10.39 8.78 10.69
CA LYS A 19 11.79 8.62 11.04
C LYS A 19 12.65 8.95 9.82
N GLN A 20 11.97 9.25 8.72
CA GLN A 20 12.66 9.59 7.48
C GLN A 20 13.68 8.51 7.13
N ASN A 21 13.27 7.26 7.36
CA ASN A 21 14.14 6.13 7.07
C ASN A 21 13.85 5.62 5.66
N GLY A 22 13.83 6.56 4.72
CA GLY A 22 13.57 6.21 3.33
C GLY A 22 12.12 5.76 3.14
N MET A 23 11.77 4.69 3.86
CA MET A 23 10.42 4.15 3.78
C MET A 23 10.36 2.77 4.42
N GLY A 24 10.94 1.80 3.73
CA GLY A 24 10.96 0.43 4.23
C GLY A 24 9.57 -0.21 4.11
N LEU A 25 9.22 -0.55 2.89
CA LEU A 25 7.92 -1.16 2.63
C LEU A 25 8.09 -2.27 1.58
N SER A 26 7.06 -3.11 1.47
CA SER A 26 7.08 -4.21 0.53
C SER A 26 5.67 -4.47 0.00
N ILE A 27 5.50 -4.24 -1.30
CA ILE A 27 4.21 -4.45 -1.94
C ILE A 27 4.41 -5.23 -3.24
N VAL A 28 3.30 -5.63 -3.82
CA VAL A 28 3.33 -6.38 -5.07
C VAL A 28 2.07 -6.07 -5.88
N ALA A 29 2.26 -5.99 -7.19
CA ALA A 29 1.15 -5.70 -8.09
C ALA A 29 1.13 -6.74 -9.20
N ALA A 30 -0.02 -7.38 -9.36
CA ALA A 30 -0.19 -8.40 -10.39
C ALA A 30 -0.84 -7.76 -11.62
N LYS A 31 -0.30 -8.11 -12.78
CA LYS A 31 -0.81 -7.59 -14.03
C LYS A 31 -0.54 -8.60 -15.14
N GLY A 32 -1.62 -8.99 -15.82
CA GLY A 32 -1.51 -9.95 -16.90
C GLY A 32 -0.45 -11.01 -16.61
N ALA A 33 -0.48 -11.52 -15.38
CA ALA A 33 0.47 -12.52 -14.96
C ALA A 33 -0.28 -13.71 -14.35
N GLY A 34 0.44 -14.80 -14.17
CA GLY A 34 -0.14 -16.01 -13.60
C GLY A 34 -0.22 -15.90 -12.08
N GLN A 35 -0.84 -14.82 -11.62
CA GLN A 35 -0.99 -14.59 -10.19
C GLN A 35 -2.21 -13.69 -9.92
N ASP A 36 -3.35 -14.35 -9.76
CA ASP A 36 -4.59 -13.62 -9.49
C ASP A 36 -5.14 -13.08 -10.80
N LYS A 37 -5.98 -12.07 -10.68
CA LYS A 37 -6.59 -11.45 -11.86
C LYS A 37 -6.30 -9.95 -11.83
N LEU A 38 -5.07 -9.62 -11.51
CA LEU A 38 -4.65 -8.22 -11.45
C LEU A 38 -5.06 -7.63 -10.11
N GLY A 39 -4.12 -6.92 -9.49
CA GLY A 39 -4.37 -6.30 -8.21
C GLY A 39 -3.06 -6.06 -7.45
N ILE A 40 -3.12 -5.09 -6.54
CA ILE A 40 -1.94 -4.75 -5.75
C ILE A 40 -2.11 -5.29 -4.34
N TYR A 41 -0.99 -5.49 -3.67
CA TYR A 41 -0.99 -6.00 -2.31
C TYR A 41 0.27 -5.58 -1.55
N VAL A 42 0.22 -5.75 -0.24
CA VAL A 42 1.34 -5.40 0.61
C VAL A 42 2.00 -6.67 1.14
N LYS A 43 3.28 -6.81 0.83
CA LYS A 43 4.03 -7.97 1.27
C LYS A 43 4.36 -7.83 2.75
N SER A 44 4.82 -6.63 3.11
CA SER A 44 5.18 -6.35 4.49
C SER A 44 6.14 -5.16 4.55
N VAL A 45 6.42 -4.73 5.77
CA VAL A 45 7.33 -3.60 5.98
C VAL A 45 8.76 -4.13 6.10
N VAL A 46 9.69 -3.35 5.56
CA VAL A 46 11.09 -3.72 5.61
C VAL A 46 11.49 -4.03 7.06
N LYS A 47 10.72 -3.46 7.98
CA LYS A 47 10.97 -3.67 9.40
C LYS A 47 12.14 -2.78 9.84
N GLY A 48 12.44 -1.81 8.99
CA GLY A 48 13.53 -0.88 9.28
C GLY A 48 13.37 0.41 8.48
N GLY A 49 12.13 0.86 8.37
CA GLY A 49 11.83 2.08 7.63
C GLY A 49 10.89 2.98 8.43
N ALA A 50 10.67 4.18 7.88
CA ALA A 50 9.79 5.14 8.53
C ALA A 50 8.37 4.59 8.55
N ALA A 51 7.77 4.52 7.36
CA ALA A 51 6.42 4.02 7.23
C ALA A 51 6.34 2.61 7.81
N ASP A 52 7.46 1.91 7.73
CA ASP A 52 7.53 0.55 8.25
C ASP A 52 7.15 0.54 9.73
N VAL A 53 7.84 1.38 10.49
CA VAL A 53 7.58 1.48 11.91
C VAL A 53 6.36 2.37 12.15
N ASP A 54 6.51 3.63 11.76
CA ASP A 54 5.43 4.59 11.92
C ASP A 54 4.14 4.01 11.35
N GLY A 55 4.18 3.72 10.05
CA GLY A 55 3.03 3.17 9.37
C GLY A 55 2.56 1.87 10.05
N ARG A 56 3.50 0.94 10.20
CA ARG A 56 3.21 -0.33 10.83
C ARG A 56 2.05 -1.02 10.11
N LEU A 57 2.12 -0.99 8.78
CA LEU A 57 1.07 -1.61 7.97
C LEU A 57 1.18 -3.13 8.10
N ALA A 58 0.03 -3.78 7.91
CA ALA A 58 -0.03 -5.23 8.01
C ALA A 58 0.42 -5.84 6.67
N ALA A 59 0.70 -7.13 6.71
CA ALA A 59 1.14 -7.84 5.52
C ALA A 59 -0.06 -8.55 4.90
N GLY A 60 -0.35 -8.21 3.66
CA GLY A 60 -1.46 -8.80 2.94
C GLY A 60 -2.55 -7.76 2.64
N ASP A 61 -2.13 -6.50 2.68
CA ASP A 61 -3.05 -5.41 2.41
C ASP A 61 -3.17 -5.21 0.90
N GLN A 62 -4.38 -5.39 0.40
CA GLN A 62 -4.65 -5.24 -1.02
C GLN A 62 -4.64 -3.76 -1.40
N LEU A 63 -3.65 -3.38 -2.18
CA LEU A 63 -3.52 -2.00 -2.62
C LEU A 63 -4.18 -1.86 -4.00
N LEU A 64 -4.60 -0.63 -4.28
CA LEU A 64 -5.24 -0.34 -5.55
C LEU A 64 -4.89 1.08 -5.99
N SER A 65 -4.74 1.95 -5.00
CA SER A 65 -4.40 3.34 -5.27
C SER A 65 -3.01 3.65 -4.73
N VAL A 66 -2.39 4.68 -5.30
CA VAL A 66 -1.07 5.08 -4.89
C VAL A 66 -1.09 6.56 -4.50
N ASP A 67 0.05 7.02 -3.97
CA ASP A 67 0.17 8.40 -3.55
C ASP A 67 -0.01 9.31 -4.76
N GLY A 68 -0.79 10.38 -4.56
CA GLY A 68 -1.04 11.33 -5.62
C GLY A 68 -1.39 10.61 -6.93
N ARG A 69 -1.79 9.35 -6.79
CA ARG A 69 -2.14 8.55 -7.95
C ARG A 69 -3.18 7.49 -7.55
N SER A 70 -4.41 7.94 -7.41
CA SER A 70 -5.49 7.04 -7.03
C SER A 70 -5.70 5.99 -8.13
N LEU A 71 -4.82 5.01 -8.12
CA LEU A 71 -4.88 3.93 -9.11
C LEU A 71 -6.28 3.30 -9.06
N VAL A 72 -6.68 2.92 -7.86
CA VAL A 72 -7.98 2.30 -7.66
C VAL A 72 -7.87 0.80 -7.92
N GLY A 73 -6.73 0.41 -8.46
CA GLY A 73 -6.49 -0.99 -8.75
C GLY A 73 -5.66 -1.15 -10.02
N LEU A 74 -4.51 -0.48 -10.03
CA LEU A 74 -3.61 -0.54 -11.17
C LEU A 74 -2.31 -1.22 -10.77
N SER A 75 -1.45 -1.41 -11.76
CA SER A 75 -0.17 -2.06 -11.51
C SER A 75 0.75 -1.13 -10.71
N GLN A 76 1.80 -1.71 -10.17
CA GLN A 76 2.75 -0.94 -9.38
C GLN A 76 3.69 -0.14 -10.29
N GLU A 77 3.69 -0.53 -11.56
CA GLU A 77 4.52 0.15 -12.54
C GLU A 77 4.53 1.65 -12.29
N ARG A 78 3.41 2.28 -12.59
CA ARG A 78 3.28 3.72 -12.40
C ARG A 78 3.43 4.07 -10.91
N ALA A 79 2.84 3.23 -10.08
CA ALA A 79 2.91 3.44 -8.63
C ALA A 79 4.36 3.54 -8.21
N ALA A 80 4.92 2.39 -7.84
CA ALA A 80 6.30 2.32 -7.41
C ALA A 80 6.98 3.67 -7.67
N GLU A 81 7.33 3.88 -8.93
CA GLU A 81 7.98 5.12 -9.32
C GLU A 81 7.39 6.30 -8.54
N LEU A 82 6.19 6.69 -8.94
CA LEU A 82 5.50 7.80 -8.29
C LEU A 82 5.02 7.35 -6.91
N MET A 83 5.56 6.23 -6.46
CA MET A 83 5.20 5.70 -5.16
C MET A 83 6.43 5.54 -4.26
N THR A 84 7.58 5.84 -4.84
CA THR A 84 8.83 5.73 -4.10
C THR A 84 9.37 7.13 -3.79
N ARG A 85 9.40 7.97 -4.81
CA ARG A 85 9.88 9.33 -4.66
C ARG A 85 8.98 10.11 -3.72
N THR A 86 8.90 9.63 -2.48
CA THR A 86 8.07 10.28 -1.49
C THR A 86 8.83 11.43 -0.83
N SER A 87 10.01 11.10 -0.31
CA SER A 87 10.84 12.10 0.34
C SER A 87 9.97 13.18 0.98
N SER A 88 9.02 12.71 1.79
CA SER A 88 8.12 13.63 2.47
C SER A 88 6.91 12.85 3.02
N VAL A 89 6.17 12.26 2.10
CA VAL A 89 4.99 11.48 2.48
C VAL A 89 4.66 10.49 1.36
N VAL A 90 4.26 9.29 1.78
CA VAL A 90 3.91 8.26 0.83
C VAL A 90 2.54 7.67 1.20
N THR A 91 1.57 7.94 0.33
CA THR A 91 0.23 7.44 0.56
C THR A 91 0.00 6.12 -0.19
N LEU A 92 -1.05 5.42 0.21
CA LEU A 92 -1.38 4.15 -0.42
C LEU A 92 -2.78 3.72 0.02
N GLU A 93 -3.53 3.19 -0.93
CA GLU A 93 -4.88 2.74 -0.65
C GLU A 93 -4.92 1.20 -0.60
N VAL A 94 -5.07 0.70 0.62
CA VAL A 94 -5.12 -0.73 0.84
C VAL A 94 -6.58 -1.15 1.12
N ALA A 95 -6.80 -2.46 1.12
CA ALA A 95 -8.13 -2.99 1.38
C ALA A 95 -7.99 -4.38 2.01
N LYS A 96 -8.91 -4.67 2.92
CA LYS A 96 -8.91 -5.95 3.59
C LYS A 96 -9.33 -7.05 2.61
N GLN A 97 -8.42 -7.97 2.38
CA GLN A 97 -8.67 -9.08 1.46
C GLN A 97 -7.94 -10.33 1.92
N GLY A 98 -6.66 -10.15 2.23
CA GLY A 98 -5.83 -11.26 2.69
C GLY A 98 -4.56 -11.37 1.86
N ALA A 99 -3.71 -12.31 2.25
CA ALA A 99 -2.47 -12.53 1.55
C ALA A 99 -2.63 -13.70 0.57
N ILE A 100 -1.65 -13.84 -0.31
CA ILE A 100 -1.67 -14.91 -1.30
C ILE A 100 -0.31 -15.61 -1.31
N TYR A 101 -0.37 -16.93 -1.32
CA TYR A 101 0.83 -17.74 -1.33
C TYR A 101 1.84 -17.20 -2.35
N GLY A 1 -24.99 3.47 6.24
CA GLY A 1 -24.57 4.33 7.33
C GLY A 1 -23.38 5.20 6.91
N PRO A 2 -22.88 6.01 7.89
CA PRO A 2 -21.76 6.89 7.63
C PRO A 2 -20.45 6.08 7.59
N LEU A 3 -19.81 6.12 6.43
CA LEU A 3 -18.56 5.40 6.25
C LEU A 3 -17.63 5.69 7.43
N GLY A 4 -16.67 4.80 7.62
CA GLY A 4 -15.73 4.94 8.71
C GLY A 4 -16.21 4.22 9.97
N SER A 5 -15.78 2.97 10.09
CA SER A 5 -16.16 2.16 11.24
C SER A 5 -14.91 1.64 11.95
N LEU A 6 -15.13 1.08 13.14
CA LEU A 6 -14.04 0.55 13.93
C LEU A 6 -13.19 -0.37 13.05
N ARG A 7 -12.06 -0.79 13.62
CA ARG A 7 -11.15 -1.67 12.91
C ARG A 7 -10.48 -0.93 11.74
N LYS A 8 -9.43 -1.54 11.22
CA LYS A 8 -8.72 -0.95 10.11
C LYS A 8 -9.65 -0.80 8.91
N GLU A 9 -10.15 -1.93 8.44
CA GLU A 9 -11.06 -1.93 7.31
C GLU A 9 -10.34 -1.42 6.06
N PRO A 10 -10.92 -1.77 4.88
CA PRO A 10 -10.36 -1.36 3.61
C PRO A 10 -10.63 0.12 3.34
N GLU A 11 -9.57 0.83 2.96
CA GLU A 11 -9.69 2.25 2.68
C GLU A 11 -8.32 2.82 2.29
N ILE A 12 -8.25 4.14 2.32
CA ILE A 12 -7.01 4.83 1.97
C ILE A 12 -6.19 5.06 3.23
N ILE A 13 -4.92 4.67 3.17
CA ILE A 13 -4.03 4.82 4.30
C ILE A 13 -2.90 5.79 3.92
N THR A 14 -2.47 6.56 4.90
CA THR A 14 -1.40 7.53 4.69
C THR A 14 -0.25 7.26 5.65
N VAL A 15 0.90 6.96 5.07
CA VAL A 15 2.09 6.69 5.86
C VAL A 15 3.10 7.83 5.67
N THR A 16 3.25 8.61 6.73
CA THR A 16 4.17 9.73 6.70
C THR A 16 5.54 9.32 7.26
N LEU A 17 6.57 10.02 6.82
CA LEU A 17 7.92 9.74 7.27
C LEU A 17 8.16 10.45 8.60
N LYS A 18 8.11 9.68 9.67
CA LYS A 18 8.31 10.22 11.00
C LYS A 18 9.82 10.24 11.30
N LYS A 19 10.43 9.07 11.13
CA LYS A 19 11.86 8.94 11.38
C LYS A 19 12.63 9.22 10.09
N GLN A 20 11.88 9.39 9.02
CA GLN A 20 12.47 9.67 7.71
C GLN A 20 13.50 8.58 7.37
N ASN A 21 13.15 7.35 7.70
CA ASN A 21 14.04 6.23 7.43
C ASN A 21 13.75 5.68 6.03
N GLY A 22 13.52 6.59 5.10
CA GLY A 22 13.22 6.22 3.73
C GLY A 22 11.78 5.75 3.59
N MET A 23 11.45 4.70 4.32
CA MET A 23 10.10 4.15 4.28
C MET A 23 10.06 2.76 4.93
N GLY A 24 10.66 1.80 4.24
CA GLY A 24 10.69 0.43 4.75
C GLY A 24 9.36 -0.27 4.50
N LEU A 25 8.86 -0.14 3.27
CA LEU A 25 7.60 -0.75 2.90
C LEU A 25 7.85 -1.79 1.80
N SER A 26 6.89 -2.68 1.64
CA SER A 26 6.98 -3.72 0.64
C SER A 26 5.61 -4.02 0.03
N ILE A 27 5.49 -3.76 -1.26
CA ILE A 27 4.24 -3.98 -1.95
C ILE A 27 4.48 -4.92 -3.15
N VAL A 28 3.39 -5.33 -3.76
CA VAL A 28 3.47 -6.22 -4.91
C VAL A 28 2.24 -6.02 -5.79
N ALA A 29 2.44 -6.21 -7.09
CA ALA A 29 1.36 -6.05 -8.05
C ALA A 29 1.29 -7.30 -8.95
N ALA A 30 0.07 -7.74 -9.19
CA ALA A 30 -0.14 -8.91 -10.03
C ALA A 30 -0.90 -8.49 -11.29
N LYS A 31 -0.81 -9.35 -12.30
CA LYS A 31 -1.48 -9.09 -13.56
C LYS A 31 -1.90 -10.42 -14.20
N GLY A 32 -3.22 -10.63 -14.21
CA GLY A 32 -3.76 -11.85 -14.79
C GLY A 32 -3.16 -13.09 -14.12
N ALA A 33 -3.79 -13.51 -13.04
CA ALA A 33 -3.33 -14.68 -12.31
C ALA A 33 -4.53 -15.40 -11.68
N GLY A 34 -4.64 -16.68 -12.00
CA GLY A 34 -5.73 -17.48 -11.47
C GLY A 34 -7.07 -17.04 -12.07
N GLN A 35 -7.63 -15.99 -11.49
CA GLN A 35 -8.90 -15.46 -11.94
C GLN A 35 -9.13 -14.07 -11.37
N ASP A 36 -8.37 -13.11 -11.88
CA ASP A 36 -8.50 -11.74 -11.43
C ASP A 36 -7.73 -10.82 -12.39
N LYS A 37 -8.25 -9.61 -12.52
CA LYS A 37 -7.62 -8.62 -13.40
C LYS A 37 -6.70 -7.72 -12.57
N LEU A 38 -5.46 -8.17 -12.43
CA LEU A 38 -4.47 -7.42 -11.68
C LEU A 38 -4.85 -7.43 -10.19
N GLY A 39 -3.83 -7.43 -9.36
CA GLY A 39 -4.04 -7.44 -7.91
C GLY A 39 -2.79 -6.96 -7.18
N ILE A 40 -2.96 -5.87 -6.43
CA ILE A 40 -1.87 -5.30 -5.67
C ILE A 40 -2.03 -5.68 -4.20
N TYR A 41 -0.90 -6.02 -3.59
CA TYR A 41 -0.90 -6.41 -2.19
C TYR A 41 0.39 -5.94 -1.49
N VAL A 42 0.30 -5.81 -0.18
CA VAL A 42 1.44 -5.37 0.61
C VAL A 42 2.23 -6.60 1.05
N LYS A 43 3.51 -6.60 0.70
CA LYS A 43 4.39 -7.70 1.07
C LYS A 43 4.70 -7.64 2.56
N SER A 44 4.98 -6.43 3.02
CA SER A 44 5.29 -6.21 4.42
C SER A 44 6.21 -5.00 4.57
N VAL A 45 6.47 -4.65 5.82
CA VAL A 45 7.33 -3.51 6.11
C VAL A 45 8.77 -4.01 6.32
N VAL A 46 9.71 -3.11 6.09
CA VAL A 46 11.12 -3.44 6.24
C VAL A 46 11.45 -3.57 7.73
N LYS A 47 10.45 -3.26 8.55
CA LYS A 47 10.62 -3.33 9.99
C LYS A 47 11.85 -2.52 10.40
N GLY A 48 12.11 -1.47 9.62
CA GLY A 48 13.24 -0.62 9.90
C GLY A 48 13.13 0.70 9.13
N GLY A 49 11.89 1.12 8.91
CA GLY A 49 11.64 2.36 8.19
C GLY A 49 10.74 3.30 9.02
N ALA A 50 10.54 4.49 8.49
CA ALA A 50 9.73 5.48 9.16
C ALA A 50 8.25 5.09 9.02
N ALA A 51 7.79 5.05 7.78
CA ALA A 51 6.41 4.70 7.50
C ALA A 51 6.18 3.24 7.89
N ASP A 52 7.28 2.55 8.17
CA ASP A 52 7.21 1.15 8.54
C ASP A 52 6.84 1.04 10.03
N VAL A 53 7.62 1.74 10.85
CA VAL A 53 7.39 1.73 12.28
C VAL A 53 6.15 2.57 12.60
N ASP A 54 6.00 3.66 11.85
CA ASP A 54 4.88 4.55 12.05
C ASP A 54 3.63 3.92 11.41
N GLY A 55 3.78 3.48 10.17
CA GLY A 55 2.68 2.88 9.44
C GLY A 55 2.29 1.54 10.07
N ARG A 56 3.30 0.74 10.39
CA ARG A 56 3.07 -0.56 10.99
C ARG A 56 1.96 -1.31 10.23
N LEU A 57 2.02 -1.20 8.91
CA LEU A 57 1.04 -1.86 8.08
C LEU A 57 1.26 -3.37 8.12
N ALA A 58 0.17 -4.11 7.96
CA ALA A 58 0.24 -5.56 7.98
C ALA A 58 0.57 -6.07 6.57
N ALA A 59 1.01 -7.32 6.51
CA ALA A 59 1.36 -7.94 5.25
C ALA A 59 0.13 -8.64 4.67
N GLY A 60 -0.22 -8.26 3.46
CA GLY A 60 -1.37 -8.84 2.78
C GLY A 60 -2.41 -7.77 2.45
N ASP A 61 -2.01 -6.51 2.64
CA ASP A 61 -2.89 -5.40 2.37
C ASP A 61 -3.03 -5.21 0.86
N GLN A 62 -4.24 -5.41 0.38
CA GLN A 62 -4.51 -5.27 -1.05
C GLN A 62 -4.52 -3.79 -1.44
N LEU A 63 -3.50 -3.42 -2.19
CA LEU A 63 -3.37 -2.04 -2.65
C LEU A 63 -4.10 -1.87 -3.98
N LEU A 64 -4.56 -0.66 -4.22
CA LEU A 64 -5.27 -0.35 -5.46
C LEU A 64 -4.90 1.05 -5.93
N SER A 65 -4.72 1.93 -4.96
CA SER A 65 -4.35 3.31 -5.25
C SER A 65 -2.96 3.62 -4.71
N VAL A 66 -2.36 4.66 -5.25
CA VAL A 66 -1.04 5.08 -4.83
C VAL A 66 -1.04 6.57 -4.51
N ASP A 67 0.05 7.02 -3.89
CA ASP A 67 0.17 8.42 -3.52
C ASP A 67 0.41 9.25 -4.79
N GLY A 68 -0.41 10.28 -4.94
CA GLY A 68 -0.30 11.17 -6.09
C GLY A 68 -0.93 10.53 -7.33
N ARG A 69 -1.52 9.35 -7.12
CA ARG A 69 -2.17 8.64 -8.21
C ARG A 69 -3.30 7.75 -7.66
N SER A 70 -4.49 7.99 -8.18
CA SER A 70 -5.65 7.22 -7.75
C SER A 70 -5.81 5.99 -8.64
N LEU A 71 -4.89 5.05 -8.46
CA LEU A 71 -4.93 3.82 -9.23
C LEU A 71 -6.30 3.16 -9.08
N VAL A 72 -6.67 2.90 -7.84
CA VAL A 72 -7.95 2.27 -7.55
C VAL A 72 -7.86 0.78 -7.83
N GLY A 73 -6.72 0.38 -8.38
CA GLY A 73 -6.50 -1.02 -8.70
C GLY A 73 -5.71 -1.17 -10.00
N LEU A 74 -4.59 -0.47 -10.06
CA LEU A 74 -3.74 -0.51 -11.24
C LEU A 74 -2.42 -1.19 -10.89
N SER A 75 -1.59 -1.37 -11.91
CA SER A 75 -0.30 -2.01 -11.73
C SER A 75 0.65 -1.06 -11.00
N GLN A 76 1.62 -1.65 -10.30
CA GLN A 76 2.59 -0.87 -9.55
C GLN A 76 3.47 -0.08 -10.52
N GLU A 77 3.34 -0.40 -11.80
CA GLU A 77 4.12 0.28 -12.82
C GLU A 77 4.18 1.78 -12.54
N ARG A 78 3.07 2.44 -12.84
CA ARG A 78 2.97 3.88 -12.64
C ARG A 78 3.35 4.23 -11.19
N ALA A 79 2.56 3.70 -10.27
CA ALA A 79 2.79 3.95 -8.85
C ALA A 79 4.28 3.77 -8.55
N ALA A 80 4.65 2.52 -8.29
CA ALA A 80 6.03 2.20 -7.99
C ALA A 80 6.87 3.48 -8.00
N GLU A 81 7.29 3.85 -9.19
CA GLU A 81 8.09 5.06 -9.36
C GLU A 81 7.49 6.21 -8.55
N LEU A 82 6.29 6.62 -8.96
CA LEU A 82 5.61 7.71 -8.28
C LEU A 82 5.12 7.22 -6.91
N MET A 83 5.60 6.05 -6.52
CA MET A 83 5.23 5.47 -5.25
C MET A 83 6.44 5.31 -4.34
N THR A 84 7.62 5.43 -4.94
CA THR A 84 8.86 5.30 -4.19
C THR A 84 9.39 6.68 -3.80
N ARG A 85 9.49 7.55 -4.80
CA ARG A 85 9.97 8.89 -4.58
C ARG A 85 9.00 9.67 -3.70
N THR A 86 8.84 9.20 -2.48
CA THR A 86 7.95 9.84 -1.53
C THR A 86 8.65 11.00 -0.83
N SER A 87 9.80 10.69 -0.25
CA SER A 87 10.58 11.68 0.46
C SER A 87 9.65 12.70 1.13
N SER A 88 8.79 12.18 1.98
CA SER A 88 7.84 13.03 2.69
C SER A 88 6.72 12.18 3.28
N VAL A 89 5.93 11.60 2.39
CA VAL A 89 4.82 10.76 2.81
C VAL A 89 4.48 9.78 1.69
N VAL A 90 3.86 8.68 2.08
CA VAL A 90 3.47 7.65 1.12
C VAL A 90 1.99 7.29 1.33
N THR A 91 1.14 8.02 0.62
CA THR A 91 -0.29 7.79 0.73
C THR A 91 -0.74 6.77 -0.34
N LEU A 92 -1.14 5.61 0.15
CA LEU A 92 -1.60 4.55 -0.74
C LEU A 92 -2.92 3.98 -0.21
N GLU A 93 -3.68 3.39 -1.12
CA GLU A 93 -4.96 2.81 -0.77
C GLU A 93 -4.83 1.28 -0.67
N VAL A 94 -5.21 0.75 0.48
CA VAL A 94 -5.15 -0.68 0.70
C VAL A 94 -6.53 -1.18 1.13
N ALA A 95 -6.68 -2.50 1.09
CA ALA A 95 -7.93 -3.13 1.47
C ALA A 95 -7.66 -4.49 2.10
N LYS A 96 -8.24 -4.70 3.27
CA LYS A 96 -8.06 -5.94 3.99
C LYS A 96 -8.56 -7.10 3.12
N GLN A 97 -7.64 -7.98 2.77
CA GLN A 97 -7.97 -9.13 1.94
C GLN A 97 -7.24 -10.38 2.45
N GLY A 98 -5.95 -10.42 2.18
CA GLY A 98 -5.14 -11.55 2.60
C GLY A 98 -4.30 -12.09 1.44
N ALA A 99 -3.02 -12.28 1.71
CA ALA A 99 -2.11 -12.77 0.70
C ALA A 99 -0.67 -12.71 1.23
N ILE A 100 0.27 -12.98 0.34
CA ILE A 100 1.68 -12.96 0.70
C ILE A 100 2.53 -12.83 -0.56
N TYR A 101 2.20 -13.66 -1.54
CA TYR A 101 2.92 -13.64 -2.81
C TYR A 101 4.43 -13.58 -2.57
N GLY A 1 -7.51 11.36 15.46
CA GLY A 1 -6.95 10.35 14.58
C GLY A 1 -7.68 10.33 13.24
N PRO A 2 -7.76 9.11 12.64
CA PRO A 2 -8.41 8.94 11.36
C PRO A 2 -9.94 8.98 11.52
N LEU A 3 -10.41 8.40 12.61
CA LEU A 3 -11.83 8.37 12.89
C LEU A 3 -12.55 7.57 11.80
N GLY A 4 -13.11 6.43 12.21
CA GLY A 4 -13.81 5.57 11.28
C GLY A 4 -13.86 4.13 11.80
N SER A 5 -14.99 3.48 11.54
CA SER A 5 -15.18 2.11 11.96
C SER A 5 -14.60 1.15 10.93
N LEU A 6 -14.06 0.04 11.42
CA LEU A 6 -13.47 -0.97 10.54
C LEU A 6 -14.39 -1.18 9.34
N ARG A 7 -13.79 -1.69 8.27
CA ARG A 7 -14.53 -1.94 7.06
C ARG A 7 -13.79 -2.96 6.18
N LYS A 8 -14.56 -3.80 5.51
CA LYS A 8 -13.99 -4.82 4.65
C LYS A 8 -13.25 -4.14 3.48
N GLU A 9 -14.01 -3.38 2.70
CA GLU A 9 -13.44 -2.68 1.58
C GLU A 9 -12.10 -2.02 1.96
N PRO A 10 -11.34 -1.62 0.92
CA PRO A 10 -10.05 -0.98 1.15
C PRO A 10 -10.23 0.46 1.62
N GLU A 11 -9.10 1.08 1.94
CA GLU A 11 -9.12 2.46 2.41
C GLU A 11 -7.79 3.14 2.09
N ILE A 12 -7.86 4.45 1.92
CA ILE A 12 -6.68 5.24 1.62
C ILE A 12 -5.90 5.52 2.92
N ILE A 13 -4.76 4.87 3.04
CA ILE A 13 -3.93 5.04 4.22
C ILE A 13 -2.80 6.01 3.90
N THR A 14 -2.36 6.73 4.92
CA THR A 14 -1.28 7.69 4.76
C THR A 14 -0.30 7.59 5.93
N VAL A 15 0.98 7.73 5.59
CA VAL A 15 2.02 7.65 6.60
C VAL A 15 3.11 8.68 6.28
N THR A 16 3.76 9.16 7.32
CA THR A 16 4.82 10.13 7.16
C THR A 16 6.16 9.55 7.61
N LEU A 17 7.24 10.08 7.05
CA LEU A 17 8.57 9.63 7.38
C LEU A 17 8.96 10.18 8.76
N LYS A 18 8.51 9.47 9.79
CA LYS A 18 8.80 9.88 11.15
C LYS A 18 10.28 9.63 11.45
N LYS A 19 10.65 8.36 11.42
CA LYS A 19 12.03 7.98 11.68
C LYS A 19 12.90 8.39 10.49
N GLN A 20 12.24 8.85 9.44
CA GLN A 20 12.94 9.28 8.25
C GLN A 20 13.86 8.17 7.74
N ASN A 21 13.34 6.95 7.80
CA ASN A 21 14.10 5.79 7.36
C ASN A 21 13.77 5.50 5.90
N GLY A 22 13.43 6.56 5.18
CA GLY A 22 13.09 6.44 3.77
C GLY A 22 11.63 5.97 3.60
N MET A 23 11.30 4.93 4.33
CA MET A 23 9.96 4.37 4.27
C MET A 23 9.89 2.99 4.91
N GLY A 24 10.35 2.00 4.16
CA GLY A 24 10.35 0.63 4.64
C GLY A 24 9.00 -0.05 4.39
N LEU A 25 8.60 -0.04 3.13
CA LEU A 25 7.34 -0.64 2.75
C LEU A 25 7.58 -1.65 1.62
N SER A 26 6.74 -2.66 1.58
CA SER A 26 6.85 -3.70 0.57
C SER A 26 5.47 -4.00 -0.03
N ILE A 27 5.37 -3.77 -1.33
CA ILE A 27 4.12 -4.01 -2.04
C ILE A 27 4.40 -4.82 -3.31
N VAL A 28 3.33 -5.36 -3.86
CA VAL A 28 3.44 -6.16 -5.07
C VAL A 28 2.14 -6.06 -5.87
N ALA A 29 2.30 -5.90 -7.17
CA ALA A 29 1.14 -5.80 -8.05
C ALA A 29 1.24 -6.86 -9.14
N ALA A 30 0.11 -7.50 -9.41
CA ALA A 30 0.06 -8.54 -10.43
C ALA A 30 -0.66 -7.99 -11.66
N LYS A 31 -0.23 -8.47 -12.82
CA LYS A 31 -0.83 -8.04 -14.07
C LYS A 31 -0.69 -9.17 -15.10
N GLY A 32 -1.84 -9.57 -15.63
CA GLY A 32 -1.87 -10.64 -16.62
C GLY A 32 -0.91 -11.77 -16.24
N ALA A 33 -1.03 -12.21 -15.00
CA ALA A 33 -0.19 -13.29 -14.50
C ALA A 33 -1.03 -14.24 -13.65
N GLY A 34 -0.42 -15.36 -13.30
CA GLY A 34 -1.10 -16.36 -12.49
C GLY A 34 -1.16 -15.93 -11.02
N GLN A 35 -1.77 -14.77 -10.82
CA GLN A 35 -1.89 -14.23 -9.47
C GLN A 35 -2.99 -13.17 -9.42
N ASP A 36 -4.21 -13.63 -9.19
CA ASP A 36 -5.36 -12.74 -9.13
C ASP A 36 -5.60 -12.12 -10.50
N LYS A 37 -6.72 -11.42 -10.62
CA LYS A 37 -7.08 -10.78 -11.87
C LYS A 37 -6.56 -9.34 -11.87
N LEU A 38 -5.24 -9.22 -11.78
CA LEU A 38 -4.61 -7.92 -11.76
C LEU A 38 -5.01 -7.18 -10.49
N GLY A 39 -4.00 -6.66 -9.80
CA GLY A 39 -4.24 -5.93 -8.56
C GLY A 39 -2.93 -5.71 -7.81
N ILE A 40 -3.01 -4.88 -6.77
CA ILE A 40 -1.84 -4.58 -5.96
C ILE A 40 -2.02 -5.22 -4.58
N TYR A 41 -0.91 -5.24 -3.84
CA TYR A 41 -0.92 -5.82 -2.50
C TYR A 41 0.31 -5.37 -1.71
N VAL A 42 0.26 -5.64 -0.41
CA VAL A 42 1.35 -5.28 0.48
C VAL A 42 2.11 -6.54 0.89
N LYS A 43 3.39 -6.55 0.54
CA LYS A 43 4.25 -7.69 0.88
C LYS A 43 4.54 -7.67 2.37
N SER A 44 4.86 -6.49 2.87
CA SER A 44 5.17 -6.33 4.28
C SER A 44 6.06 -5.10 4.48
N VAL A 45 6.29 -4.76 5.74
CA VAL A 45 7.11 -3.62 6.08
C VAL A 45 8.58 -4.07 6.17
N VAL A 46 9.46 -3.21 5.66
CA VAL A 46 10.88 -3.51 5.67
C VAL A 46 11.29 -3.98 7.07
N LYS A 47 10.58 -3.45 8.07
CA LYS A 47 10.86 -3.80 9.45
C LYS A 47 11.90 -2.84 10.02
N GLY A 48 12.26 -1.87 9.20
CA GLY A 48 13.24 -0.88 9.61
C GLY A 48 13.02 0.45 8.88
N GLY A 49 11.76 0.84 8.80
CA GLY A 49 11.39 2.08 8.12
C GLY A 49 10.46 2.92 8.99
N ALA A 50 10.15 4.10 8.49
CA ALA A 50 9.25 5.01 9.20
C ALA A 50 7.86 4.39 9.28
N ALA A 51 7.20 4.34 8.14
CA ALA A 51 5.87 3.78 8.08
C ALA A 51 5.90 2.34 8.58
N ASP A 52 7.01 1.67 8.30
CA ASP A 52 7.18 0.29 8.72
C ASP A 52 6.88 0.17 10.21
N VAL A 53 7.58 0.99 10.99
CA VAL A 53 7.40 0.99 12.43
C VAL A 53 6.15 1.80 12.78
N ASP A 54 6.27 3.11 12.61
CA ASP A 54 5.16 4.00 12.91
C ASP A 54 3.87 3.40 12.34
N GLY A 55 3.85 3.25 11.03
CA GLY A 55 2.69 2.70 10.36
C GLY A 55 2.32 1.33 10.93
N ARG A 56 3.32 0.45 10.97
CA ARG A 56 3.11 -0.89 11.49
C ARG A 56 1.97 -1.58 10.74
N LEU A 57 1.99 -1.43 9.42
CA LEU A 57 0.96 -2.04 8.59
C LEU A 57 1.13 -3.55 8.60
N ALA A 58 0.08 -4.24 8.14
CA ALA A 58 0.11 -5.69 8.09
C ALA A 58 0.59 -6.14 6.71
N ALA A 59 0.80 -7.44 6.59
CA ALA A 59 1.26 -8.01 5.33
C ALA A 59 0.10 -8.77 4.67
N GLY A 60 -0.07 -8.52 3.38
CA GLY A 60 -1.13 -9.17 2.63
C GLY A 60 -2.29 -8.19 2.37
N ASP A 61 -1.99 -6.91 2.49
CA ASP A 61 -2.99 -5.88 2.26
C ASP A 61 -3.09 -5.58 0.77
N GLN A 62 -4.27 -5.82 0.22
CA GLN A 62 -4.51 -5.58 -1.19
C GLN A 62 -4.60 -4.08 -1.47
N LEU A 63 -3.72 -3.61 -2.34
CA LEU A 63 -3.70 -2.21 -2.70
C LEU A 63 -4.38 -2.02 -4.06
N LEU A 64 -4.84 -0.80 -4.29
CA LEU A 64 -5.51 -0.48 -5.55
C LEU A 64 -5.07 0.91 -6.00
N SER A 65 -4.92 1.80 -5.03
CA SER A 65 -4.51 3.17 -5.32
C SER A 65 -3.09 3.40 -4.81
N VAL A 66 -2.44 4.39 -5.41
CA VAL A 66 -1.08 4.73 -5.02
C VAL A 66 -0.99 6.23 -4.76
N ASP A 67 0.03 6.61 -4.00
CA ASP A 67 0.24 8.02 -3.67
C ASP A 67 0.67 8.77 -4.93
N GLY A 68 -0.07 9.83 -5.22
CA GLY A 68 0.24 10.64 -6.38
C GLY A 68 -0.59 10.20 -7.59
N ARG A 69 -1.15 9.01 -7.48
CA ARG A 69 -1.96 8.45 -8.55
C ARG A 69 -3.03 7.51 -7.98
N SER A 70 -4.28 7.93 -8.14
CA SER A 70 -5.39 7.13 -7.65
C SER A 70 -5.72 6.02 -8.64
N LEU A 71 -4.85 5.01 -8.65
CA LEU A 71 -5.04 3.88 -9.55
C LEU A 71 -6.45 3.31 -9.35
N VAL A 72 -6.75 2.97 -8.10
CA VAL A 72 -8.05 2.42 -7.77
C VAL A 72 -8.07 0.93 -8.14
N GLY A 73 -7.00 0.49 -8.77
CA GLY A 73 -6.88 -0.89 -9.17
C GLY A 73 -5.96 -1.04 -10.39
N LEU A 74 -4.76 -0.48 -10.25
CA LEU A 74 -3.78 -0.54 -11.33
C LEU A 74 -2.48 -1.15 -10.79
N SER A 75 -1.56 -1.39 -11.71
CA SER A 75 -0.27 -1.97 -11.36
C SER A 75 0.59 -0.92 -10.65
N GLN A 76 1.52 -1.42 -9.86
CA GLN A 76 2.42 -0.55 -9.11
C GLN A 76 3.57 -0.10 -10.01
N GLU A 77 3.68 -0.73 -11.16
CA GLU A 77 4.73 -0.41 -12.11
C GLU A 77 4.93 1.10 -12.19
N ARG A 78 3.84 1.79 -12.53
CA ARG A 78 3.88 3.24 -12.64
C ARG A 78 3.67 3.88 -11.26
N ALA A 79 2.61 3.47 -10.60
CA ALA A 79 2.30 3.99 -9.28
C ALA A 79 3.53 3.90 -8.39
N ALA A 80 3.86 2.67 -8.00
CA ALA A 80 5.01 2.44 -7.15
C ALA A 80 6.06 3.52 -7.41
N GLU A 81 6.48 3.60 -8.66
CA GLU A 81 7.48 4.59 -9.06
C GLU A 81 7.17 5.94 -8.40
N LEU A 82 6.07 6.53 -8.83
CA LEU A 82 5.66 7.82 -8.29
C LEU A 82 5.27 7.66 -6.82
N MET A 83 5.25 6.41 -6.38
CA MET A 83 4.90 6.11 -5.01
C MET A 83 6.15 5.88 -4.16
N THR A 84 7.27 5.70 -4.85
CA THR A 84 8.53 5.47 -4.18
C THR A 84 9.21 6.81 -3.84
N ARG A 85 9.31 7.66 -4.85
CA ARG A 85 9.91 8.96 -4.67
C ARG A 85 9.05 9.84 -3.77
N THR A 86 8.84 9.36 -2.55
CA THR A 86 8.02 10.09 -1.59
C THR A 86 8.88 11.13 -0.86
N SER A 87 9.95 10.63 -0.26
CA SER A 87 10.86 11.50 0.48
C SER A 87 10.08 12.67 1.10
N SER A 88 9.04 12.31 1.84
CA SER A 88 8.20 13.30 2.49
C SER A 88 6.99 12.63 3.13
N VAL A 89 6.15 12.05 2.28
CA VAL A 89 4.96 11.37 2.74
C VAL A 89 4.51 10.35 1.69
N VAL A 90 3.86 9.30 2.17
CA VAL A 90 3.38 8.25 1.29
C VAL A 90 1.91 7.98 1.60
N THR A 91 1.16 7.68 0.53
CA THR A 91 -0.25 7.39 0.68
C THR A 91 -0.72 6.44 -0.43
N LEU A 92 -1.39 5.38 0.00
CA LEU A 92 -1.89 4.39 -0.95
C LEU A 92 -3.09 3.66 -0.32
N GLU A 93 -3.97 3.21 -1.18
CA GLU A 93 -5.16 2.49 -0.73
C GLU A 93 -4.85 0.99 -0.57
N VAL A 94 -5.04 0.52 0.65
CA VAL A 94 -4.78 -0.88 0.95
C VAL A 94 -6.10 -1.56 1.33
N ALA A 95 -6.03 -2.88 1.45
CA ALA A 95 -7.21 -3.66 1.81
C ALA A 95 -6.79 -4.83 2.69
N LYS A 96 -7.17 -4.74 3.96
CA LYS A 96 -6.85 -5.78 4.92
C LYS A 96 -7.61 -7.06 4.57
N GLN A 97 -7.11 -8.17 5.09
CA GLN A 97 -7.73 -9.45 4.83
C GLN A 97 -6.92 -10.57 5.48
N GLY A 98 -5.61 -10.50 5.30
CA GLY A 98 -4.72 -11.49 5.87
C GLY A 98 -4.24 -12.48 4.80
N ALA A 99 -3.43 -13.44 5.24
CA ALA A 99 -2.91 -14.44 4.34
C ALA A 99 -1.84 -13.80 3.44
N ILE A 100 -0.91 -14.64 2.99
CA ILE A 100 0.16 -14.17 2.12
C ILE A 100 0.61 -15.31 1.22
N TYR A 101 0.50 -15.07 -0.08
CA TYR A 101 0.89 -16.07 -1.06
C TYR A 101 0.85 -15.50 -2.47
N GLY A 1 -22.11 -18.11 6.04
CA GLY A 1 -20.94 -17.40 6.50
C GLY A 1 -21.27 -15.97 6.88
N PRO A 2 -20.36 -15.35 7.68
CA PRO A 2 -20.55 -13.98 8.12
C PRO A 2 -20.27 -12.99 7.00
N LEU A 3 -20.58 -11.73 7.26
CA LEU A 3 -20.36 -10.68 6.27
C LEU A 3 -19.49 -9.60 6.88
N GLY A 4 -19.03 -8.70 6.02
CA GLY A 4 -18.18 -7.60 6.45
C GLY A 4 -18.99 -6.53 7.17
N SER A 5 -18.32 -5.42 7.46
CA SER A 5 -18.97 -4.32 8.14
C SER A 5 -17.94 -3.24 8.48
N LEU A 6 -18.31 -2.00 8.18
CA LEU A 6 -17.44 -0.87 8.45
C LEU A 6 -16.15 -1.04 7.64
N ARG A 7 -15.89 -0.08 6.77
CA ARG A 7 -14.70 -0.11 5.93
C ARG A 7 -13.66 0.88 6.47
N LYS A 8 -12.95 0.46 7.51
CA LYS A 8 -11.93 1.29 8.12
C LYS A 8 -10.57 0.92 7.54
N GLU A 9 -10.05 -0.21 8.00
CA GLU A 9 -8.76 -0.69 7.54
C GLU A 9 -8.63 -0.47 6.03
N PRO A 10 -9.64 -0.98 5.28
CA PRO A 10 -9.65 -0.85 3.84
C PRO A 10 -10.01 0.57 3.42
N GLU A 11 -9.01 1.27 2.90
CA GLU A 11 -9.21 2.64 2.47
C GLU A 11 -7.87 3.27 2.08
N ILE A 12 -7.85 4.60 2.05
CA ILE A 12 -6.64 5.33 1.70
C ILE A 12 -5.88 5.67 2.99
N ILE A 13 -4.72 5.04 3.13
CA ILE A 13 -3.89 5.26 4.30
C ILE A 13 -2.73 6.18 3.92
N THR A 14 -2.34 7.01 4.88
CA THR A 14 -1.25 7.95 4.65
C THR A 14 -0.11 7.69 5.64
N VAL A 15 1.00 7.24 5.10
CA VAL A 15 2.17 6.94 5.92
C VAL A 15 3.22 8.04 5.72
N THR A 16 3.40 8.84 6.75
CA THR A 16 4.36 9.93 6.70
C THR A 16 5.70 9.49 7.31
N LEU A 17 6.77 10.01 6.75
CA LEU A 17 8.10 9.69 7.23
C LEU A 17 8.36 10.43 8.55
N LYS A 18 8.35 9.67 9.63
CA LYS A 18 8.59 10.25 10.94
C LYS A 18 10.07 10.14 11.28
N LYS A 19 10.60 8.95 11.08
CA LYS A 19 12.01 8.70 11.36
C LYS A 19 12.84 8.97 10.10
N GLN A 20 12.13 9.30 9.02
CA GLN A 20 12.78 9.58 7.76
C GLN A 20 13.71 8.43 7.36
N ASN A 21 13.23 7.22 7.59
CA ASN A 21 14.01 6.04 7.27
C ASN A 21 13.68 5.58 5.85
N GLY A 22 13.40 6.56 4.99
CA GLY A 22 13.06 6.27 3.61
C GLY A 22 11.63 5.76 3.50
N MET A 23 11.33 4.73 4.28
CA MET A 23 10.00 4.16 4.27
C MET A 23 9.99 2.79 4.98
N GLY A 24 10.47 1.79 4.26
CA GLY A 24 10.52 0.44 4.81
C GLY A 24 9.21 -0.31 4.57
N LEU A 25 8.74 -0.22 3.33
CA LEU A 25 7.49 -0.87 2.95
C LEU A 25 7.79 -1.95 1.92
N SER A 26 6.83 -2.84 1.73
CA SER A 26 6.96 -3.92 0.77
C SER A 26 5.61 -4.24 0.14
N ILE A 27 5.49 -3.92 -1.13
CA ILE A 27 4.26 -4.18 -1.86
C ILE A 27 4.57 -4.97 -3.13
N VAL A 28 3.52 -5.32 -3.85
CA VAL A 28 3.67 -6.08 -5.08
C VAL A 28 2.50 -5.77 -6.01
N ALA A 29 2.70 -6.08 -7.28
CA ALA A 29 1.67 -5.84 -8.29
C ALA A 29 1.67 -6.98 -9.30
N ALA A 30 0.53 -7.66 -9.38
CA ALA A 30 0.39 -8.77 -10.30
C ALA A 30 -0.34 -8.30 -11.56
N LYS A 31 -0.27 -9.13 -12.59
CA LYS A 31 -0.92 -8.81 -13.85
C LYS A 31 -2.00 -9.85 -14.14
N GLY A 32 -2.80 -9.57 -15.16
CA GLY A 32 -3.87 -10.46 -15.55
C GLY A 32 -5.22 -9.75 -15.51
N ALA A 33 -6.06 -10.21 -14.59
CA ALA A 33 -7.39 -9.63 -14.43
C ALA A 33 -7.40 -8.71 -13.21
N GLY A 34 -8.18 -7.64 -13.32
CA GLY A 34 -8.28 -6.69 -12.24
C GLY A 34 -9.21 -7.20 -11.13
N GLN A 35 -8.93 -8.41 -10.68
CA GLN A 35 -9.72 -9.02 -9.63
C GLN A 35 -9.27 -10.47 -9.40
N ASP A 36 -8.86 -11.11 -10.49
CA ASP A 36 -8.40 -12.49 -10.42
C ASP A 36 -6.91 -12.50 -10.09
N LYS A 37 -6.10 -12.13 -11.07
CA LYS A 37 -4.66 -12.10 -10.89
C LYS A 37 -4.20 -10.65 -10.73
N LEU A 38 -4.18 -9.93 -11.84
CA LEU A 38 -3.77 -8.54 -11.82
C LEU A 38 -4.27 -7.87 -10.54
N GLY A 39 -3.38 -7.09 -9.94
CA GLY A 39 -3.72 -6.39 -8.71
C GLY A 39 -2.46 -5.97 -7.96
N ILE A 40 -2.66 -5.51 -6.74
CA ILE A 40 -1.55 -5.07 -5.90
C ILE A 40 -1.78 -5.53 -4.46
N TYR A 41 -0.70 -5.95 -3.83
CA TYR A 41 -0.76 -6.42 -2.46
C TYR A 41 0.44 -5.94 -1.65
N VAL A 42 0.30 -5.97 -0.34
CA VAL A 42 1.37 -5.55 0.56
C VAL A 42 2.12 -6.77 1.06
N LYS A 43 3.41 -6.81 0.76
CA LYS A 43 4.25 -7.92 1.18
C LYS A 43 4.51 -7.82 2.69
N SER A 44 4.78 -6.60 3.12
CA SER A 44 5.06 -6.33 4.52
C SER A 44 5.93 -5.09 4.68
N VAL A 45 6.13 -4.70 5.93
CA VAL A 45 6.94 -3.52 6.21
C VAL A 45 8.35 -3.98 6.59
N VAL A 46 9.32 -3.26 6.04
CA VAL A 46 10.71 -3.57 6.31
C VAL A 46 10.88 -3.94 7.78
N LYS A 47 10.03 -3.33 8.60
CA LYS A 47 10.07 -3.58 10.04
C LYS A 47 11.18 -2.73 10.67
N GLY A 48 11.69 -1.80 9.87
CA GLY A 48 12.76 -0.92 10.35
C GLY A 48 12.77 0.39 9.55
N GLY A 49 11.58 0.83 9.18
CA GLY A 49 11.43 2.06 8.43
C GLY A 49 10.61 3.09 9.19
N ALA A 50 10.46 4.26 8.60
CA ALA A 50 9.70 5.33 9.21
C ALA A 50 8.21 5.01 9.12
N ALA A 51 7.72 5.00 7.88
CA ALA A 51 6.31 4.70 7.63
C ALA A 51 6.03 3.25 7.98
N ASP A 52 7.11 2.52 8.26
CA ASP A 52 6.98 1.12 8.61
C ASP A 52 6.58 0.99 10.08
N VAL A 53 7.36 1.64 10.93
CA VAL A 53 7.10 1.62 12.36
C VAL A 53 5.92 2.55 12.68
N ASP A 54 5.81 3.60 11.88
CA ASP A 54 4.74 4.57 12.06
C ASP A 54 3.46 4.03 11.42
N GLY A 55 3.63 3.47 10.23
CA GLY A 55 2.49 2.91 9.50
C GLY A 55 2.05 1.57 10.11
N ARG A 56 3.05 0.74 10.41
CA ARG A 56 2.77 -0.56 10.99
C ARG A 56 1.67 -1.27 10.20
N LEU A 57 1.77 -1.17 8.89
CA LEU A 57 0.79 -1.80 8.01
C LEU A 57 0.93 -3.32 8.11
N ALA A 58 -0.17 -4.00 7.82
CA ALA A 58 -0.19 -5.46 7.88
C ALA A 58 0.44 -6.02 6.61
N ALA A 59 0.81 -7.29 6.67
CA ALA A 59 1.42 -7.95 5.54
C ALA A 59 0.39 -8.86 4.87
N GLY A 60 0.09 -8.53 3.62
CA GLY A 60 -0.88 -9.30 2.85
C GLY A 60 -2.08 -8.43 2.45
N ASP A 61 -1.88 -7.13 2.56
CA ASP A 61 -2.93 -6.18 2.22
C ASP A 61 -3.07 -6.10 0.70
N GLN A 62 -4.13 -5.43 0.26
CA GLN A 62 -4.38 -5.28 -1.15
C GLN A 62 -4.41 -3.80 -1.53
N LEU A 63 -3.41 -3.40 -2.29
CA LEU A 63 -3.30 -2.02 -2.74
C LEU A 63 -4.07 -1.84 -4.05
N LEU A 64 -4.59 -0.64 -4.24
CA LEU A 64 -5.34 -0.33 -5.46
C LEU A 64 -5.01 1.09 -5.90
N SER A 65 -4.78 1.95 -4.92
CA SER A 65 -4.46 3.34 -5.20
C SER A 65 -3.04 3.65 -4.74
N VAL A 66 -2.44 4.64 -5.38
CA VAL A 66 -1.09 5.05 -5.05
C VAL A 66 -1.06 6.55 -4.77
N ASP A 67 -0.07 6.95 -3.98
CA ASP A 67 0.07 8.35 -3.63
C ASP A 67 0.42 9.16 -4.88
N GLY A 68 -0.42 10.14 -5.17
CA GLY A 68 -0.22 10.99 -6.32
C GLY A 68 -1.09 10.53 -7.50
N ARG A 69 -1.45 9.26 -7.47
CA ARG A 69 -2.27 8.68 -8.52
C ARG A 69 -3.31 7.74 -7.92
N SER A 70 -4.57 8.08 -8.12
CA SER A 70 -5.66 7.27 -7.61
C SER A 70 -5.87 6.04 -8.51
N LEU A 71 -4.97 5.08 -8.34
CA LEU A 71 -5.04 3.85 -9.13
C LEU A 71 -6.42 3.22 -8.94
N VAL A 72 -6.77 2.98 -7.69
CA VAL A 72 -8.05 2.38 -7.37
C VAL A 72 -7.99 0.87 -7.64
N GLY A 73 -6.90 0.47 -8.25
CA GLY A 73 -6.71 -0.94 -8.58
C GLY A 73 -5.90 -1.10 -9.87
N LEU A 74 -4.73 -0.46 -9.89
CA LEU A 74 -3.87 -0.52 -11.05
C LEU A 74 -2.56 -1.21 -10.67
N SER A 75 -1.72 -1.43 -11.68
CA SER A 75 -0.44 -2.07 -11.46
C SER A 75 0.51 -1.10 -10.75
N GLN A 76 1.61 -1.65 -10.27
CA GLN A 76 2.61 -0.87 -9.57
C GLN A 76 3.39 -0.01 -10.56
N GLU A 77 3.21 -0.31 -11.84
CA GLU A 77 3.89 0.42 -12.89
C GLU A 77 3.95 1.92 -12.55
N ARG A 78 2.79 2.55 -12.63
CA ARG A 78 2.70 3.97 -12.33
C ARG A 78 3.15 4.25 -10.89
N ALA A 79 2.54 3.53 -9.97
CA ALA A 79 2.87 3.68 -8.56
C ALA A 79 4.38 3.58 -8.38
N ALA A 80 4.85 2.35 -8.23
CA ALA A 80 6.26 2.09 -8.05
C ALA A 80 7.01 3.42 -8.02
N GLU A 81 7.26 3.96 -9.21
CA GLU A 81 7.96 5.23 -9.33
C GLU A 81 7.29 6.29 -8.46
N LEU A 82 6.12 6.73 -8.90
CA LEU A 82 5.37 7.73 -8.18
C LEU A 82 4.83 7.13 -6.88
N MET A 83 5.46 6.05 -6.46
CA MET A 83 5.04 5.36 -5.24
C MET A 83 6.20 5.29 -4.25
N THR A 84 7.41 5.24 -4.79
CA THR A 84 8.60 5.17 -3.96
C THR A 84 9.10 6.57 -3.61
N ARG A 85 9.27 7.38 -4.65
CA ARG A 85 9.74 8.74 -4.47
C ARG A 85 8.72 9.55 -3.68
N THR A 86 8.56 9.19 -2.42
CA THR A 86 7.62 9.87 -1.54
C THR A 86 8.27 11.13 -0.95
N SER A 87 9.45 10.94 -0.39
CA SER A 87 10.17 12.06 0.21
C SER A 87 9.19 13.04 0.85
N SER A 88 8.40 12.53 1.78
CA SER A 88 7.42 13.35 2.46
C SER A 88 6.36 12.46 3.12
N VAL A 89 5.62 11.76 2.27
CA VAL A 89 4.58 10.86 2.76
C VAL A 89 4.16 9.91 1.64
N VAL A 90 3.69 8.74 2.04
CA VAL A 90 3.27 7.73 1.08
C VAL A 90 1.79 7.39 1.33
N THR A 91 0.93 8.07 0.59
CA THR A 91 -0.50 7.85 0.72
C THR A 91 -0.98 6.83 -0.31
N LEU A 92 -1.24 5.63 0.16
CA LEU A 92 -1.70 4.56 -0.71
C LEU A 92 -3.05 4.05 -0.21
N GLU A 93 -3.71 3.28 -1.06
CA GLU A 93 -5.00 2.72 -0.73
C GLU A 93 -4.94 1.19 -0.66
N VAL A 94 -5.09 0.69 0.55
CA VAL A 94 -5.04 -0.76 0.76
C VAL A 94 -6.43 -1.24 1.17
N ALA A 95 -6.60 -2.56 1.09
CA ALA A 95 -7.87 -3.18 1.45
C ALA A 95 -7.63 -4.59 1.97
N LYS A 96 -8.51 -5.03 2.85
CA LYS A 96 -8.40 -6.36 3.43
C LYS A 96 -7.08 -6.47 4.21
N GLN A 97 -7.03 -7.44 5.09
CA GLN A 97 -5.85 -7.66 5.91
C GLN A 97 -4.94 -8.72 5.26
N GLY A 98 -5.31 -9.97 5.44
CA GLY A 98 -4.55 -11.07 4.88
C GLY A 98 -3.58 -11.64 5.91
N ALA A 99 -2.66 -12.47 5.42
CA ALA A 99 -1.67 -13.09 6.28
C ALA A 99 -0.39 -13.34 5.48
N ILE A 100 0.65 -13.72 6.20
CA ILE A 100 1.93 -14.00 5.57
C ILE A 100 2.52 -15.30 6.15
N TYR A 101 2.42 -16.36 5.36
CA TYR A 101 2.93 -17.65 5.78
C TYR A 101 4.37 -17.53 6.30
N GLY A 1 -26.15 9.02 1.39
CA GLY A 1 -25.69 9.57 2.65
C GLY A 1 -24.30 9.05 3.01
N PRO A 2 -23.64 9.78 3.96
CA PRO A 2 -22.31 9.40 4.39
C PRO A 2 -22.35 8.18 5.31
N LEU A 3 -21.24 7.45 5.34
CA LEU A 3 -21.15 6.26 6.17
C LEU A 3 -19.76 5.65 6.01
N GLY A 4 -19.25 5.12 7.11
CA GLY A 4 -17.94 4.50 7.11
C GLY A 4 -16.91 5.39 7.83
N SER A 5 -15.96 4.73 8.48
CA SER A 5 -14.93 5.44 9.22
C SER A 5 -13.94 4.45 9.84
N LEU A 6 -12.99 4.02 9.03
CA LEU A 6 -11.99 3.07 9.49
C LEU A 6 -12.65 1.72 9.74
N ARG A 7 -12.26 0.75 8.93
CA ARG A 7 -12.80 -0.59 9.05
C ARG A 7 -12.23 -1.51 7.95
N LYS A 8 -12.31 -2.80 8.21
CA LYS A 8 -11.81 -3.78 7.26
C LYS A 8 -12.34 -3.46 5.87
N GLU A 9 -11.44 -3.04 5.00
CA GLU A 9 -11.81 -2.70 3.64
C GLU A 9 -10.72 -1.85 2.97
N PRO A 10 -10.89 -1.63 1.64
CA PRO A 10 -9.93 -0.84 0.89
C PRO A 10 -10.08 0.64 1.19
N GLU A 11 -9.19 1.14 2.05
CA GLU A 11 -9.22 2.55 2.42
C GLU A 11 -7.92 3.23 2.02
N ILE A 12 -7.94 4.55 2.04
CA ILE A 12 -6.77 5.34 1.69
C ILE A 12 -5.96 5.64 2.95
N ILE A 13 -4.81 5.01 3.05
CA ILE A 13 -3.93 5.21 4.19
C ILE A 13 -2.85 6.24 3.84
N THR A 14 -2.48 7.02 4.84
CA THR A 14 -1.47 8.04 4.65
C THR A 14 -0.42 7.98 5.78
N VAL A 15 0.77 7.55 5.41
CA VAL A 15 1.86 7.45 6.37
C VAL A 15 2.95 8.45 6.01
N THR A 16 3.31 9.27 6.98
CA THR A 16 4.34 10.27 6.79
C THR A 16 5.68 9.78 7.33
N LEU A 17 6.74 10.22 6.68
CA LEU A 17 8.08 9.83 7.09
C LEU A 17 8.32 10.28 8.54
N LYS A 18 7.90 9.43 9.47
CA LYS A 18 8.06 9.72 10.88
C LYS A 18 9.54 9.70 11.23
N LYS A 19 10.12 8.50 11.19
CA LYS A 19 11.52 8.35 11.51
C LYS A 19 12.37 8.80 10.31
N GLN A 20 11.67 9.10 9.23
CA GLN A 20 12.34 9.56 8.02
C GLN A 20 13.45 8.57 7.62
N ASN A 21 13.12 7.29 7.74
CA ASN A 21 14.07 6.24 7.40
C ASN A 21 13.67 5.61 6.07
N GLY A 22 13.76 6.41 5.02
CA GLY A 22 13.41 5.95 3.69
C GLY A 22 11.91 5.66 3.59
N MET A 23 11.48 4.64 4.33
CA MET A 23 10.08 4.25 4.35
C MET A 23 9.90 2.88 4.98
N GLY A 24 10.45 1.87 4.32
CA GLY A 24 10.35 0.52 4.81
C GLY A 24 8.98 -0.09 4.49
N LEU A 25 8.83 -0.52 3.25
CA LEU A 25 7.59 -1.12 2.80
C LEU A 25 7.88 -2.10 1.67
N SER A 26 7.00 -3.10 1.55
CA SER A 26 7.16 -4.10 0.51
C SER A 26 5.78 -4.52 -0.02
N ILE A 27 5.51 -4.10 -1.25
CA ILE A 27 4.24 -4.42 -1.88
C ILE A 27 4.50 -5.20 -3.18
N VAL A 28 3.41 -5.62 -3.79
CA VAL A 28 3.50 -6.37 -5.04
C VAL A 28 2.25 -6.12 -5.87
N ALA A 29 2.45 -6.02 -7.18
CA ALA A 29 1.34 -5.79 -8.10
C ALA A 29 1.37 -6.86 -9.20
N ALA A 30 0.25 -7.55 -9.32
CA ALA A 30 0.12 -8.60 -10.33
C ALA A 30 -0.61 -8.05 -11.55
N LYS A 31 -0.38 -8.69 -12.68
CA LYS A 31 -1.02 -8.28 -13.91
C LYS A 31 -1.93 -9.40 -14.41
N GLY A 32 -2.74 -9.06 -15.41
CA GLY A 32 -3.66 -10.02 -16.00
C GLY A 32 -5.10 -9.55 -15.86
N ALA A 33 -6.00 -10.53 -15.70
CA ALA A 33 -7.41 -10.22 -15.56
C ALA A 33 -7.66 -9.65 -14.16
N GLY A 34 -8.50 -8.62 -14.12
CA GLY A 34 -8.84 -7.98 -12.86
C GLY A 34 -9.81 -8.85 -12.04
N GLN A 35 -9.39 -10.09 -11.83
CA GLN A 35 -10.22 -11.02 -11.08
C GLN A 35 -9.57 -12.41 -11.06
N ASP A 36 -8.25 -12.41 -10.91
CA ASP A 36 -7.50 -13.65 -10.89
C ASP A 36 -6.12 -13.40 -10.28
N LYS A 37 -5.39 -12.49 -10.92
CA LYS A 37 -4.06 -12.15 -10.45
C LYS A 37 -3.93 -10.62 -10.36
N LEU A 38 -4.22 -9.97 -11.47
CA LEU A 38 -4.15 -8.52 -11.52
C LEU A 38 -4.64 -7.93 -10.19
N GLY A 39 -3.76 -7.19 -9.55
CA GLY A 39 -4.09 -6.58 -8.27
C GLY A 39 -2.81 -6.28 -7.47
N ILE A 40 -2.93 -5.28 -6.60
CA ILE A 40 -1.80 -4.89 -5.76
C ILE A 40 -2.00 -5.45 -4.36
N TYR A 41 -0.88 -5.62 -3.66
CA TYR A 41 -0.91 -6.15 -2.31
C TYR A 41 0.35 -5.79 -1.54
N VAL A 42 0.31 -5.96 -0.24
CA VAL A 42 1.44 -5.66 0.61
C VAL A 42 2.13 -6.97 1.02
N LYS A 43 3.41 -7.04 0.73
CA LYS A 43 4.20 -8.21 1.05
C LYS A 43 4.60 -8.16 2.53
N SER A 44 5.25 -7.06 2.89
CA SER A 44 5.70 -6.88 4.26
C SER A 44 6.54 -5.61 4.37
N VAL A 45 6.89 -5.27 5.60
CA VAL A 45 7.69 -4.09 5.85
C VAL A 45 9.17 -4.49 5.98
N VAL A 46 10.03 -3.57 5.58
CA VAL A 46 11.47 -3.81 5.65
C VAL A 46 11.89 -3.95 7.12
N LYS A 47 11.02 -3.48 7.99
CA LYS A 47 11.28 -3.54 9.42
C LYS A 47 12.38 -2.53 9.78
N GLY A 48 12.53 -1.55 8.89
CA GLY A 48 13.53 -0.51 9.11
C GLY A 48 13.22 0.72 8.26
N GLY A 49 12.08 1.32 8.54
CA GLY A 49 11.65 2.51 7.82
C GLY A 49 10.72 3.36 8.67
N ALA A 50 10.32 4.50 8.11
CA ALA A 50 9.45 5.41 8.82
C ALA A 50 8.06 4.76 8.98
N ALA A 51 7.42 4.54 7.85
CA ALA A 51 6.10 3.93 7.84
C ALA A 51 6.21 2.48 8.33
N ASP A 52 7.45 2.03 8.47
CA ASP A 52 7.70 0.68 8.92
C ASP A 52 7.42 0.58 10.42
N VAL A 53 8.10 1.43 11.17
CA VAL A 53 7.93 1.45 12.62
C VAL A 53 6.68 2.26 12.97
N ASP A 54 6.43 3.28 12.17
CA ASP A 54 5.26 4.13 12.39
C ASP A 54 4.02 3.42 11.85
N GLY A 55 4.05 3.14 10.56
CA GLY A 55 2.93 2.46 9.91
C GLY A 55 2.64 1.12 10.58
N ARG A 56 3.66 0.28 10.60
CA ARG A 56 3.53 -1.05 11.20
C ARG A 56 2.38 -1.81 10.56
N LEU A 57 2.30 -1.71 9.24
CA LEU A 57 1.26 -2.39 8.49
C LEU A 57 1.52 -3.89 8.51
N ALA A 58 0.52 -4.64 8.04
CA ALA A 58 0.63 -6.09 8.00
C ALA A 58 0.82 -6.53 6.54
N ALA A 59 1.11 -7.82 6.39
CA ALA A 59 1.31 -8.37 5.06
C ALA A 59 0.00 -8.98 4.57
N GLY A 60 -0.39 -8.57 3.36
CA GLY A 60 -1.62 -9.06 2.77
C GLY A 60 -2.58 -7.91 2.48
N ASP A 61 -2.07 -6.70 2.65
CA ASP A 61 -2.88 -5.51 2.40
C ASP A 61 -3.02 -5.30 0.90
N GLN A 62 -4.25 -5.48 0.42
CA GLN A 62 -4.53 -5.31 -1.00
C GLN A 62 -4.52 -3.83 -1.37
N LEU A 63 -3.60 -3.47 -2.23
CA LEU A 63 -3.47 -2.09 -2.67
C LEU A 63 -4.18 -1.93 -4.03
N LEU A 64 -4.59 -0.69 -4.30
CA LEU A 64 -5.28 -0.39 -5.54
C LEU A 64 -4.91 1.02 -6.00
N SER A 65 -4.82 1.92 -5.01
CA SER A 65 -4.47 3.29 -5.30
C SER A 65 -3.07 3.61 -4.77
N VAL A 66 -2.49 4.67 -5.30
CA VAL A 66 -1.15 5.08 -4.90
C VAL A 66 -1.15 6.58 -4.58
N ASP A 67 -0.06 7.03 -3.99
CA ASP A 67 0.07 8.43 -3.63
C ASP A 67 0.24 9.26 -4.90
N GLY A 68 -0.55 10.33 -4.97
CA GLY A 68 -0.50 11.21 -6.13
C GLY A 68 -1.23 10.60 -7.33
N ARG A 69 -1.65 9.36 -7.15
CA ARG A 69 -2.35 8.65 -8.20
C ARG A 69 -3.33 7.64 -7.60
N SER A 70 -4.61 7.86 -7.86
CA SER A 70 -5.65 7.00 -7.36
C SER A 70 -5.86 5.82 -8.32
N LEU A 71 -4.84 5.00 -8.44
CA LEU A 71 -4.90 3.85 -9.33
C LEU A 71 -6.30 3.24 -9.26
N VAL A 72 -6.73 2.93 -8.06
CA VAL A 72 -8.04 2.35 -7.85
C VAL A 72 -7.97 0.83 -8.11
N GLY A 73 -6.81 0.39 -8.57
CA GLY A 73 -6.61 -1.01 -8.86
C GLY A 73 -5.74 -1.19 -10.12
N LEU A 74 -4.58 -0.56 -10.09
CA LEU A 74 -3.66 -0.65 -11.21
C LEU A 74 -2.36 -1.31 -10.76
N SER A 75 -1.48 -1.54 -11.72
CA SER A 75 -0.21 -2.17 -11.43
C SER A 75 0.71 -1.19 -10.69
N GLN A 76 1.80 -1.73 -10.16
CA GLN A 76 2.75 -0.92 -9.43
C GLN A 76 3.67 -0.16 -10.40
N GLU A 77 3.57 -0.54 -11.66
CA GLU A 77 4.38 0.09 -12.71
C GLU A 77 4.43 1.60 -12.48
N ARG A 78 3.30 2.24 -12.74
CA ARG A 78 3.20 3.68 -12.58
C ARG A 78 3.40 4.06 -11.11
N ALA A 79 2.54 3.51 -10.26
CA ALA A 79 2.61 3.80 -8.84
C ALA A 79 4.07 3.71 -8.38
N ALA A 80 4.51 2.49 -8.14
CA ALA A 80 5.88 2.26 -7.70
C ALA A 80 6.66 3.57 -7.79
N GLU A 81 7.06 3.88 -9.02
CA GLU A 81 7.82 5.11 -9.26
C GLU A 81 7.23 6.27 -8.45
N LEU A 82 6.02 6.65 -8.83
CA LEU A 82 5.34 7.75 -8.16
C LEU A 82 4.86 7.27 -6.79
N MET A 83 5.39 6.13 -6.38
CA MET A 83 5.02 5.56 -5.09
C MET A 83 6.25 5.36 -4.20
N THR A 84 7.41 5.58 -4.80
CA THR A 84 8.67 5.43 -4.08
C THR A 84 9.23 6.80 -3.69
N ARG A 85 9.26 7.69 -4.68
CA ARG A 85 9.78 9.02 -4.46
C ARG A 85 8.86 9.79 -3.50
N THR A 86 8.73 9.24 -2.30
CA THR A 86 7.90 9.86 -1.28
C THR A 86 8.69 10.90 -0.50
N SER A 87 9.83 10.46 0.03
CA SER A 87 10.68 11.35 0.80
C SER A 87 9.84 12.43 1.48
N SER A 88 8.78 11.98 2.14
CA SER A 88 7.90 12.89 2.84
C SER A 88 6.71 12.13 3.42
N VAL A 89 5.89 11.61 2.52
CA VAL A 89 4.71 10.85 2.92
C VAL A 89 4.34 9.87 1.81
N VAL A 90 3.66 8.80 2.21
CA VAL A 90 3.24 7.78 1.27
C VAL A 90 1.76 7.48 1.48
N THR A 91 0.94 8.02 0.57
CA THR A 91 -0.49 7.81 0.64
C THR A 91 -0.94 6.80 -0.43
N LEU A 92 -1.35 5.64 0.06
CA LEU A 92 -1.81 4.58 -0.84
C LEU A 92 -3.11 3.99 -0.30
N GLU A 93 -3.85 3.34 -1.19
CA GLU A 93 -5.10 2.73 -0.82
C GLU A 93 -4.94 1.22 -0.67
N VAL A 94 -5.04 0.76 0.56
CA VAL A 94 -4.91 -0.66 0.84
C VAL A 94 -6.22 -1.20 1.44
N ALA A 95 -6.40 -2.50 1.32
CA ALA A 95 -7.60 -3.15 1.83
C ALA A 95 -7.20 -4.30 2.76
N LYS A 96 -7.75 -4.26 3.96
CA LYS A 96 -7.46 -5.28 4.95
C LYS A 96 -7.69 -6.66 4.33
N GLN A 97 -8.91 -6.86 3.84
CA GLN A 97 -9.28 -8.12 3.22
C GLN A 97 -8.11 -8.67 2.39
N GLY A 98 -7.65 -9.85 2.77
CA GLY A 98 -6.55 -10.48 2.08
C GLY A 98 -5.55 -11.07 3.07
N ALA A 99 -4.81 -12.07 2.60
CA ALA A 99 -3.81 -12.72 3.43
C ALA A 99 -2.90 -13.57 2.54
N ILE A 100 -1.69 -13.06 2.35
CA ILE A 100 -0.70 -13.76 1.54
C ILE A 100 0.25 -14.55 2.44
N TYR A 101 1.11 -13.82 3.14
CA TYR A 101 2.06 -14.43 4.04
C TYR A 101 2.75 -13.38 4.91
N GLY A 1 -29.97 -13.93 -10.06
CA GLY A 1 -29.75 -14.60 -8.78
C GLY A 1 -30.13 -13.68 -7.61
N PRO A 2 -30.34 -14.32 -6.43
CA PRO A 2 -30.70 -13.58 -5.24
C PRO A 2 -29.49 -12.84 -4.66
N LEU A 3 -28.49 -13.63 -4.29
CA LEU A 3 -27.27 -13.08 -3.72
C LEU A 3 -27.61 -12.31 -2.45
N GLY A 4 -26.56 -11.97 -1.71
CA GLY A 4 -26.73 -11.23 -0.46
C GLY A 4 -25.76 -11.74 0.60
N SER A 5 -24.83 -10.87 0.95
CA SER A 5 -23.83 -11.21 1.96
C SER A 5 -23.04 -9.95 2.34
N LEU A 6 -22.27 -10.09 3.43
CA LEU A 6 -21.47 -8.99 3.91
C LEU A 6 -20.11 -9.02 3.21
N ARG A 7 -19.51 -7.83 3.10
CA ARG A 7 -18.21 -7.71 2.46
C ARG A 7 -17.54 -6.38 2.86
N LYS A 8 -16.23 -6.36 2.76
CA LYS A 8 -15.48 -5.17 3.09
C LYS A 8 -15.05 -4.45 1.81
N GLU A 9 -14.34 -3.36 1.98
CA GLU A 9 -13.87 -2.58 0.85
C GLU A 9 -12.48 -2.02 1.13
N PRO A 10 -11.87 -1.42 0.07
CA PRO A 10 -10.54 -0.85 0.19
C PRO A 10 -10.57 0.47 0.95
N GLU A 11 -9.53 0.70 1.73
CA GLU A 11 -9.42 1.90 2.53
C GLU A 11 -8.18 2.70 2.12
N ILE A 12 -8.32 4.02 2.17
CA ILE A 12 -7.22 4.90 1.80
C ILE A 12 -6.37 5.18 3.05
N ILE A 13 -5.16 4.64 3.03
CA ILE A 13 -4.26 4.83 4.15
C ILE A 13 -3.16 5.83 3.75
N THR A 14 -2.74 6.62 4.72
CA THR A 14 -1.71 7.61 4.49
C THR A 14 -0.59 7.47 5.53
N VAL A 15 0.56 7.04 5.05
CA VAL A 15 1.72 6.86 5.93
C VAL A 15 2.73 7.98 5.67
N THR A 16 2.86 8.86 6.65
CA THR A 16 3.78 9.97 6.54
C THR A 16 5.07 9.67 7.32
N LEU A 17 6.17 9.69 6.58
CA LEU A 17 7.47 9.43 7.19
C LEU A 17 7.54 10.12 8.55
N LYS A 18 7.69 9.31 9.59
CA LYS A 18 7.77 9.84 10.94
C LYS A 18 9.24 9.86 11.39
N LYS A 19 9.93 8.76 11.10
CA LYS A 19 11.33 8.64 11.46
C LYS A 19 12.19 9.04 10.26
N GLN A 20 11.52 9.31 9.15
CA GLN A 20 12.22 9.71 7.94
C GLN A 20 13.25 8.65 7.56
N ASN A 21 12.86 7.39 7.71
CA ASN A 21 13.74 6.29 7.38
C ASN A 21 13.46 5.81 5.96
N GLY A 22 13.32 6.77 5.07
CA GLY A 22 13.04 6.47 3.67
C GLY A 22 11.61 5.92 3.50
N MET A 23 11.35 4.84 4.22
CA MET A 23 10.04 4.21 4.16
C MET A 23 10.06 2.83 4.83
N GLY A 24 10.56 1.86 4.08
CA GLY A 24 10.64 0.50 4.59
C GLY A 24 9.31 -0.23 4.42
N LEU A 25 8.90 -0.38 3.16
CA LEU A 25 7.65 -1.05 2.87
C LEU A 25 7.90 -2.12 1.80
N SER A 26 6.92 -3.00 1.65
CA SER A 26 7.02 -4.08 0.67
C SER A 26 5.64 -4.40 0.10
N ILE A 27 5.49 -4.17 -1.19
CA ILE A 27 4.23 -4.43 -1.86
C ILE A 27 4.50 -4.91 -3.28
N VAL A 28 3.46 -5.41 -3.92
CA VAL A 28 3.57 -5.91 -5.28
C VAL A 28 2.23 -5.76 -5.99
N ALA A 29 2.25 -6.00 -7.29
CA ALA A 29 1.04 -5.89 -8.09
C ALA A 29 0.99 -7.05 -9.09
N ALA A 30 -0.14 -7.75 -9.08
CA ALA A 30 -0.33 -8.88 -9.97
C ALA A 30 -1.06 -8.41 -11.23
N LYS A 31 -0.74 -9.06 -12.34
CA LYS A 31 -1.35 -8.72 -13.61
C LYS A 31 -1.42 -9.97 -14.49
N GLY A 32 -2.63 -10.36 -14.83
CA GLY A 32 -2.84 -11.54 -15.67
C GLY A 32 -1.85 -12.64 -15.31
N ALA A 33 -1.70 -12.87 -14.01
CA ALA A 33 -0.79 -13.89 -13.53
C ALA A 33 -1.58 -15.16 -13.20
N GLY A 34 -0.90 -16.29 -13.31
CA GLY A 34 -1.52 -17.56 -13.02
C GLY A 34 -1.52 -17.86 -11.51
N GLN A 35 -1.96 -16.86 -10.76
CA GLN A 35 -2.01 -16.99 -9.31
C GLN A 35 -2.80 -15.81 -8.70
N ASP A 36 -3.78 -15.34 -9.46
CA ASP A 36 -4.61 -14.24 -9.01
C ASP A 36 -5.37 -13.66 -10.21
N LYS A 37 -6.06 -12.57 -9.95
CA LYS A 37 -6.84 -11.92 -10.99
C LYS A 37 -6.45 -10.44 -11.05
N LEU A 38 -5.15 -10.19 -10.99
CA LEU A 38 -4.64 -8.84 -11.03
C LEU A 38 -5.07 -8.09 -9.77
N GLY A 39 -4.12 -7.35 -9.20
CA GLY A 39 -4.38 -6.59 -7.99
C GLY A 39 -3.09 -6.29 -7.24
N ILE A 40 -3.14 -5.23 -6.45
CA ILE A 40 -1.97 -4.82 -5.68
C ILE A 40 -2.12 -5.33 -4.24
N TYR A 41 -0.98 -5.67 -3.65
CA TYR A 41 -0.96 -6.18 -2.29
C TYR A 41 0.34 -5.78 -1.58
N VAL A 42 0.30 -5.86 -0.26
CA VAL A 42 1.45 -5.52 0.55
C VAL A 42 2.13 -6.81 1.03
N LYS A 43 3.43 -6.88 0.79
CA LYS A 43 4.20 -8.05 1.19
C LYS A 43 4.52 -7.96 2.69
N SER A 44 4.92 -6.76 3.10
CA SER A 44 5.25 -6.52 4.49
C SER A 44 6.13 -5.27 4.61
N VAL A 45 6.35 -4.88 5.85
CA VAL A 45 7.17 -3.70 6.12
C VAL A 45 8.63 -4.12 6.34
N VAL A 46 9.53 -3.36 5.76
CA VAL A 46 10.95 -3.64 5.87
C VAL A 46 11.25 -4.08 7.31
N LYS A 47 10.51 -3.51 8.25
CA LYS A 47 10.69 -3.84 9.64
C LYS A 47 11.77 -2.92 10.24
N GLY A 48 12.16 -1.94 9.45
CA GLY A 48 13.17 -0.98 9.89
C GLY A 48 13.03 0.34 9.15
N GLY A 49 11.79 0.71 8.89
CA GLY A 49 11.51 1.95 8.19
C GLY A 49 10.61 2.87 9.03
N ALA A 50 10.36 4.05 8.50
CA ALA A 50 9.52 5.02 9.19
C ALA A 50 8.08 4.52 9.19
N ALA A 51 7.50 4.48 8.00
CA ALA A 51 6.12 4.02 7.85
C ALA A 51 6.02 2.57 8.33
N ASP A 52 7.15 1.88 8.27
CA ASP A 52 7.20 0.49 8.69
C ASP A 52 6.85 0.40 10.18
N VAL A 53 7.59 1.16 10.98
CA VAL A 53 7.36 1.16 12.42
C VAL A 53 6.15 2.03 12.73
N ASP A 54 6.24 3.29 12.34
CA ASP A 54 5.16 4.23 12.58
C ASP A 54 3.86 3.65 12.01
N GLY A 55 3.86 3.44 10.70
CA GLY A 55 2.70 2.89 10.03
C GLY A 55 2.30 1.53 10.65
N ARG A 56 3.28 0.65 10.74
CA ARG A 56 3.05 -0.67 11.29
C ARG A 56 1.91 -1.37 10.54
N LEU A 57 1.99 -1.29 9.22
CA LEU A 57 0.98 -1.91 8.37
C LEU A 57 1.09 -3.43 8.49
N ALA A 58 0.05 -4.11 8.02
CA ALA A 58 0.02 -5.56 8.07
C ALA A 58 0.62 -6.12 6.79
N ALA A 59 1.11 -7.35 6.89
CA ALA A 59 1.72 -8.01 5.74
C ALA A 59 0.68 -8.86 5.03
N GLY A 60 0.35 -8.45 3.80
CA GLY A 60 -0.63 -9.17 3.02
C GLY A 60 -1.84 -8.28 2.71
N ASP A 61 -1.61 -6.98 2.76
CA ASP A 61 -2.67 -6.01 2.49
C ASP A 61 -2.95 -5.98 1.00
N GLN A 62 -4.02 -5.28 0.64
CA GLN A 62 -4.42 -5.16 -0.75
C GLN A 62 -4.40 -3.69 -1.18
N LEU A 63 -3.41 -3.36 -1.99
CA LEU A 63 -3.27 -1.99 -2.48
C LEU A 63 -4.07 -1.83 -3.77
N LEU A 64 -4.46 -0.60 -4.05
CA LEU A 64 -5.22 -0.30 -5.25
C LEU A 64 -4.85 1.09 -5.76
N SER A 65 -4.62 1.99 -4.81
CA SER A 65 -4.25 3.36 -5.15
C SER A 65 -2.84 3.66 -4.65
N VAL A 66 -2.26 4.71 -5.19
CA VAL A 66 -0.92 5.12 -4.81
C VAL A 66 -0.91 6.63 -4.51
N ASP A 67 0.15 7.06 -3.84
CA ASP A 67 0.29 8.45 -3.49
C ASP A 67 0.62 9.26 -4.74
N GLY A 68 -0.14 10.33 -4.94
CA GLY A 68 0.07 11.19 -6.09
C GLY A 68 -0.72 10.68 -7.30
N ARG A 69 -1.28 9.49 -7.15
CA ARG A 69 -2.05 8.88 -8.21
C ARG A 69 -3.11 7.95 -7.63
N SER A 70 -4.36 8.29 -7.93
CA SER A 70 -5.49 7.50 -7.44
C SER A 70 -5.76 6.33 -8.38
N LEU A 71 -4.90 5.33 -8.29
CA LEU A 71 -5.03 4.16 -9.14
C LEU A 71 -6.43 3.56 -8.96
N VAL A 72 -6.74 3.18 -7.74
CA VAL A 72 -8.03 2.60 -7.42
C VAL A 72 -8.06 1.14 -7.86
N GLY A 73 -6.99 0.74 -8.52
CA GLY A 73 -6.87 -0.63 -9.01
C GLY A 73 -6.00 -0.69 -10.26
N LEU A 74 -4.81 -0.12 -10.16
CA LEU A 74 -3.89 -0.10 -11.28
C LEU A 74 -2.63 -0.89 -10.91
N SER A 75 -1.77 -1.09 -11.90
CA SER A 75 -0.54 -1.82 -11.69
C SER A 75 0.46 -0.96 -10.92
N GLN A 76 1.34 -1.62 -10.19
CA GLN A 76 2.35 -0.93 -9.41
C GLN A 76 3.31 -0.18 -10.33
N GLU A 77 3.20 -0.47 -11.63
CA GLU A 77 4.05 0.16 -12.62
C GLU A 77 4.15 1.66 -12.34
N ARG A 78 3.11 2.38 -12.73
CA ARG A 78 3.08 3.82 -12.54
C ARG A 78 3.47 4.17 -11.11
N ALA A 79 2.73 3.59 -10.17
CA ALA A 79 3.00 3.83 -8.76
C ALA A 79 4.49 3.63 -8.48
N ALA A 80 4.83 2.39 -8.13
CA ALA A 80 6.21 2.06 -7.83
C ALA A 80 7.06 3.33 -7.88
N GLU A 81 7.46 3.69 -9.10
CA GLU A 81 8.27 4.88 -9.29
C GLU A 81 7.63 6.08 -8.60
N LEU A 82 6.51 6.52 -9.15
CA LEU A 82 5.78 7.65 -8.60
C LEU A 82 5.51 7.40 -7.12
N MET A 83 5.66 6.14 -6.72
CA MET A 83 5.43 5.77 -5.34
C MET A 83 6.74 5.70 -4.56
N THR A 84 7.84 5.68 -5.30
CA THR A 84 9.16 5.62 -4.69
C THR A 84 9.55 6.99 -4.15
N ARG A 85 9.69 7.94 -5.07
CA ARG A 85 10.06 9.29 -4.68
C ARG A 85 8.94 9.94 -3.88
N THR A 86 8.71 9.40 -2.69
CA THR A 86 7.68 9.92 -1.81
C THR A 86 8.20 11.13 -1.03
N SER A 87 9.43 11.00 -0.56
CA SER A 87 10.05 12.07 0.21
C SER A 87 9.74 11.89 1.70
N SER A 88 8.46 12.01 2.03
CA SER A 88 8.03 11.86 3.40
C SER A 88 6.50 11.91 3.48
N VAL A 89 5.86 11.10 2.65
CA VAL A 89 4.42 11.05 2.61
C VAL A 89 3.98 10.04 1.54
N VAL A 90 3.78 8.82 1.97
CA VAL A 90 3.35 7.77 1.06
C VAL A 90 1.88 7.45 1.31
N THR A 91 1.03 8.10 0.53
CA THR A 91 -0.40 7.90 0.66
C THR A 91 -0.90 6.91 -0.40
N LEU A 92 -1.25 5.72 0.08
CA LEU A 92 -1.74 4.69 -0.81
C LEU A 92 -3.03 4.10 -0.24
N GLU A 93 -3.77 3.42 -1.10
CA GLU A 93 -5.02 2.81 -0.71
C GLU A 93 -4.86 1.29 -0.58
N VAL A 94 -4.97 0.82 0.66
CA VAL A 94 -4.83 -0.60 0.93
C VAL A 94 -6.17 -1.13 1.47
N ALA A 95 -6.24 -2.45 1.54
CA ALA A 95 -7.45 -3.10 2.03
C ALA A 95 -7.06 -4.32 2.87
N LYS A 96 -7.69 -4.44 4.03
CA LYS A 96 -7.42 -5.55 4.92
C LYS A 96 -7.89 -6.85 4.27
N GLN A 97 -7.01 -7.84 4.30
CA GLN A 97 -7.31 -9.13 3.71
C GLN A 97 -6.21 -10.14 4.04
N GLY A 98 -6.50 -10.99 5.01
CA GLY A 98 -5.56 -12.00 5.43
C GLY A 98 -4.67 -11.50 6.58
N ALA A 99 -3.78 -12.36 7.03
CA ALA A 99 -2.88 -12.01 8.11
C ALA A 99 -1.59 -12.81 7.97
N ILE A 100 -0.76 -12.72 9.00
CA ILE A 100 0.52 -13.43 9.00
C ILE A 100 0.58 -14.35 10.22
N TYR A 101 1.60 -15.18 10.24
CA TYR A 101 1.80 -16.11 11.34
C TYR A 101 2.21 -15.39 12.61
N GLY A 1 -16.18 14.03 8.86
CA GLY A 1 -15.03 14.10 9.75
C GLY A 1 -14.45 12.69 10.00
N PRO A 2 -13.42 12.34 9.19
CA PRO A 2 -12.78 11.04 9.32
C PRO A 2 -11.88 11.00 10.55
N LEU A 3 -11.27 9.84 10.77
CA LEU A 3 -10.39 9.65 11.90
C LEU A 3 -9.14 8.89 11.44
N GLY A 4 -8.23 8.69 12.39
CA GLY A 4 -7.00 7.97 12.10
C GLY A 4 -6.57 7.12 13.29
N SER A 5 -5.33 6.66 13.24
CA SER A 5 -4.79 5.84 14.30
C SER A 5 -5.56 4.52 14.40
N LEU A 6 -4.84 3.43 14.16
CA LEU A 6 -5.46 2.11 14.21
C LEU A 6 -6.82 2.16 13.51
N ARG A 7 -6.77 1.99 12.20
CA ARG A 7 -7.98 2.01 11.39
C ARG A 7 -8.36 0.59 10.98
N LYS A 8 -7.36 -0.15 10.51
CA LYS A 8 -7.58 -1.51 10.07
C LYS A 8 -8.90 -1.60 9.30
N GLU A 9 -8.81 -1.36 8.00
CA GLU A 9 -9.98 -1.41 7.15
C GLU A 9 -9.63 -0.95 5.73
N PRO A 10 -10.53 -1.29 4.77
CA PRO A 10 -10.32 -0.93 3.38
C PRO A 10 -10.58 0.56 3.16
N GLU A 11 -9.59 1.23 2.59
CA GLU A 11 -9.71 2.65 2.33
C GLU A 11 -8.33 3.24 1.98
N ILE A 12 -8.31 4.56 1.84
CA ILE A 12 -7.07 5.25 1.52
C ILE A 12 -6.26 5.47 2.80
N ILE A 13 -5.09 4.84 2.84
CA ILE A 13 -4.22 4.95 3.98
C ILE A 13 -3.10 5.95 3.68
N THR A 14 -2.73 6.71 4.69
CA THR A 14 -1.68 7.71 4.54
C THR A 14 -0.59 7.48 5.59
N VAL A 15 0.63 7.28 5.10
CA VAL A 15 1.76 7.06 5.98
C VAL A 15 2.78 8.18 5.78
N THR A 16 3.22 8.74 6.89
CA THR A 16 4.19 9.82 6.86
C THR A 16 5.57 9.32 7.28
N LEU A 17 6.58 10.07 6.89
CA LEU A 17 7.95 9.71 7.22
C LEU A 17 8.34 10.34 8.56
N LYS A 18 8.43 9.49 9.58
CA LYS A 18 8.78 9.95 10.90
C LYS A 18 10.30 9.93 11.07
N LYS A 19 10.88 8.76 10.81
CA LYS A 19 12.32 8.60 10.92
C LYS A 19 12.99 9.23 9.70
N GLN A 20 12.16 9.73 8.80
CA GLN A 20 12.65 10.36 7.59
C GLN A 20 13.56 9.38 6.82
N ASN A 21 13.19 8.12 6.88
CA ASN A 21 13.95 7.08 6.20
C ASN A 21 13.25 6.72 4.89
N GLY A 22 14.05 6.26 3.94
CA GLY A 22 13.53 5.87 2.64
C GLY A 22 12.04 5.51 2.73
N MET A 23 11.78 4.45 3.49
CA MET A 23 10.42 3.98 3.68
C MET A 23 10.39 2.56 4.24
N GLY A 24 11.17 1.70 3.61
CA GLY A 24 11.25 0.30 4.04
C GLY A 24 9.88 -0.37 3.94
N LEU A 25 9.39 -0.45 2.72
CA LEU A 25 8.09 -1.07 2.48
C LEU A 25 8.25 -2.16 1.41
N SER A 26 7.22 -2.99 1.32
CA SER A 26 7.23 -4.07 0.34
C SER A 26 5.82 -4.30 -0.20
N ILE A 27 5.66 -4.04 -1.48
CA ILE A 27 4.37 -4.22 -2.12
C ILE A 27 4.55 -5.00 -3.43
N VAL A 28 3.44 -5.48 -3.96
CA VAL A 28 3.47 -6.24 -5.20
C VAL A 28 2.13 -6.07 -5.92
N ALA A 29 2.21 -5.94 -7.23
CA ALA A 29 1.01 -5.78 -8.05
C ALA A 29 1.00 -6.84 -9.15
N ALA A 30 -0.18 -7.34 -9.44
CA ALA A 30 -0.34 -8.36 -10.46
C ALA A 30 -1.36 -7.88 -11.49
N LYS A 31 -1.44 -8.62 -12.59
CA LYS A 31 -2.36 -8.28 -13.67
C LYS A 31 -2.97 -9.56 -14.23
N GLY A 32 -4.07 -9.39 -14.95
CA GLY A 32 -4.76 -10.52 -15.55
C GLY A 32 -6.15 -10.12 -16.04
N ALA A 33 -6.88 -11.11 -16.53
CA ALA A 33 -8.22 -10.87 -17.04
C ALA A 33 -9.14 -12.01 -16.59
N GLY A 34 -10.43 -11.78 -16.75
CA GLY A 34 -11.43 -12.78 -16.37
C GLY A 34 -11.49 -12.93 -14.85
N GLN A 35 -10.54 -13.70 -14.32
CA GLN A 35 -10.48 -13.93 -12.89
C GLN A 35 -9.58 -12.89 -12.22
N ASP A 36 -10.18 -11.76 -11.89
CA ASP A 36 -9.45 -10.68 -11.24
C ASP A 36 -8.63 -9.93 -12.29
N LYS A 37 -8.82 -8.61 -12.33
CA LYS A 37 -8.11 -7.79 -13.28
C LYS A 37 -7.26 -6.76 -12.51
N LEU A 38 -5.98 -7.09 -12.39
CA LEU A 38 -5.05 -6.21 -11.70
C LEU A 38 -5.38 -6.22 -10.20
N GLY A 39 -4.34 -6.35 -9.40
CA GLY A 39 -4.51 -6.35 -7.96
C GLY A 39 -3.17 -6.15 -7.24
N ILE A 40 -3.15 -5.13 -6.38
CA ILE A 40 -1.96 -4.82 -5.63
C ILE A 40 -2.06 -5.41 -4.22
N TYR A 41 -0.91 -5.55 -3.59
CA TYR A 41 -0.86 -6.10 -2.24
C TYR A 41 0.44 -5.70 -1.53
N VAL A 42 0.36 -5.65 -0.21
CA VAL A 42 1.51 -5.27 0.59
C VAL A 42 2.22 -6.54 1.08
N LYS A 43 3.48 -6.66 0.69
CA LYS A 43 4.27 -7.82 1.08
C LYS A 43 4.63 -7.71 2.55
N SER A 44 5.09 -6.52 2.93
CA SER A 44 5.48 -6.27 4.30
C SER A 44 6.47 -5.10 4.36
N VAL A 45 6.78 -4.71 5.59
CA VAL A 45 7.71 -3.61 5.80
C VAL A 45 9.13 -4.15 5.88
N VAL A 46 10.03 -3.48 5.16
CA VAL A 46 11.43 -3.89 5.14
C VAL A 46 11.94 -4.01 6.59
N LYS A 47 11.24 -3.35 7.49
CA LYS A 47 11.61 -3.37 8.89
C LYS A 47 12.83 -2.48 9.11
N GLY A 48 12.91 -1.43 8.30
CA GLY A 48 14.02 -0.50 8.38
C GLY A 48 13.71 0.80 7.63
N GLY A 49 12.51 1.30 7.87
CA GLY A 49 12.06 2.53 7.23
C GLY A 49 11.18 3.34 8.16
N ALA A 50 11.03 4.62 7.82
CA ALA A 50 10.21 5.51 8.62
C ALA A 50 8.75 5.01 8.62
N ALA A 51 8.28 4.69 7.43
CA ALA A 51 6.92 4.19 7.28
C ALA A 51 6.85 2.75 7.77
N ASP A 52 7.97 2.05 7.63
CA ASP A 52 8.06 0.67 8.06
C ASP A 52 7.67 0.57 9.53
N VAL A 53 8.32 1.39 10.34
CA VAL A 53 8.06 1.40 11.78
C VAL A 53 6.81 2.24 12.05
N ASP A 54 6.92 3.52 11.75
CA ASP A 54 5.82 4.44 11.96
C ASP A 54 4.55 3.87 11.33
N GLY A 55 4.60 3.69 10.02
CA GLY A 55 3.47 3.16 9.28
C GLY A 55 2.97 1.87 9.93
N ARG A 56 3.84 0.88 9.99
CA ARG A 56 3.50 -0.40 10.58
C ARG A 56 2.26 -0.98 9.90
N LEU A 57 2.25 -0.90 8.58
CA LEU A 57 1.14 -1.41 7.79
C LEU A 57 1.14 -2.94 7.86
N ALA A 58 -0.03 -3.52 7.59
CA ALA A 58 -0.18 -4.96 7.61
C ALA A 58 0.49 -5.55 6.36
N ALA A 59 0.86 -6.82 6.47
CA ALA A 59 1.50 -7.51 5.37
C ALA A 59 0.53 -8.52 4.78
N GLY A 60 0.12 -8.27 3.54
CA GLY A 60 -0.81 -9.15 2.85
C GLY A 60 -2.13 -8.42 2.55
N ASP A 61 -2.06 -7.10 2.63
CA ASP A 61 -3.24 -6.29 2.36
C ASP A 61 -3.42 -6.13 0.85
N GLN A 62 -4.55 -5.55 0.47
CA GLN A 62 -4.86 -5.34 -0.93
C GLN A 62 -4.74 -3.85 -1.28
N LEU A 63 -3.71 -3.53 -2.04
CA LEU A 63 -3.50 -2.15 -2.45
C LEU A 63 -4.14 -1.92 -3.81
N LEU A 64 -4.49 -0.66 -4.07
CA LEU A 64 -5.11 -0.29 -5.32
C LEU A 64 -4.67 1.12 -5.72
N SER A 65 -4.53 1.97 -4.71
CA SER A 65 -4.12 3.34 -4.92
C SER A 65 -2.68 3.54 -4.43
N VAL A 66 -1.96 4.40 -5.13
CA VAL A 66 -0.59 4.69 -4.78
C VAL A 66 -0.45 6.19 -4.47
N ASP A 67 0.63 6.51 -3.77
CA ASP A 67 0.89 7.89 -3.41
C ASP A 67 1.27 8.69 -4.65
N GLY A 68 0.40 9.63 -5.01
CA GLY A 68 0.64 10.45 -6.18
C GLY A 68 -0.33 10.08 -7.31
N ARG A 69 -0.95 8.93 -7.17
CA ARG A 69 -1.90 8.45 -8.17
C ARG A 69 -2.96 7.57 -7.52
N SER A 70 -4.20 8.03 -7.60
CA SER A 70 -5.32 7.30 -7.02
C SER A 70 -5.66 6.10 -7.91
N LEU A 71 -4.66 5.28 -8.16
CA LEU A 71 -4.85 4.09 -8.99
C LEU A 71 -6.27 3.54 -8.76
N VAL A 72 -6.49 3.09 -7.54
CA VAL A 72 -7.79 2.54 -7.18
C VAL A 72 -7.83 1.05 -7.56
N GLY A 73 -6.83 0.64 -8.32
CA GLY A 73 -6.73 -0.75 -8.75
C GLY A 73 -5.85 -0.87 -9.99
N LEU A 74 -4.66 -0.28 -9.89
CA LEU A 74 -3.71 -0.32 -10.99
C LEU A 74 -2.42 -1.00 -10.53
N SER A 75 -1.54 -1.24 -11.49
CA SER A 75 -0.26 -1.87 -11.18
C SER A 75 0.66 -0.87 -10.49
N GLN A 76 1.61 -1.42 -9.73
CA GLN A 76 2.56 -0.60 -9.02
C GLN A 76 3.69 -0.15 -9.95
N GLU A 77 3.66 -0.68 -11.16
CA GLU A 77 4.67 -0.35 -12.15
C GLU A 77 4.88 1.16 -12.20
N ARG A 78 3.82 1.87 -12.57
CA ARG A 78 3.88 3.32 -12.67
C ARG A 78 3.74 3.94 -11.27
N ALA A 79 2.83 3.38 -10.49
CA ALA A 79 2.57 3.87 -9.15
C ALA A 79 3.85 3.76 -8.33
N ALA A 80 4.16 2.53 -7.92
CA ALA A 80 5.35 2.28 -7.13
C ALA A 80 6.38 3.38 -7.41
N GLU A 81 6.56 3.66 -8.70
CA GLU A 81 7.51 4.67 -9.12
C GLU A 81 7.14 6.03 -8.52
N LEU A 82 6.16 6.67 -9.14
CA LEU A 82 5.70 7.97 -8.69
C LEU A 82 5.44 7.91 -7.18
N MET A 83 5.23 6.70 -6.69
CA MET A 83 4.96 6.50 -5.28
C MET A 83 6.27 6.34 -4.50
N THR A 84 7.32 5.94 -5.23
CA THR A 84 8.62 5.75 -4.61
C THR A 84 9.17 7.08 -4.09
N ARG A 85 9.29 8.03 -5.02
CA ARG A 85 9.80 9.34 -4.67
C ARG A 85 8.81 10.07 -3.76
N THR A 86 8.53 9.44 -2.62
CA THR A 86 7.60 10.02 -1.66
C THR A 86 8.35 10.95 -0.70
N SER A 87 9.35 10.38 -0.03
CA SER A 87 10.15 11.15 0.91
C SER A 87 9.29 12.26 1.53
N SER A 88 8.45 11.85 2.47
CA SER A 88 7.58 12.79 3.14
C SER A 88 6.32 12.08 3.65
N VAL A 89 5.59 11.51 2.71
CA VAL A 89 4.36 10.80 3.05
C VAL A 89 3.89 10.02 1.82
N VAL A 90 3.57 8.74 2.06
CA VAL A 90 3.10 7.88 0.99
C VAL A 90 1.65 7.49 1.25
N THR A 91 0.76 8.02 0.42
CA THR A 91 -0.66 7.73 0.55
C THR A 91 -1.06 6.62 -0.41
N LEU A 92 -1.31 5.45 0.15
CA LEU A 92 -1.72 4.31 -0.64
C LEU A 92 -3.02 3.73 -0.08
N GLU A 93 -3.86 3.26 -0.98
CA GLU A 93 -5.14 2.68 -0.59
C GLU A 93 -5.01 1.16 -0.46
N VAL A 94 -5.35 0.66 0.72
CA VAL A 94 -5.29 -0.75 0.99
C VAL A 94 -6.70 -1.29 1.20
N ALA A 95 -6.80 -2.61 1.25
CA ALA A 95 -8.08 -3.27 1.44
C ALA A 95 -7.89 -4.49 2.35
N LYS A 96 -8.69 -4.52 3.40
CA LYS A 96 -8.62 -5.62 4.35
C LYS A 96 -9.18 -6.89 3.70
N GLN A 97 -8.37 -7.46 2.81
CA GLN A 97 -8.77 -8.68 2.12
C GLN A 97 -7.69 -9.07 1.10
N GLY A 98 -7.08 -10.22 1.35
CA GLY A 98 -6.05 -10.73 0.47
C GLY A 98 -5.29 -11.88 1.12
N ALA A 99 -4.14 -11.55 1.70
CA ALA A 99 -3.32 -12.55 2.36
C ALA A 99 -2.69 -13.45 1.29
N ILE A 100 -1.44 -13.14 0.97
CA ILE A 100 -0.70 -13.91 -0.02
C ILE A 100 -1.35 -13.71 -1.40
N TYR A 101 -2.41 -14.46 -1.63
CA TYR A 101 -3.12 -14.37 -2.90
C TYR A 101 -4.62 -14.61 -2.69
N GLY A 1 -16.52 7.07 17.01
CA GLY A 1 -16.88 6.11 15.98
C GLY A 1 -17.78 6.76 14.92
N PRO A 2 -17.19 6.98 13.71
CA PRO A 2 -17.92 7.58 12.62
C PRO A 2 -18.92 6.59 12.01
N LEU A 3 -18.43 5.37 11.78
CA LEU A 3 -19.25 4.32 11.19
C LEU A 3 -18.55 2.98 11.37
N GLY A 4 -18.37 2.59 12.63
CA GLY A 4 -17.73 1.33 12.95
C GLY A 4 -16.25 1.54 13.28
N SER A 5 -15.66 0.53 13.89
CA SER A 5 -14.25 0.59 14.27
C SER A 5 -13.48 -0.50 13.54
N LEU A 6 -13.65 -0.54 12.23
CA LEU A 6 -12.97 -1.52 11.40
C LEU A 6 -12.92 -1.03 9.96
N ARG A 7 -11.84 -1.39 9.27
CA ARG A 7 -11.65 -0.99 7.89
C ARG A 7 -12.22 -2.07 6.96
N LYS A 8 -11.60 -3.23 7.02
CA LYS A 8 -12.02 -4.34 6.18
C LYS A 8 -11.84 -3.97 4.71
N GLU A 9 -12.77 -3.17 4.22
CA GLU A 9 -12.73 -2.72 2.83
C GLU A 9 -11.47 -1.89 2.58
N PRO A 10 -11.25 -1.55 1.28
CA PRO A 10 -10.09 -0.77 0.89
C PRO A 10 -10.29 0.70 1.27
N GLU A 11 -9.22 1.29 1.78
CA GLU A 11 -9.26 2.70 2.20
C GLU A 11 -7.92 3.37 1.90
N ILE A 12 -7.96 4.68 1.77
CA ILE A 12 -6.76 5.46 1.49
C ILE A 12 -6.08 5.81 2.81
N ILE A 13 -4.92 5.21 3.02
CA ILE A 13 -4.16 5.46 4.24
C ILE A 13 -2.93 6.30 3.89
N THR A 14 -2.50 7.09 4.87
CA THR A 14 -1.34 7.94 4.69
C THR A 14 -0.27 7.62 5.73
N VAL A 15 0.94 7.41 5.24
CA VAL A 15 2.05 7.09 6.11
C VAL A 15 3.11 8.21 6.02
N THR A 16 3.25 8.94 7.11
CA THR A 16 4.20 10.02 7.17
C THR A 16 5.59 9.50 7.58
N LEU A 17 6.61 10.11 7.01
CA LEU A 17 7.97 9.72 7.31
C LEU A 17 8.31 10.12 8.74
N LYS A 18 8.20 9.15 9.64
CA LYS A 18 8.49 9.39 11.04
C LYS A 18 10.00 9.31 11.27
N LYS A 19 10.56 8.14 10.99
CA LYS A 19 11.98 7.92 11.15
C LYS A 19 12.74 8.71 10.07
N GLN A 20 11.97 9.33 9.18
CA GLN A 20 12.56 10.11 8.11
C GLN A 20 13.53 9.25 7.29
N ASN A 21 13.17 7.98 7.17
CA ASN A 21 14.00 7.05 6.41
C ASN A 21 13.27 6.64 5.14
N GLY A 22 14.03 6.10 4.21
CA GLY A 22 13.47 5.67 2.94
C GLY A 22 11.99 5.35 3.07
N MET A 23 11.70 4.31 3.84
CA MET A 23 10.33 3.88 4.07
C MET A 23 10.27 2.41 4.49
N GLY A 24 11.03 1.60 3.79
CA GLY A 24 11.08 0.17 4.08
C GLY A 24 9.69 -0.46 3.90
N LEU A 25 9.24 -0.47 2.66
CA LEU A 25 7.94 -1.04 2.34
C LEU A 25 8.11 -2.13 1.27
N SER A 26 7.16 -3.05 1.26
CA SER A 26 7.19 -4.14 0.30
C SER A 26 5.78 -4.42 -0.23
N ILE A 27 5.57 -4.09 -1.49
CA ILE A 27 4.29 -4.30 -2.11
C ILE A 27 4.48 -5.05 -3.44
N VAL A 28 3.37 -5.50 -4.00
CA VAL A 28 3.41 -6.22 -5.26
C VAL A 28 2.09 -6.01 -6.01
N ALA A 29 2.20 -5.92 -7.32
CA ALA A 29 1.04 -5.71 -8.16
C ALA A 29 0.98 -6.80 -9.24
N ALA A 30 -0.22 -7.26 -9.52
CA ALA A 30 -0.42 -8.29 -10.52
C ALA A 30 -1.31 -7.75 -11.63
N LYS A 31 -1.31 -8.46 -12.75
CA LYS A 31 -2.11 -8.07 -13.89
C LYS A 31 -2.54 -9.31 -14.67
N GLY A 32 -3.45 -9.10 -15.61
CA GLY A 32 -3.96 -10.21 -16.42
C GLY A 32 -5.49 -10.22 -16.43
N ALA A 33 -6.02 -11.39 -16.74
CA ALA A 33 -7.47 -11.56 -16.78
C ALA A 33 -7.83 -12.99 -16.40
N GLY A 34 -9.08 -13.17 -15.98
CA GLY A 34 -9.55 -14.48 -15.58
C GLY A 34 -9.06 -14.83 -14.17
N GLN A 35 -7.76 -15.06 -14.08
CA GLN A 35 -7.15 -15.42 -12.80
C GLN A 35 -7.03 -14.17 -11.92
N ASP A 36 -6.86 -13.03 -12.57
CA ASP A 36 -6.73 -11.77 -11.86
C ASP A 36 -6.80 -10.62 -12.86
N LYS A 37 -7.38 -9.52 -12.40
CA LYS A 37 -7.52 -8.34 -13.25
C LYS A 37 -6.95 -7.12 -12.51
N LEU A 38 -5.62 -7.02 -12.52
CA LEU A 38 -4.96 -5.92 -11.87
C LEU A 38 -5.28 -5.94 -10.37
N GLY A 39 -4.29 -6.33 -9.58
CA GLY A 39 -4.47 -6.40 -8.14
C GLY A 39 -3.15 -6.12 -7.41
N ILE A 40 -3.19 -5.15 -6.52
CA ILE A 40 -2.00 -4.78 -5.76
C ILE A 40 -2.10 -5.39 -4.36
N TYR A 41 -0.94 -5.56 -3.74
CA TYR A 41 -0.87 -6.13 -2.41
C TYR A 41 0.35 -5.62 -1.65
N VAL A 42 0.40 -5.95 -0.37
CA VAL A 42 1.50 -5.53 0.48
C VAL A 42 2.23 -6.76 1.02
N LYS A 43 3.50 -6.88 0.64
CA LYS A 43 4.30 -8.00 1.09
C LYS A 43 4.64 -7.84 2.56
N SER A 44 5.08 -6.64 2.90
CA SER A 44 5.44 -6.33 4.28
C SER A 44 6.46 -5.20 4.32
N VAL A 45 6.77 -4.75 5.53
CA VAL A 45 7.73 -3.68 5.71
C VAL A 45 9.15 -4.25 5.64
N VAL A 46 10.08 -3.37 5.32
CA VAL A 46 11.47 -3.77 5.21
C VAL A 46 12.10 -3.81 6.60
N LYS A 47 11.25 -3.58 7.60
CA LYS A 47 11.71 -3.60 8.97
C LYS A 47 12.96 -2.73 9.11
N GLY A 48 12.90 -1.56 8.48
CA GLY A 48 14.02 -0.63 8.52
C GLY A 48 13.69 0.64 7.75
N GLY A 49 12.47 1.13 7.96
CA GLY A 49 12.03 2.35 7.30
C GLY A 49 11.08 3.14 8.20
N ALA A 50 10.84 4.38 7.79
CA ALA A 50 9.96 5.26 8.56
C ALA A 50 8.56 4.65 8.61
N ALA A 51 7.99 4.45 7.43
CA ALA A 51 6.67 3.88 7.32
C ALA A 51 6.69 2.44 7.84
N ASP A 52 7.84 1.82 7.71
CA ASP A 52 8.02 0.44 8.15
C ASP A 52 7.65 0.35 9.64
N VAL A 53 8.27 1.22 10.42
CA VAL A 53 8.02 1.23 11.86
C VAL A 53 6.73 2.00 12.13
N ASP A 54 6.74 3.28 11.76
CA ASP A 54 5.58 4.12 11.95
C ASP A 54 4.34 3.45 11.35
N GLY A 55 4.38 3.30 10.04
CA GLY A 55 3.28 2.67 9.34
C GLY A 55 2.89 1.34 9.99
N ARG A 56 3.88 0.46 10.10
CA ARG A 56 3.65 -0.84 10.69
C ARG A 56 2.52 -1.57 9.99
N LEU A 57 2.57 -1.54 8.66
CA LEU A 57 1.55 -2.18 7.86
C LEU A 57 1.68 -3.69 8.00
N ALA A 58 0.54 -4.37 7.89
CA ALA A 58 0.52 -5.82 8.01
C ALA A 58 0.78 -6.44 6.63
N ALA A 59 1.31 -7.65 6.66
CA ALA A 59 1.63 -8.36 5.43
C ALA A 59 0.35 -9.01 4.89
N GLY A 60 -0.07 -8.54 3.72
CA GLY A 60 -1.27 -9.07 3.08
C GLY A 60 -2.33 -7.98 2.93
N ASP A 61 -1.87 -6.81 2.53
CA ASP A 61 -2.77 -5.67 2.34
C ASP A 61 -2.96 -5.42 0.84
N GLN A 62 -4.20 -5.60 0.40
CA GLN A 62 -4.53 -5.40 -1.00
C GLN A 62 -4.57 -3.91 -1.32
N LEU A 63 -3.66 -3.50 -2.19
CA LEU A 63 -3.57 -2.11 -2.60
C LEU A 63 -4.27 -1.93 -3.95
N LEU A 64 -4.77 -0.73 -4.17
CA LEU A 64 -5.47 -0.42 -5.41
C LEU A 64 -5.02 0.97 -5.89
N SER A 65 -4.91 1.88 -4.94
CA SER A 65 -4.49 3.24 -5.26
C SER A 65 -3.07 3.49 -4.76
N VAL A 66 -2.42 4.45 -5.39
CA VAL A 66 -1.06 4.81 -5.01
C VAL A 66 -0.98 6.31 -4.72
N ASP A 67 0.04 6.67 -3.95
CA ASP A 67 0.22 8.07 -3.60
C ASP A 67 0.67 8.85 -4.83
N GLY A 68 -0.18 9.78 -5.25
CA GLY A 68 0.11 10.60 -6.41
C GLY A 68 -0.76 10.20 -7.59
N ARG A 69 -1.30 8.98 -7.51
CA ARG A 69 -2.15 8.47 -8.57
C ARG A 69 -3.17 7.49 -8.00
N SER A 70 -4.43 7.87 -8.10
CA SER A 70 -5.50 7.03 -7.60
C SER A 70 -5.80 5.89 -8.58
N LEU A 71 -4.89 4.93 -8.60
CA LEU A 71 -5.04 3.78 -9.49
C LEU A 71 -6.41 3.15 -9.28
N VAL A 72 -6.71 2.87 -8.02
CA VAL A 72 -7.99 2.26 -7.68
C VAL A 72 -7.92 0.76 -7.96
N GLY A 73 -6.80 0.34 -8.54
CA GLY A 73 -6.61 -1.06 -8.87
C GLY A 73 -5.74 -1.21 -10.11
N LEU A 74 -4.57 -0.59 -10.06
CA LEU A 74 -3.63 -0.64 -11.18
C LEU A 74 -2.31 -1.23 -10.69
N SER A 75 -1.42 -1.46 -11.65
CA SER A 75 -0.12 -2.03 -11.33
C SER A 75 0.74 -0.98 -10.63
N GLN A 76 1.72 -1.48 -9.88
CA GLN A 76 2.62 -0.61 -9.16
C GLN A 76 3.74 -0.10 -10.07
N GLU A 77 3.86 -0.75 -11.22
CA GLU A 77 4.87 -0.39 -12.19
C GLU A 77 5.02 1.13 -12.24
N ARG A 78 3.92 1.80 -12.54
CA ARG A 78 3.92 3.26 -12.62
C ARG A 78 3.76 3.86 -11.23
N ALA A 79 2.67 3.48 -10.57
CA ALA A 79 2.39 3.98 -9.24
C ALA A 79 3.64 3.87 -8.37
N ALA A 80 4.00 2.64 -8.06
CA ALA A 80 5.18 2.39 -7.25
C ALA A 80 6.18 3.53 -7.43
N GLU A 81 6.66 3.67 -8.66
CA GLU A 81 7.61 4.72 -8.97
C GLU A 81 7.20 6.03 -8.30
N LEU A 82 6.10 6.58 -8.80
CA LEU A 82 5.58 7.83 -8.26
C LEU A 82 5.25 7.65 -6.78
N MET A 83 5.23 6.39 -6.36
CA MET A 83 4.93 6.06 -4.97
C MET A 83 6.20 5.89 -4.15
N THR A 84 7.31 5.72 -4.88
CA THR A 84 8.60 5.54 -4.23
C THR A 84 9.14 6.89 -3.75
N ARG A 85 9.29 7.81 -4.70
CA ARG A 85 9.80 9.13 -4.40
C ARG A 85 8.81 9.89 -3.52
N THR A 86 8.58 9.33 -2.34
CA THR A 86 7.66 9.94 -1.40
C THR A 86 8.38 11.02 -0.58
N SER A 87 9.45 10.61 0.07
CA SER A 87 10.24 11.53 0.88
C SER A 87 9.43 11.97 2.10
N SER A 88 8.30 12.61 1.82
CA SER A 88 7.43 13.09 2.88
C SER A 88 6.60 11.93 3.44
N VAL A 89 5.42 11.75 2.84
CA VAL A 89 4.53 10.68 3.27
C VAL A 89 4.16 9.82 2.06
N VAL A 90 3.50 8.70 2.34
CA VAL A 90 3.08 7.79 1.29
C VAL A 90 1.60 7.46 1.47
N THR A 91 0.79 8.06 0.60
CA THR A 91 -0.64 7.84 0.65
C THR A 91 -1.05 6.78 -0.37
N LEU A 92 -1.39 5.61 0.13
CA LEU A 92 -1.79 4.50 -0.72
C LEU A 92 -3.08 3.88 -0.16
N GLU A 93 -3.87 3.32 -1.07
CA GLU A 93 -5.11 2.69 -0.68
C GLU A 93 -4.94 1.17 -0.55
N VAL A 94 -5.12 0.68 0.66
CA VAL A 94 -4.99 -0.73 0.93
C VAL A 94 -6.31 -1.29 1.45
N ALA A 95 -6.41 -2.61 1.45
CA ALA A 95 -7.62 -3.27 1.93
C ALA A 95 -7.23 -4.52 2.72
N LYS A 96 -7.79 -4.62 3.91
CA LYS A 96 -7.52 -5.76 4.77
C LYS A 96 -8.12 -7.02 4.15
N GLN A 97 -7.43 -8.13 4.37
CA GLN A 97 -7.88 -9.41 3.83
C GLN A 97 -7.00 -10.55 4.37
N GLY A 98 -5.75 -10.55 3.93
CA GLY A 98 -4.82 -11.57 4.35
C GLY A 98 -4.88 -12.80 3.44
N ALA A 99 -3.71 -13.33 3.13
CA ALA A 99 -3.62 -14.49 2.27
C ALA A 99 -2.15 -14.89 2.10
N ILE A 100 -1.35 -13.90 1.70
CA ILE A 100 0.08 -14.13 1.49
C ILE A 100 0.26 -15.13 0.35
N TYR A 101 1.27 -14.86 -0.46
CA TYR A 101 1.58 -15.72 -1.61
C TYR A 101 2.84 -16.54 -1.34
N GLY A 1 -21.53 6.13 2.96
CA GLY A 1 -21.91 5.74 4.30
C GLY A 1 -20.90 6.22 5.33
N PRO A 2 -20.70 5.38 6.39
CA PRO A 2 -19.77 5.71 7.44
C PRO A 2 -18.32 5.50 6.97
N LEU A 3 -17.44 6.37 7.46
CA LEU A 3 -16.04 6.30 7.11
C LEU A 3 -15.59 4.84 7.08
N GLY A 4 -15.69 4.20 8.24
CA GLY A 4 -15.31 2.81 8.36
C GLY A 4 -14.88 2.48 9.79
N SER A 5 -15.32 1.31 10.25
CA SER A 5 -14.98 0.87 11.60
C SER A 5 -15.36 -0.60 11.77
N LEU A 6 -16.53 -0.94 11.26
CA LEU A 6 -17.02 -2.31 11.35
C LEU A 6 -16.80 -3.02 10.00
N ARG A 7 -17.73 -2.75 9.09
CA ARG A 7 -17.66 -3.35 7.76
C ARG A 7 -16.23 -3.30 7.23
N LYS A 8 -15.96 -4.14 6.24
CA LYS A 8 -14.65 -4.20 5.64
C LYS A 8 -14.68 -3.48 4.28
N GLU A 9 -13.57 -2.80 3.99
CA GLU A 9 -13.46 -2.07 2.74
C GLU A 9 -12.09 -1.40 2.63
N PRO A 10 -11.69 -1.10 1.37
CA PRO A 10 -10.41 -0.47 1.13
C PRO A 10 -10.45 1.02 1.51
N GLU A 11 -9.27 1.53 1.88
CA GLU A 11 -9.16 2.91 2.27
C GLU A 11 -7.77 3.45 1.92
N ILE A 12 -7.67 4.77 1.90
CA ILE A 12 -6.40 5.42 1.59
C ILE A 12 -5.61 5.64 2.88
N ILE A 13 -4.51 4.92 3.00
CA ILE A 13 -3.67 5.04 4.17
C ILE A 13 -2.50 5.97 3.87
N THR A 14 -2.08 6.71 4.89
CA THR A 14 -0.98 7.64 4.74
C THR A 14 0.11 7.36 5.79
N VAL A 15 1.30 7.10 5.30
CA VAL A 15 2.43 6.80 6.18
C VAL A 15 3.44 7.95 6.09
N THR A 16 3.59 8.65 7.19
CA THR A 16 4.53 9.76 7.25
C THR A 16 5.91 9.27 7.66
N LEU A 17 6.93 9.95 7.15
CA LEU A 17 8.30 9.60 7.45
C LEU A 17 8.71 10.23 8.78
N LYS A 18 8.58 9.44 9.83
CA LYS A 18 8.94 9.90 11.16
C LYS A 18 10.46 9.86 11.33
N LYS A 19 10.99 8.64 11.27
CA LYS A 19 12.42 8.45 11.42
C LYS A 19 13.11 8.81 10.11
N GLN A 20 12.31 9.13 9.11
CA GLN A 20 12.82 9.50 7.81
C GLN A 20 13.80 8.43 7.30
N ASN A 21 13.42 7.18 7.52
CA ASN A 21 14.24 6.06 7.10
C ASN A 21 13.81 5.63 5.68
N GLY A 22 13.50 6.63 4.87
CA GLY A 22 13.08 6.37 3.50
C GLY A 22 11.63 5.87 3.45
N MET A 23 11.38 4.82 4.23
CA MET A 23 10.05 4.24 4.28
C MET A 23 10.07 2.87 4.96
N GLY A 24 10.52 1.88 4.21
CA GLY A 24 10.60 0.51 4.73
C GLY A 24 9.29 -0.23 4.53
N LEU A 25 8.75 -0.09 3.31
CA LEU A 25 7.50 -0.75 2.97
C LEU A 25 7.76 -1.80 1.89
N SER A 26 6.79 -2.70 1.75
CA SER A 26 6.91 -3.76 0.76
C SER A 26 5.53 -4.08 0.17
N ILE A 27 5.42 -3.88 -1.13
CA ILE A 27 4.17 -4.14 -1.82
C ILE A 27 4.45 -4.92 -3.11
N VAL A 28 3.38 -5.35 -3.76
CA VAL A 28 3.50 -6.10 -4.99
C VAL A 28 2.27 -5.84 -5.86
N ALA A 29 2.46 -6.03 -7.16
CA ALA A 29 1.38 -5.81 -8.12
C ALA A 29 1.36 -6.96 -9.13
N ALA A 30 0.16 -7.49 -9.35
CA ALA A 30 -0.01 -8.59 -10.28
C ALA A 30 -0.80 -8.10 -11.50
N LYS A 31 -0.64 -8.83 -12.60
CA LYS A 31 -1.32 -8.47 -13.83
C LYS A 31 -1.56 -9.74 -14.66
N GLY A 32 -2.83 -10.02 -14.90
CA GLY A 32 -3.19 -11.20 -15.67
C GLY A 32 -2.54 -12.46 -15.10
N ALA A 33 -3.19 -13.01 -14.08
CA ALA A 33 -2.69 -14.21 -13.43
C ALA A 33 -3.74 -15.32 -13.55
N GLY A 34 -3.29 -16.44 -14.09
CA GLY A 34 -4.18 -17.58 -14.26
C GLY A 34 -5.18 -17.34 -15.40
N GLN A 35 -6.15 -16.48 -15.12
CA GLN A 35 -7.16 -16.16 -16.10
C GLN A 35 -7.79 -14.79 -15.78
N ASP A 36 -6.99 -13.75 -15.97
CA ASP A 36 -7.46 -12.40 -15.71
C ASP A 36 -7.58 -12.19 -14.20
N LYS A 37 -6.78 -11.26 -13.70
CA LYS A 37 -6.78 -10.95 -12.28
C LYS A 37 -6.29 -9.51 -12.07
N LEU A 38 -4.98 -9.37 -11.97
CA LEU A 38 -4.39 -8.06 -11.76
C LEU A 38 -4.86 -7.49 -10.43
N GLY A 39 -3.90 -7.09 -9.61
CA GLY A 39 -4.20 -6.53 -8.30
C GLY A 39 -2.93 -6.23 -7.53
N ILE A 40 -3.01 -5.23 -6.67
CA ILE A 40 -1.87 -4.83 -5.86
C ILE A 40 -2.06 -5.36 -4.43
N TYR A 41 -0.93 -5.50 -3.74
CA TYR A 41 -0.97 -6.00 -2.38
C TYR A 41 0.27 -5.52 -1.59
N VAL A 42 0.23 -5.74 -0.29
CA VAL A 42 1.32 -5.34 0.57
C VAL A 42 2.04 -6.59 1.09
N LYS A 43 3.32 -6.66 0.79
CA LYS A 43 4.13 -7.80 1.22
C LYS A 43 4.40 -7.67 2.73
N SER A 44 4.77 -6.47 3.14
CA SER A 44 5.06 -6.20 4.54
C SER A 44 5.99 -4.99 4.66
N VAL A 45 6.23 -4.60 5.90
CA VAL A 45 7.09 -3.46 6.17
C VAL A 45 8.52 -3.96 6.41
N VAL A 46 9.45 -3.25 5.80
CA VAL A 46 10.86 -3.61 5.94
C VAL A 46 11.14 -4.01 7.38
N LYS A 47 10.38 -3.41 8.29
CA LYS A 47 10.53 -3.71 9.70
C LYS A 47 11.68 -2.86 10.27
N GLY A 48 12.13 -1.92 9.46
CA GLY A 48 13.22 -1.04 9.88
C GLY A 48 13.15 0.30 9.12
N GLY A 49 11.93 0.79 8.95
CA GLY A 49 11.72 2.04 8.26
C GLY A 49 10.92 3.02 9.14
N ALA A 50 10.75 4.22 8.61
CA ALA A 50 10.01 5.25 9.33
C ALA A 50 8.52 4.90 9.32
N ALA A 51 7.95 4.92 8.12
CA ALA A 51 6.54 4.61 7.97
C ALA A 51 6.31 3.12 8.26
N ASP A 52 7.42 2.41 8.45
CA ASP A 52 7.35 0.99 8.74
C ASP A 52 7.04 0.78 10.21
N VAL A 53 7.83 1.44 11.06
CA VAL A 53 7.65 1.34 12.49
C VAL A 53 6.51 2.25 12.92
N ASP A 54 6.35 3.34 12.19
CA ASP A 54 5.30 4.30 12.49
C ASP A 54 3.99 3.81 11.88
N GLY A 55 4.04 3.49 10.60
CA GLY A 55 2.86 3.02 9.89
C GLY A 55 2.36 1.70 10.50
N ARG A 56 3.26 0.75 10.60
CA ARG A 56 2.92 -0.55 11.16
C ARG A 56 1.74 -1.16 10.41
N LEU A 57 1.81 -1.07 9.09
CA LEU A 57 0.75 -1.62 8.24
C LEU A 57 0.80 -3.15 8.29
N ALA A 58 -0.31 -3.75 7.90
CA ALA A 58 -0.41 -5.20 7.90
C ALA A 58 0.37 -5.76 6.71
N ALA A 59 0.73 -7.03 6.83
CA ALA A 59 1.48 -7.69 5.77
C ALA A 59 0.54 -8.64 5.00
N GLY A 60 0.26 -8.24 3.76
CA GLY A 60 -0.61 -9.04 2.91
C GLY A 60 -1.88 -8.26 2.55
N ASP A 61 -1.77 -6.95 2.66
CA ASP A 61 -2.90 -6.08 2.35
C ASP A 61 -3.11 -6.03 0.84
N GLN A 62 -4.22 -5.44 0.44
CA GLN A 62 -4.54 -5.32 -0.98
C GLN A 62 -4.53 -3.85 -1.40
N LEU A 63 -3.56 -3.50 -2.22
CA LEU A 63 -3.42 -2.14 -2.70
C LEU A 63 -4.12 -2.01 -4.06
N LEU A 64 -4.59 -0.81 -4.34
CA LEU A 64 -5.27 -0.53 -5.60
C LEU A 64 -4.87 0.84 -6.10
N SER A 65 -4.68 1.76 -5.16
CA SER A 65 -4.29 3.12 -5.50
C SER A 65 -2.89 3.42 -4.96
N VAL A 66 -2.30 4.47 -5.49
CA VAL A 66 -0.98 4.88 -5.06
C VAL A 66 -0.95 6.38 -4.81
N ASP A 67 0.05 6.81 -4.05
CA ASP A 67 0.19 8.23 -3.73
C ASP A 67 0.36 9.02 -5.02
N GLY A 68 -0.47 10.06 -5.14
CA GLY A 68 -0.42 10.92 -6.32
C GLY A 68 -1.39 10.43 -7.38
N ARG A 69 -1.58 9.11 -7.42
CA ARG A 69 -2.48 8.51 -8.39
C ARG A 69 -3.32 7.42 -7.72
N SER A 70 -4.61 7.68 -7.62
CA SER A 70 -5.53 6.74 -7.02
C SER A 70 -5.85 5.61 -8.00
N LEU A 71 -4.80 5.04 -8.57
CA LEU A 71 -4.96 3.96 -9.52
C LEU A 71 -6.33 3.32 -9.34
N VAL A 72 -6.57 2.84 -8.13
CA VAL A 72 -7.84 2.20 -7.81
C VAL A 72 -7.75 0.70 -8.12
N GLY A 73 -6.64 0.34 -8.74
CA GLY A 73 -6.41 -1.06 -9.11
C GLY A 73 -5.55 -1.17 -10.36
N LEU A 74 -4.41 -0.48 -10.32
CA LEU A 74 -3.49 -0.49 -11.45
C LEU A 74 -2.20 -1.19 -11.03
N SER A 75 -1.33 -1.39 -12.01
CA SER A 75 -0.05 -2.04 -11.77
C SER A 75 0.88 -1.09 -11.03
N GLN A 76 1.84 -1.67 -10.32
CA GLN A 76 2.80 -0.89 -9.57
C GLN A 76 3.68 -0.08 -10.52
N GLU A 77 3.54 -0.37 -11.80
CA GLU A 77 4.32 0.32 -12.82
C GLU A 77 4.33 1.82 -12.54
N ARG A 78 3.21 2.46 -12.87
CA ARG A 78 3.09 3.90 -12.67
C ARG A 78 3.06 4.21 -11.17
N ALA A 79 2.38 3.36 -10.43
CA ALA A 79 2.28 3.54 -8.99
C ALA A 79 3.68 3.52 -8.37
N ALA A 80 4.16 2.32 -8.10
CA ALA A 80 5.47 2.15 -7.52
C ALA A 80 6.26 3.46 -7.66
N GLU A 81 6.61 3.77 -8.90
CA GLU A 81 7.36 4.98 -9.18
C GLU A 81 6.82 6.14 -8.36
N LEU A 82 5.62 6.57 -8.71
CA LEU A 82 4.98 7.67 -8.01
C LEU A 82 4.54 7.21 -6.62
N MET A 83 4.95 5.99 -6.29
CA MET A 83 4.60 5.42 -5.00
C MET A 83 5.85 5.26 -4.11
N THR A 84 7.00 5.51 -4.72
CA THR A 84 8.26 5.40 -4.02
C THR A 84 8.79 6.80 -3.65
N ARG A 85 8.89 7.63 -4.67
CA ARG A 85 9.37 8.99 -4.48
C ARG A 85 8.41 9.78 -3.58
N THR A 86 8.30 9.32 -2.35
CA THR A 86 7.42 9.97 -1.39
C THR A 86 8.12 11.16 -0.73
N SER A 87 9.29 10.88 -0.17
CA SER A 87 10.07 11.91 0.48
C SER A 87 9.35 12.39 1.75
N SER A 88 8.14 12.87 1.54
CA SER A 88 7.33 13.36 2.65
C SER A 88 6.58 12.21 3.31
N VAL A 89 5.51 11.79 2.66
CA VAL A 89 4.71 10.70 3.16
C VAL A 89 4.25 9.82 2.00
N VAL A 90 3.90 8.57 2.33
CA VAL A 90 3.45 7.63 1.33
C VAL A 90 1.97 7.35 1.53
N THR A 91 1.17 7.84 0.60
CA THR A 91 -0.27 7.64 0.67
C THR A 91 -0.73 6.65 -0.41
N LEU A 92 -1.04 5.45 0.03
CA LEU A 92 -1.49 4.41 -0.87
C LEU A 92 -2.82 3.84 -0.39
N GLU A 93 -3.59 3.33 -1.33
CA GLU A 93 -4.89 2.75 -1.01
C GLU A 93 -4.78 1.24 -0.85
N VAL A 94 -5.00 0.79 0.38
CA VAL A 94 -4.93 -0.64 0.67
C VAL A 94 -6.28 -1.12 1.20
N ALA A 95 -6.43 -2.43 1.27
CA ALA A 95 -7.67 -3.02 1.76
C ALA A 95 -7.33 -4.18 2.70
N LYS A 96 -8.07 -4.25 3.79
CA LYS A 96 -7.87 -5.31 4.77
C LYS A 96 -8.03 -6.66 4.10
N GLN A 97 -7.01 -7.50 4.24
CA GLN A 97 -7.03 -8.82 3.66
C GLN A 97 -5.71 -9.56 3.96
N GLY A 98 -5.67 -10.81 3.56
CA GLY A 98 -4.49 -11.63 3.78
C GLY A 98 -4.03 -12.30 2.48
N ALA A 99 -2.75 -12.61 2.43
CA ALA A 99 -2.17 -13.26 1.27
C ALA A 99 -0.75 -13.71 1.58
N ILE A 100 0.13 -12.74 1.78
CA ILE A 100 1.52 -13.02 2.08
C ILE A 100 2.16 -13.73 0.89
N TYR A 101 3.46 -13.47 0.72
CA TYR A 101 4.20 -14.07 -0.38
C TYR A 101 5.65 -14.32 0.02
N GLY A 1 -29.79 -15.47 7.38
CA GLY A 1 -29.12 -16.75 7.23
C GLY A 1 -28.01 -16.66 6.17
N PRO A 2 -27.81 -17.81 5.45
CA PRO A 2 -26.79 -17.87 4.43
C PRO A 2 -27.24 -17.12 3.17
N LEU A 3 -27.07 -15.81 3.20
CA LEU A 3 -27.44 -14.97 2.07
C LEU A 3 -26.25 -14.12 1.65
N GLY A 4 -25.84 -13.25 2.56
CA GLY A 4 -24.71 -12.37 2.29
C GLY A 4 -24.03 -11.93 3.60
N SER A 5 -22.74 -12.18 3.67
CA SER A 5 -21.97 -11.81 4.84
C SER A 5 -20.57 -11.34 4.44
N LEU A 6 -20.03 -10.43 5.24
CA LEU A 6 -18.71 -9.90 4.97
C LEU A 6 -18.73 -9.12 3.65
N ARG A 7 -17.68 -8.34 3.44
CA ARG A 7 -17.57 -7.54 2.23
C ARG A 7 -16.31 -6.67 2.28
N LYS A 8 -16.12 -6.04 3.43
CA LYS A 8 -14.96 -5.18 3.62
C LYS A 8 -14.80 -4.28 2.39
N GLU A 9 -13.67 -3.59 2.35
CA GLU A 9 -13.37 -2.70 1.25
C GLU A 9 -11.99 -2.07 1.42
N PRO A 10 -11.46 -1.52 0.30
CA PRO A 10 -10.15 -0.88 0.32
C PRO A 10 -10.21 0.48 0.99
N GLU A 11 -9.22 0.73 1.84
CA GLU A 11 -9.15 2.00 2.55
C GLU A 11 -7.88 2.76 2.17
N ILE A 12 -7.96 4.08 2.29
CA ILE A 12 -6.83 4.93 1.97
C ILE A 12 -5.95 5.10 3.20
N ILE A 13 -4.76 4.51 3.13
CA ILE A 13 -3.82 4.59 4.23
C ILE A 13 -2.78 5.66 3.93
N THR A 14 -2.42 6.41 4.97
CA THR A 14 -1.44 7.46 4.82
C THR A 14 -0.22 7.18 5.71
N VAL A 15 0.89 6.85 5.06
CA VAL A 15 2.11 6.55 5.76
C VAL A 15 3.09 7.73 5.59
N THR A 16 3.28 8.45 6.68
CA THR A 16 4.18 9.59 6.66
C THR A 16 5.57 9.18 7.16
N LEU A 17 6.57 9.94 6.72
CA LEU A 17 7.94 9.67 7.10
C LEU A 17 8.32 10.55 8.29
N LYS A 18 8.45 9.91 9.44
CA LYS A 18 8.81 10.61 10.66
C LYS A 18 10.33 10.56 10.86
N LYS A 19 10.87 9.36 10.72
CA LYS A 19 12.30 9.17 10.87
C LYS A 19 12.99 9.39 9.53
N GLN A 20 12.17 9.59 8.51
CA GLN A 20 12.68 9.82 7.17
C GLN A 20 13.66 8.70 6.78
N ASN A 21 13.30 7.48 7.18
CA ASN A 21 14.13 6.33 6.88
C ASN A 21 13.76 5.77 5.51
N GLY A 22 13.66 6.67 4.55
CA GLY A 22 13.31 6.29 3.19
C GLY A 22 11.84 5.86 3.11
N MET A 23 11.49 4.90 3.96
CA MET A 23 10.12 4.40 3.98
C MET A 23 10.07 3.01 4.63
N GLY A 24 10.60 2.04 3.90
CA GLY A 24 10.62 0.67 4.38
C GLY A 24 9.25 0.01 4.20
N LEU A 25 8.88 -0.19 2.95
CA LEU A 25 7.61 -0.81 2.63
C LEU A 25 7.83 -1.89 1.57
N SER A 26 6.86 -2.79 1.48
CA SER A 26 6.92 -3.87 0.52
C SER A 26 5.53 -4.16 -0.05
N ILE A 27 5.44 -4.06 -1.37
CA ILE A 27 4.18 -4.31 -2.05
C ILE A 27 4.42 -5.26 -3.22
N VAL A 28 3.32 -5.74 -3.78
CA VAL A 28 3.38 -6.65 -4.91
C VAL A 28 2.14 -6.49 -5.78
N ALA A 29 2.37 -6.35 -7.07
CA ALA A 29 1.28 -6.19 -8.02
C ALA A 29 1.20 -7.42 -8.93
N ALA A 30 -0.03 -7.82 -9.23
CA ALA A 30 -0.25 -8.97 -10.09
C ALA A 30 -1.03 -8.54 -11.33
N LYS A 31 -0.65 -9.10 -12.46
CA LYS A 31 -1.31 -8.77 -13.72
C LYS A 31 -1.83 -10.07 -14.35
N GLY A 32 -2.96 -9.94 -15.04
CA GLY A 32 -3.57 -11.08 -15.70
C GLY A 32 -3.84 -12.21 -14.69
N ALA A 33 -4.96 -12.09 -14.00
CA ALA A 33 -5.34 -13.08 -13.01
C ALA A 33 -6.82 -13.43 -13.19
N GLY A 34 -7.10 -14.73 -13.12
CA GLY A 34 -8.47 -15.19 -13.26
C GLY A 34 -9.28 -14.91 -12.01
N GLN A 35 -9.52 -13.63 -11.77
CA GLN A 35 -10.29 -13.21 -10.61
C GLN A 35 -10.51 -11.69 -10.64
N ASP A 36 -9.49 -10.99 -11.10
CA ASP A 36 -9.56 -9.54 -11.19
C ASP A 36 -8.48 -9.04 -12.15
N LYS A 37 -8.70 -7.83 -12.65
CA LYS A 37 -7.75 -7.23 -13.59
C LYS A 37 -6.80 -6.32 -12.82
N LEU A 38 -5.63 -6.86 -12.51
CA LEU A 38 -4.62 -6.11 -11.78
C LEU A 38 -5.00 -6.08 -10.30
N GLY A 39 -4.13 -6.66 -9.48
CA GLY A 39 -4.34 -6.70 -8.05
C GLY A 39 -3.05 -6.42 -7.29
N ILE A 40 -3.03 -5.28 -6.62
CA ILE A 40 -1.87 -4.88 -5.85
C ILE A 40 -2.06 -5.30 -4.39
N TYR A 41 -0.93 -5.59 -3.74
CA TYR A 41 -0.97 -6.01 -2.35
C TYR A 41 0.29 -5.54 -1.62
N VAL A 42 0.26 -5.69 -0.30
CA VAL A 42 1.38 -5.28 0.53
C VAL A 42 2.12 -6.54 1.02
N LYS A 43 3.40 -6.60 0.69
CA LYS A 43 4.23 -7.72 1.09
C LYS A 43 4.53 -7.62 2.59
N SER A 44 4.87 -6.41 3.01
CA SER A 44 5.18 -6.17 4.41
C SER A 44 6.08 -4.93 4.53
N VAL A 45 6.31 -4.54 5.78
CA VAL A 45 7.15 -3.38 6.05
C VAL A 45 8.59 -3.83 6.29
N VAL A 46 9.51 -3.08 5.70
CA VAL A 46 10.93 -3.39 5.84
C VAL A 46 11.22 -3.75 7.29
N LYS A 47 10.42 -3.18 8.18
CA LYS A 47 10.60 -3.44 9.60
C LYS A 47 11.69 -2.52 10.15
N GLY A 48 12.13 -1.60 9.30
CA GLY A 48 13.17 -0.66 9.69
C GLY A 48 13.03 0.65 8.93
N GLY A 49 11.78 1.03 8.68
CA GLY A 49 11.50 2.26 7.97
C GLY A 49 10.69 3.23 8.84
N ALA A 50 10.55 4.44 8.33
CA ALA A 50 9.81 5.47 9.04
C ALA A 50 8.32 5.14 9.00
N ALA A 51 7.83 4.93 7.78
CA ALA A 51 6.43 4.61 7.59
C ALA A 51 6.19 3.14 7.94
N ASP A 52 7.29 2.44 8.17
CA ASP A 52 7.22 1.03 8.52
C ASP A 52 6.87 0.89 10.01
N VAL A 53 7.66 1.57 10.82
CA VAL A 53 7.44 1.53 12.27
C VAL A 53 6.33 2.51 12.64
N ASP A 54 6.25 3.59 11.88
CA ASP A 54 5.24 4.60 12.13
C ASP A 54 3.91 4.14 11.54
N GLY A 55 3.96 3.74 10.27
CA GLY A 55 2.78 3.27 9.57
C GLY A 55 2.27 1.96 10.19
N ARG A 56 3.19 1.03 10.37
CA ARG A 56 2.86 -0.26 10.95
C ARG A 56 1.75 -0.92 10.13
N LEU A 57 1.92 -0.88 8.82
CA LEU A 57 0.94 -1.47 7.92
C LEU A 57 0.99 -3.00 8.05
N ALA A 58 -0.15 -3.62 7.78
CA ALA A 58 -0.24 -5.07 7.86
C ALA A 58 0.30 -5.69 6.58
N ALA A 59 0.91 -6.85 6.73
CA ALA A 59 1.48 -7.56 5.59
C ALA A 59 0.43 -8.47 4.97
N GLY A 60 0.08 -8.17 3.73
CA GLY A 60 -0.92 -8.94 3.01
C GLY A 60 -2.11 -8.07 2.61
N ASP A 61 -1.89 -6.77 2.67
CA ASP A 61 -2.94 -5.82 2.31
C ASP A 61 -3.13 -5.82 0.79
N GLN A 62 -4.22 -5.20 0.36
CA GLN A 62 -4.53 -5.12 -1.05
C GLN A 62 -4.54 -3.67 -1.52
N LEU A 63 -3.51 -3.29 -2.25
CA LEU A 63 -3.39 -1.94 -2.76
C LEU A 63 -4.22 -1.81 -4.04
N LEU A 64 -4.66 -0.59 -4.30
CA LEU A 64 -5.46 -0.31 -5.48
C LEU A 64 -5.10 1.07 -6.03
N SER A 65 -4.88 2.00 -5.11
CA SER A 65 -4.54 3.36 -5.49
C SER A 65 -3.16 3.72 -4.91
N VAL A 66 -2.63 4.85 -5.38
CA VAL A 66 -1.34 5.31 -4.92
C VAL A 66 -1.44 6.80 -4.55
N ASP A 67 -0.39 7.29 -3.90
CA ASP A 67 -0.35 8.68 -3.49
C ASP A 67 -0.19 9.56 -4.73
N GLY A 68 -1.08 10.55 -4.82
CA GLY A 68 -1.04 11.47 -5.94
C GLY A 68 -1.73 10.87 -7.17
N ARG A 69 -2.00 9.57 -7.08
CA ARG A 69 -2.64 8.87 -8.18
C ARG A 69 -3.46 7.69 -7.63
N SER A 70 -4.77 7.88 -7.62
CA SER A 70 -5.66 6.84 -7.13
C SER A 70 -5.85 5.75 -8.20
N LEU A 71 -4.87 4.87 -8.26
CA LEU A 71 -4.90 3.79 -9.23
C LEU A 71 -6.29 3.15 -9.23
N VAL A 72 -6.75 2.81 -8.03
CA VAL A 72 -8.06 2.20 -7.88
C VAL A 72 -7.96 0.70 -8.18
N GLY A 73 -6.78 0.30 -8.63
CA GLY A 73 -6.54 -1.10 -8.96
C GLY A 73 -5.70 -1.23 -10.23
N LEU A 74 -4.62 -0.47 -10.26
CA LEU A 74 -3.72 -0.49 -11.40
C LEU A 74 -2.40 -1.15 -11.00
N SER A 75 -1.53 -1.30 -11.99
CA SER A 75 -0.23 -1.93 -11.76
C SER A 75 0.65 -0.98 -10.94
N GLN A 76 1.54 -1.58 -10.15
CA GLN A 76 2.45 -0.82 -9.33
C GLN A 76 3.45 -0.06 -10.19
N GLU A 77 3.55 -0.49 -11.43
CA GLU A 77 4.47 0.13 -12.38
C GLU A 77 4.47 1.65 -12.18
N ARG A 78 3.42 2.29 -12.69
CA ARG A 78 3.29 3.73 -12.58
C ARG A 78 3.56 4.18 -11.14
N ALA A 79 2.66 3.80 -10.26
CA ALA A 79 2.78 4.16 -8.86
C ALA A 79 4.22 3.88 -8.39
N ALA A 80 4.44 2.64 -7.98
CA ALA A 80 5.76 2.25 -7.51
C ALA A 80 6.73 3.42 -7.63
N GLU A 81 7.25 3.59 -8.83
CA GLU A 81 8.19 4.67 -9.09
C GLU A 81 7.71 5.96 -8.41
N LEU A 82 6.61 6.49 -8.93
CA LEU A 82 6.05 7.72 -8.39
C LEU A 82 5.40 7.42 -7.04
N MET A 83 5.69 6.23 -6.53
CA MET A 83 5.14 5.81 -5.24
C MET A 83 6.26 5.57 -4.23
N THR A 84 7.48 5.49 -4.74
CA THR A 84 8.64 5.27 -3.89
C THR A 84 9.32 6.60 -3.55
N ARG A 85 9.73 7.30 -4.59
CA ARG A 85 10.39 8.58 -4.42
C ARG A 85 9.41 9.61 -3.86
N THR A 86 8.80 9.25 -2.74
CA THR A 86 7.84 10.13 -2.09
C THR A 86 8.54 11.06 -1.11
N SER A 87 9.31 10.45 -0.22
CA SER A 87 10.04 11.21 0.78
C SER A 87 9.08 11.74 1.85
N SER A 88 8.32 12.75 1.46
CA SER A 88 7.36 13.35 2.37
C SER A 88 6.51 12.27 3.03
N VAL A 89 5.37 11.99 2.39
CA VAL A 89 4.46 10.99 2.91
C VAL A 89 3.92 10.14 1.74
N VAL A 90 3.83 8.85 1.98
CA VAL A 90 3.33 7.93 0.96
C VAL A 90 1.89 7.53 1.30
N THR A 91 0.97 8.14 0.57
CA THR A 91 -0.44 7.86 0.79
C THR A 91 -0.96 6.91 -0.30
N LEU A 92 -1.14 5.66 0.08
CA LEU A 92 -1.64 4.65 -0.86
C LEU A 92 -2.96 4.10 -0.35
N GLU A 93 -3.68 3.43 -1.24
CA GLU A 93 -4.96 2.85 -0.90
C GLU A 93 -4.85 1.32 -0.84
N VAL A 94 -4.90 0.80 0.38
CA VAL A 94 -4.80 -0.62 0.59
C VAL A 94 -5.98 -1.10 1.46
N ALA A 95 -6.22 -2.39 1.41
CA ALA A 95 -7.31 -2.98 2.18
C ALA A 95 -6.76 -4.06 3.10
N LYS A 96 -7.16 -4.00 4.35
CA LYS A 96 -6.71 -4.97 5.34
C LYS A 96 -7.31 -6.35 5.01
N GLN A 97 -6.76 -7.37 5.64
CA GLN A 97 -7.22 -8.72 5.42
C GLN A 97 -7.02 -9.12 3.95
N GLY A 98 -6.44 -10.31 3.77
CA GLY A 98 -6.20 -10.81 2.43
C GLY A 98 -6.11 -12.34 2.43
N ALA A 99 -4.90 -12.83 2.19
CA ALA A 99 -4.67 -14.26 2.16
C ALA A 99 -3.23 -14.53 1.73
N ILE A 100 -2.91 -14.08 0.52
CA ILE A 100 -1.59 -14.26 -0.02
C ILE A 100 -0.55 -14.01 1.07
N TYR A 101 0.31 -14.99 1.27
CA TYR A 101 1.35 -14.89 2.27
C TYR A 101 1.96 -13.48 2.30
#